data_7YI0
#
_entry.id   7YI0
#
_cell.length_a   1.00
_cell.length_b   1.00
_cell.length_c   1.00
_cell.angle_alpha   90.00
_cell.angle_beta   90.00
_cell.angle_gamma   90.00
#
_symmetry.space_group_name_H-M   'P 1'
#
loop_
_entity.id
_entity.type
_entity.pdbx_description
1 polymer 'Transcriptional regulatory protein SIN3'
2 polymer 'Histone deacetylase RPD3'
3 polymer 'Chromatin modification-related protein EAF3'
4 polymer 'Transcriptional regulatory protein RCO1'
5 polymer 'Transcriptional regulatory protein RCO1'
6 non-polymer 'ZINC ION'
#
loop_
_entity_poly.entity_id
_entity_poly.type
_entity_poly.pdbx_seq_one_letter_code
_entity_poly.pdbx_strand_id
1 'polypeptide(L)'
;MSQVWHNSNSQSNDVATSNDATGSNERNEKEPSLQGNKPGFVQQQQRITLPSLSALSTKEEDRRDSNGQQALTSHAAHIL
GYPPPHSNAMPSIATDSALKQPHEYHPRPKSSSSSPSINASLMNAGPAPLPTVGAASFSLSRFDNPLPIKAPVHTEEPKS
YNGLQEEEKATQRPQDCKEVPAGVQPADAPDPSSNHADANDDNNNNENSHDEDADYRPLNVKDALSYLEQVKFQFSSRPD
IYNLFLDIMKDFKSQAIDTPGVIERVSTLFRGYPILIQGFNTFLPQGYRIECSSNPDDPIRVTTPMGTTTVNNNISPSGR
GTTDAQELGSFPESDGNGVQQPSNVPMVPSSVYQSEQNQDQQQSLPLLATSSGLPSIQQPEMPAHRQIPQSQSLVPQEDA
KKNVDVEFSQAISYVNKIKTRFADQPDIYKHFLEILQTYQREQKPINEVYAQVTHLFQNAPDLLEDFKKFLPDSSASANQ
QVQHAQQHAQQQHEAQMHAQAQAQAQAQAQVEQQKQQQQFLYPASGYYGHPSNRGIPQQNLPPIGSFSPPTNGSTVHEAY
QDQQHMQPPHFMPLPSIVQHGPNMVHQGIANENPPLSDLRTSLTEQYAPSSIQHQQQHPQSISPIANTQYGDIPVRPEID
LDPSIVPVVPEPTEPIENNISLNEEVTFFEKAKRYIGNKHLYTEFLKILNLYSQDILDLDDLVEKVDFYLGSNKELFTWF
KNFVGYQEKTKCIENIVHEKHRLDLDLCEAFGPSYKRLPKSDTFMPCSGRDDMCWEVLNDEWVGHPVWASEDSGFIAHRK
NQYEETLFKIEEERHEYDFYIESNLRTIQCLETIVNKIENMTENEKANFKLPPGLGHTSMTIYKKVIRKVYDKERGFEII
DALHEHPAVTAPVVLKRLKQKDEEWRRAQREWNKVWRELEQKVFFKSLDHLGLTFKQADKKLLTTKQLISEISSIKVDQT
NKKIHWLTPKPKSQLDFDFPDKNIFYDILCLADTFITHTTAYSNPDKERLKDLLKYFISLFFSISFEKIEESLYSHKQNV
SESSGSDDGSSIASRKRPYQQEMSLLDILHRSRYQKLKRSNDEDGKVPQLSEPPEEEPNTIEEEELIDEEAKNPWLTGNL
VEEANSQGIIQNRSIFNLFANTNIYIFFRHWTTIYERLLEIKQMNERVTKEINTRSTVTFAKDLDLLSSQLSEMGLDFVG
EDAYKQVLRLSRRLINGDLEHQWFEESLRQAYNNKAFKLYTIDKVTQSLVKHAHTLMTDAKTAEIMALFVKDRNASTTSA
KDQIIYRLQVRSHMSNTENMFRIEFDKRTLHVSIQYIALDDLTLKEPKADEDKWKYYVTSYALPHPTEGIPHEKLKIPFL
ERLIEFGQDIDGTEVDEEFSPEGISVSTLKIKIQPITYQLHIENGSYDVFTRKATNKYPTIANDNTQKGMVSQKKELISK
FLDCAVGLRNNLDEAQKLSMQKKWENLKDSIAKTSAGNQGIESETEKGKITKQEQSDNLDSSTASVLPASITTVPQDDNI
ETTGNTESSDKGAKIQ
;
A
2 'polypeptide(L)'
;MVYEATPFDPITVKPSDKRRVAYFYDADVGNYAYGAGHPMKPHRIRMAHSLIMNYGLYKKMEIYRAKPATKQEMCQFHTD
EYIDFLSRVTPDNLEMFKRESVKFNVGDDCPVFDGLYEYCSISGGGSMEGAARLNRGKCDVAVNYAGGLHHAKKSEASGF
CYLNDIVLGIIELLRYHPRVLYIDIDVHHGDGVEEAFYTTDRVMTCSFHKYGEFFPGTGELRDIGVGAGKNYAVNVPLRD
GIDDATYRSVFEPVIKKIMEWYQPSAVVLQCGGDSLSGDRLGCFNLSMEGHANCVNYVKSFGIPMMVVGGGGYTMRNVAR
TWCFETGLLNNVVLDKDLPYNEYYEYYGPDYKLSVRPSNMFNVNTPEYLDKVMTNIFANLENTKYAPSVQLNHTPRDAED
LGDVEEDSAEAKDTKGGSQYARDLHVEHDNEFY
;
B
3 'polypeptide(L)'
;MVDLEQEFALGGRCLAFHGPLMYEAKILKIWDPSSKMYTSIPNDKPGGSSQATKEIKPQKLGEDESIPEEIINGKCFFIH
YQGWKSSWDEWVGYDRIRAYNEENIAMKKRLANEAKEAKKSLLEQQKKKKLSTSLGGPSNGGKRKGDSRSNASISKSTSQ
SFLTSSVSGRKSGRSSANSLHPGSSLRSSSDQNGNDDRRRSSSLSPNMLHHIAGYPTPKISLQIPIKLKSVLVDDWEYVT
KDKKICRLPADVTVEMVLNKYEHEVSQELESPGSQSQLSEYCAGLKLYFDKCLGNMLLYRLERLQYDELLKKSSKDQKPL
VPIRIYGAIHLLRLISVLPELISSTTMDLQSCQLLIKQTEDFLVWLLMHVDEYFNDKDPNRSDDALYVNTSSQYEGVALG
M
;
C,E
4 'polypeptide(L)'
;MDTSKKDTTRSPSHSNSSSPSSSSLSSSSSKEKKRPKRLSSQNVNYDLKRRKIITSEGIERSFKNEHSNLAVEDNIPEEE
PKELLEKDSKGNIIKLNEPSTISEDSKVSVTGLPLNKGPSEKIKRESLWNYRKNLGGQSNNSEMTLVPSKRFTQVPKNFQ
DLNRNDLKTFLTENMTEESNIRSTIGWNGDIINRTRDREPESDRDNKKLSNIRTKIILSTNATYDSKSKLFGQNSIKSTS
NASEKIFRDKNNSTIDFENEDFCSACNQSGSFLCCDTCPKSFHFLCLDPPIDPNNLPKGDWHCNECKFKIFINNSMATLK
KIESNFIKQNNNVKIFAKLLFNIDSHNPKQFQLPNYIKETFPAVKTGSRGQYSDENDKIPLTDRQLFNTSYGQSITKLDS
YNPDTHIDSNSGKFLICYKCNQTRLGSWSHPENSRLIMTCDYCQTPWHLDCVPRASFKNLGSKWKCPLHSPTKVYKKIHH
CQEDNSVNYKVWKKQRLINKKNQLYYEPLQKIGYQNNGNIQIIPTTSHTDYDFNQDFKITQIDENSIKYDFFDKIYKSKM
VQKRKLFQFQESLIDKLVSNGSQNGNSEDNMVKDIASLIYFQVSNNDKSSNNKSASKSNNLRKLWDLKELTNVVVPNELD
SIQFNDFSSDEIKHLLYLKKIIESKPKEELLKFLNIENPENQSE
;
D
5 'polypeptide(L)'
;MDTSKKDTTRSPSHSNSSSPSSSSLSSSSSKEKKRPKRLSSQNVNYDLKRRKIITSEGIERSFKNEHSNLAVEDNIPEEE
PKELLEKDSKGNIIKLNEPSTISEDSKVSVTGLPLNKGPSEKIKRESLWNYRKNLGGQSNNSEMTLVPSKRFTQVPKNFQ
DLNRNDLKTFLTENMTEESNIRSTIGWNGDIINRTRDREPESDRDNKKLSNIRTKIILSTNATYDSKSKLFGQNSIKSTS
NASEKIFRDKNNSTIDFENEDFCSACNQSGSFLCCDTCPKSFHFLCLDPPIDPNNLPKGDWHCNECKFKIFINNSMATLK
KIESNFIKQNNNVKIFAKLLFNIDSHNPKQFQLPNYIKETFPAVKTGSRGQYSDENDKIPLTDRQLFNTSYGQSITKLDS
YNPDTHIDSNSGKFLICYKCNQTRLGSWSHPENSRLIMTCDYCQTPWHLDCVPRASFKNLGSKWKCPLHSPTKVYKKIHH
CQEDNSVNYKVWKKQRLINKKNQLYYEPLQKIGYQNNGNIQIIPTTSHTDYDFNQDFKITQIDENSIKYDFFDKIYKSKM
VQKRKLAQFQESLIDKLVSNGSQNGNSEDNMVKDIASLIYFQVSNNDKSSNNKSASKSNNLRKLWDLKELTNVVVPNELD
SIQFNDFSSDEIKHLLYLKKIIESKPKEELLKFLNIENPENQSE
;
F
#
loop_
_chem_comp.id
_chem_comp.type
_chem_comp.name
_chem_comp.formula
ZN non-polymer 'ZINC ION' 'Zn 2'
#
# COMPACT_ATOMS: atom_id res chain seq x y z
N GLU A 664 -19.13 9.95 34.24
CA GLU A 664 -18.52 8.91 33.42
C GLU A 664 -17.63 9.52 32.35
N GLU A 665 -17.89 10.78 32.02
CA GLU A 665 -17.06 11.48 31.03
C GLU A 665 -15.63 11.66 31.51
N VAL A 666 -15.39 11.67 32.83
CA VAL A 666 -14.05 11.90 33.34
C VAL A 666 -13.16 10.66 33.23
N THR A 667 -13.73 9.47 33.16
CA THR A 667 -12.96 8.24 33.18
C THR A 667 -12.78 7.62 31.80
N PHE A 668 -13.19 8.31 30.73
CA PHE A 668 -13.06 7.75 29.40
C PHE A 668 -11.59 7.56 29.01
N PHE A 669 -10.75 8.54 29.34
CA PHE A 669 -9.35 8.50 28.90
C PHE A 669 -8.61 7.34 29.53
N GLU A 670 -8.80 7.11 30.84
CA GLU A 670 -8.12 6.00 31.48
C GLU A 670 -8.69 4.66 31.00
N LYS A 671 -9.99 4.62 30.68
CA LYS A 671 -10.56 3.41 30.09
C LYS A 671 -9.89 3.09 28.76
N ALA A 672 -9.73 4.09 27.91
CA ALA A 672 -9.06 3.87 26.63
C ALA A 672 -7.59 3.48 26.83
N LYS A 673 -6.94 4.10 27.81
CA LYS A 673 -5.54 3.76 28.09
C LYS A 673 -5.41 2.30 28.50
N ARG A 674 -6.31 1.83 29.37
CA ARG A 674 -6.26 0.43 29.77
C ARG A 674 -6.59 -0.50 28.61
N TYR A 675 -7.59 -0.15 27.80
CA TYR A 675 -8.01 -1.06 26.73
C TYR A 675 -6.94 -1.19 25.66
N ILE A 676 -6.31 -0.08 25.26
CA ILE A 676 -5.29 -0.14 24.22
C ILE A 676 -4.10 -0.98 24.69
N GLY A 677 -3.67 -0.78 25.94
CA GLY A 677 -2.65 -1.63 26.53
C GLY A 677 -1.23 -1.36 26.10
N ASN A 678 -0.99 -0.28 25.36
CA ASN A 678 0.36 0.08 24.95
C ASN A 678 0.51 1.59 25.00
N LYS A 679 1.75 2.04 25.22
CA LYS A 679 2.04 3.47 25.30
C LYS A 679 2.27 4.08 23.93
N HIS A 680 2.98 3.38 23.04
CA HIS A 680 3.24 3.91 21.71
C HIS A 680 1.96 4.05 20.89
N LEU A 681 0.91 3.30 21.22
CA LEU A 681 -0.37 3.44 20.54
C LEU A 681 -1.25 4.48 21.19
N TYR A 682 -1.20 4.59 22.53
CA TYR A 682 -1.92 5.65 23.21
C TYR A 682 -1.39 7.03 22.81
N THR A 683 -0.09 7.12 22.52
CA THR A 683 0.46 8.38 22.03
C THR A 683 -0.16 8.78 20.70
N GLU A 684 -0.29 7.82 19.77
CA GLU A 684 -0.91 8.13 18.49
C GLU A 684 -2.39 8.45 18.65
N PHE A 685 -3.06 7.78 19.60
CA PHE A 685 -4.45 8.10 19.88
C PHE A 685 -4.59 9.55 20.36
N LEU A 686 -3.70 9.98 21.26
CA LEU A 686 -3.73 11.37 21.72
C LEU A 686 -3.39 12.34 20.60
N LYS A 687 -2.48 11.96 19.72
CA LYS A 687 -2.15 12.82 18.58
C LYS A 687 -3.36 12.99 17.66
N ILE A 688 -4.11 11.92 17.42
CA ILE A 688 -5.32 12.02 16.60
C ILE A 688 -6.35 12.91 17.27
N LEU A 689 -6.54 12.74 18.58
CA LEU A 689 -7.49 13.59 19.30
C LEU A 689 -7.06 15.06 19.22
N ASN A 690 -5.77 15.33 19.35
CA ASN A 690 -5.27 16.71 19.24
C ASN A 690 -5.52 17.26 17.84
N LEU A 691 -5.27 16.45 16.81
CA LEU A 691 -5.53 16.89 15.44
C LEU A 691 -6.99 17.27 15.27
N TYR A 692 -7.90 16.50 15.87
CA TYR A 692 -9.30 16.88 15.82
C TYR A 692 -9.55 18.18 16.57
N SER A 693 -8.89 18.37 17.72
CA SER A 693 -9.12 19.54 18.55
C SER A 693 -8.62 20.84 17.92
N GLN A 694 -7.82 20.77 16.86
CA GLN A 694 -7.32 21.95 16.16
C GLN A 694 -8.03 22.18 14.84
N ASP A 695 -9.21 21.59 14.65
CA ASP A 695 -10.01 21.77 13.44
C ASP A 695 -9.27 21.34 12.18
N ILE A 696 -8.38 20.36 12.30
CA ILE A 696 -7.70 19.79 11.15
C ILE A 696 -8.36 18.49 10.69
N LEU A 697 -9.10 17.82 11.55
CA LEU A 697 -9.81 16.60 11.21
C LEU A 697 -11.31 16.80 11.41
N ASP A 698 -12.09 16.44 10.40
CA ASP A 698 -13.53 16.38 10.58
C ASP A 698 -13.90 15.14 11.37
N LEU A 699 -15.17 15.08 11.78
CA LEU A 699 -15.60 14.03 12.71
C LEU A 699 -15.51 12.64 12.10
N ASP A 700 -15.66 12.53 10.77
CA ASP A 700 -15.69 11.21 10.15
C ASP A 700 -14.35 10.49 10.30
N ASP A 701 -13.25 11.19 10.04
CA ASP A 701 -11.94 10.57 10.20
C ASP A 701 -11.65 10.24 11.65
N LEU A 702 -12.08 11.11 12.57
CA LEU A 702 -11.91 10.80 13.99
C LEU A 702 -12.64 9.53 14.36
N VAL A 703 -13.88 9.37 13.89
CA VAL A 703 -14.65 8.18 14.23
C VAL A 703 -14.05 6.94 13.58
N GLU A 704 -13.53 7.05 12.35
CA GLU A 704 -12.93 5.87 11.74
C GLU A 704 -11.64 5.47 12.45
N LYS A 705 -10.85 6.46 12.90
CA LYS A 705 -9.64 6.14 13.64
C LYS A 705 -9.96 5.50 14.99
N VAL A 706 -10.94 6.05 15.71
CA VAL A 706 -11.33 5.43 16.98
C VAL A 706 -12.02 4.10 16.76
N ASP A 707 -12.58 3.86 15.57
CA ASP A 707 -13.03 2.52 15.22
C ASP A 707 -11.85 1.57 15.08
N PHE A 708 -10.78 2.03 14.44
CA PHE A 708 -9.60 1.19 14.30
C PHE A 708 -8.93 0.94 15.64
N TYR A 709 -9.10 1.84 16.61
CA TYR A 709 -8.47 1.71 17.92
C TYR A 709 -9.33 0.91 18.90
N LEU A 710 -10.55 1.40 19.18
CA LEU A 710 -11.43 0.79 20.17
C LEU A 710 -12.64 0.12 19.54
N GLY A 711 -12.59 -0.22 18.25
CA GLY A 711 -13.75 -0.77 17.59
C GLY A 711 -14.06 -2.20 17.97
N SER A 712 -13.05 -2.97 18.41
CA SER A 712 -13.30 -4.31 18.89
C SER A 712 -14.17 -4.30 20.13
N ASN A 713 -14.02 -3.29 20.98
CA ASN A 713 -14.92 -3.08 22.10
C ASN A 713 -16.22 -2.46 21.60
N LYS A 714 -17.34 -2.93 22.15
CA LYS A 714 -18.65 -2.51 21.67
C LYS A 714 -19.29 -1.40 22.50
N GLU A 715 -19.02 -1.36 23.80
CA GLU A 715 -19.64 -0.36 24.66
C GLU A 715 -18.91 0.97 24.60
N LEU A 716 -17.57 0.93 24.67
CA LEU A 716 -16.80 2.16 24.68
C LEU A 716 -16.95 2.92 23.37
N PHE A 717 -16.95 2.22 22.24
CA PHE A 717 -17.07 2.89 20.96
C PHE A 717 -18.44 3.56 20.80
N THR A 718 -19.51 2.86 21.20
CA THR A 718 -20.84 3.46 21.14
C THR A 718 -20.95 4.66 22.08
N TRP A 719 -20.38 4.55 23.27
CA TRP A 719 -20.37 5.68 24.20
C TRP A 719 -19.65 6.88 23.59
N PHE A 720 -18.50 6.64 22.97
CA PHE A 720 -17.74 7.72 22.33
C PHE A 720 -18.53 8.36 21.19
N LYS A 721 -19.18 7.53 20.37
CA LYS A 721 -19.94 8.05 19.24
C LYS A 721 -21.12 8.88 19.72
N ASN A 722 -21.81 8.42 20.77
CA ASN A 722 -22.93 9.20 21.31
C ASN A 722 -22.46 10.42 22.09
N PHE A 723 -21.20 10.44 22.55
CA PHE A 723 -20.68 11.60 23.24
C PHE A 723 -20.30 12.71 22.26
N VAL A 724 -19.46 12.39 21.27
CA VAL A 724 -19.06 13.40 20.31
C VAL A 724 -20.21 13.80 19.40
N GLY A 725 -21.27 12.99 19.33
CA GLY A 725 -22.41 13.31 18.49
C GLY A 725 -22.17 12.98 17.02
N TYR A 726 -21.89 11.71 16.74
CA TYR A 726 -21.58 11.30 15.38
C TYR A 726 -22.83 11.14 14.51
N GLN A 727 -24.01 11.01 15.12
CA GLN A 727 -25.26 10.81 14.39
C GLN A 727 -25.19 9.58 13.49
N GLU A 749 -17.39 12.22 -3.70
CA GLU A 749 -16.38 11.50 -4.47
C GLU A 749 -15.37 10.81 -3.56
N ALA A 750 -15.06 9.54 -3.87
CA ALA A 750 -14.09 8.75 -3.13
C ALA A 750 -13.10 8.19 -4.13
N PHE A 751 -11.96 8.87 -4.28
CA PHE A 751 -10.98 8.48 -5.28
C PHE A 751 -10.33 7.15 -4.92
N GLY A 752 -9.99 6.38 -5.95
CA GLY A 752 -9.31 5.12 -5.78
C GLY A 752 -7.81 5.29 -5.75
N PRO A 753 -7.11 4.27 -5.24
CA PRO A 753 -5.64 4.36 -5.12
C PRO A 753 -4.89 4.11 -6.42
N SER A 754 -5.56 3.75 -7.51
CA SER A 754 -4.88 3.32 -8.73
C SER A 754 -5.26 4.15 -9.95
N TYR A 755 -5.65 5.41 -9.75
CA TYR A 755 -6.01 6.26 -10.86
C TYR A 755 -5.48 7.67 -10.63
N LYS A 756 -4.89 8.25 -11.66
CA LYS A 756 -4.42 9.63 -11.69
C LYS A 756 -5.31 10.45 -12.61
N ARG A 757 -5.17 11.77 -12.54
CA ARG A 757 -5.88 12.68 -13.44
C ARG A 757 -4.85 13.41 -14.29
N LEU A 758 -4.98 13.26 -15.60
CA LEU A 758 -4.09 13.95 -16.52
C LEU A 758 -4.58 15.38 -16.75
N PRO A 759 -3.67 16.30 -17.07
CA PRO A 759 -4.10 17.66 -17.43
C PRO A 759 -4.91 17.66 -18.71
N LYS A 760 -5.85 18.61 -18.79
CA LYS A 760 -6.72 18.69 -19.95
C LYS A 760 -5.96 18.98 -21.24
N SER A 761 -4.75 19.52 -21.14
CA SER A 761 -3.95 19.76 -22.33
C SER A 761 -3.58 18.46 -23.03
N ASP A 762 -3.27 17.42 -22.26
CA ASP A 762 -2.88 16.12 -22.80
C ASP A 762 -4.07 15.21 -23.06
N THR A 763 -5.27 15.77 -23.23
CA THR A 763 -6.47 14.98 -23.40
C THR A 763 -6.95 14.89 -24.85
N PHE A 764 -6.97 16.02 -25.56
CA PHE A 764 -7.47 16.02 -26.93
C PHE A 764 -6.41 15.48 -27.87
N MET A 765 -6.53 14.20 -28.22
CA MET A 765 -5.69 13.56 -29.22
C MET A 765 -6.59 13.07 -30.35
N PRO A 766 -6.26 13.35 -31.62
CA PRO A 766 -7.20 13.08 -32.70
C PRO A 766 -7.55 11.61 -32.87
N CYS A 767 -8.81 11.27 -32.63
CA CYS A 767 -9.38 9.97 -32.94
C CYS A 767 -10.34 10.18 -34.10
N SER A 768 -9.91 9.78 -35.31
CA SER A 768 -10.64 10.13 -36.52
C SER A 768 -12.04 9.51 -36.53
N GLY A 769 -12.17 8.26 -36.11
CA GLY A 769 -13.44 7.58 -36.15
C GLY A 769 -14.34 7.80 -34.96
N ARG A 770 -13.95 8.66 -34.02
CA ARG A 770 -14.74 8.88 -32.83
C ARG A 770 -15.95 9.76 -33.13
N ASP A 771 -17.05 9.49 -32.42
CA ASP A 771 -18.31 10.17 -32.65
C ASP A 771 -18.77 10.85 -31.36
N ASP A 772 -19.96 11.48 -31.43
CA ASP A 772 -20.48 12.21 -30.28
C ASP A 772 -20.74 11.28 -29.10
N MET A 773 -21.38 10.13 -29.37
CA MET A 773 -21.61 9.15 -28.30
C MET A 773 -20.29 8.59 -27.79
N CYS A 774 -19.34 8.34 -28.69
CA CYS A 774 -18.03 7.84 -28.27
C CYS A 774 -17.31 8.85 -27.39
N TRP A 775 -17.36 10.13 -27.76
CA TRP A 775 -16.78 11.17 -26.90
C TRP A 775 -17.53 11.26 -25.58
N GLU A 776 -18.82 10.95 -25.58
CA GLU A 776 -19.63 11.09 -24.38
C GLU A 776 -19.34 9.98 -23.37
N VAL A 777 -19.14 8.75 -23.84
CA VAL A 777 -19.01 7.62 -22.92
C VAL A 777 -17.57 7.24 -22.60
N LEU A 778 -16.62 7.57 -23.46
CA LEU A 778 -15.24 7.15 -23.24
C LEU A 778 -14.52 8.08 -22.28
N ASN A 779 -13.60 7.50 -21.51
CA ASN A 779 -12.88 8.21 -20.45
C ASN A 779 -11.50 8.58 -20.94
N ASP A 780 -11.17 9.88 -20.87
CA ASP A 780 -9.90 10.38 -21.37
C ASP A 780 -9.03 11.03 -20.29
N GLU A 781 -9.57 11.28 -19.10
CA GLU A 781 -8.84 11.99 -18.06
C GLU A 781 -8.09 11.06 -17.12
N TRP A 782 -8.79 10.11 -16.51
CA TRP A 782 -8.22 9.26 -15.47
C TRP A 782 -7.52 8.05 -16.08
N VAL A 783 -6.29 7.79 -15.63
CA VAL A 783 -5.44 6.74 -16.16
C VAL A 783 -4.86 5.95 -15.00
N GLY A 784 -4.64 4.64 -15.21
CA GLY A 784 -4.18 3.79 -14.13
C GLY A 784 -2.78 3.19 -14.25
N HIS A 785 -2.40 2.69 -15.44
CA HIS A 785 -1.05 2.24 -15.78
C HIS A 785 -0.36 1.38 -14.71
N PRO A 786 -0.60 0.07 -14.72
CA PRO A 786 -0.08 -0.83 -13.66
C PRO A 786 1.31 -0.52 -13.12
N VAL A 787 2.21 0.04 -13.94
CA VAL A 787 3.56 0.34 -13.46
C VAL A 787 3.51 1.26 -12.25
N TRP A 788 2.67 2.30 -12.31
CA TRP A 788 2.47 3.14 -11.12
C TRP A 788 1.83 2.33 -9.99
N ALA A 789 0.90 1.44 -10.33
CA ALA A 789 0.26 0.60 -9.33
C ALA A 789 1.19 -0.45 -8.76
N SER A 790 2.34 -0.69 -9.39
CA SER A 790 3.34 -1.62 -8.87
C SER A 790 4.36 -0.95 -7.96
N GLU A 791 4.21 0.35 -7.69
CA GLU A 791 5.13 1.11 -6.85
C GLU A 791 6.56 1.07 -7.42
N ASP A 792 6.67 0.96 -8.74
CA ASP A 792 7.94 0.97 -9.46
C ASP A 792 8.85 -0.19 -9.05
N SER A 793 8.28 -1.26 -8.49
CA SER A 793 9.07 -2.41 -8.05
C SER A 793 8.99 -3.57 -9.03
N GLY A 794 7.79 -4.06 -9.31
CA GLY A 794 7.58 -5.18 -10.19
C GLY A 794 6.51 -6.09 -9.64
N PHE A 795 6.41 -7.28 -10.22
CA PHE A 795 5.40 -8.27 -9.84
C PHE A 795 6.06 -9.59 -9.51
N ILE A 796 5.43 -10.33 -8.60
CA ILE A 796 5.90 -11.66 -8.22
C ILE A 796 5.24 -12.70 -9.12
N ALA A 797 6.04 -13.57 -9.71
CA ALA A 797 5.54 -14.64 -10.55
C ALA A 797 5.25 -15.88 -9.72
N HIS A 798 4.30 -16.69 -10.20
CA HIS A 798 3.90 -17.88 -9.49
C HIS A 798 4.94 -18.99 -9.68
N ARG A 799 5.30 -19.65 -8.59
CA ARG A 799 6.27 -20.73 -8.64
C ARG A 799 5.69 -21.95 -9.35
N LYS A 800 6.52 -22.58 -10.19
CA LYS A 800 6.12 -23.74 -10.98
C LYS A 800 7.13 -24.86 -10.79
N ASN A 801 6.63 -26.09 -10.64
CA ASN A 801 7.52 -27.23 -10.46
C ASN A 801 8.05 -27.70 -11.81
N GLN A 802 9.02 -28.62 -11.75
CA GLN A 802 9.75 -29.02 -12.95
C GLN A 802 8.88 -29.80 -13.93
N TYR A 803 7.94 -30.60 -13.42
CA TYR A 803 7.06 -31.35 -14.31
C TYR A 803 6.18 -30.44 -15.15
N GLU A 804 5.69 -29.35 -14.55
CA GLU A 804 4.97 -28.35 -15.33
C GLU A 804 5.85 -27.73 -16.40
N GLU A 805 7.13 -27.50 -16.08
CA GLU A 805 8.05 -26.95 -17.07
C GLU A 805 8.25 -27.92 -18.23
N THR A 806 8.36 -29.22 -17.93
CA THR A 806 8.49 -30.22 -18.99
C THR A 806 7.24 -30.24 -19.86
N LEU A 807 6.06 -30.14 -19.23
CA LEU A 807 4.82 -30.08 -20.00
C LEU A 807 4.80 -28.86 -20.91
N PHE A 808 5.24 -27.71 -20.39
CA PHE A 808 5.29 -26.50 -21.20
C PHE A 808 6.25 -26.65 -22.38
N LYS A 809 7.40 -27.28 -22.15
CA LYS A 809 8.35 -27.49 -23.24
C LYS A 809 7.77 -28.40 -24.32
N ILE A 810 7.11 -29.49 -23.91
CA ILE A 810 6.47 -30.39 -24.87
C ILE A 810 5.42 -29.64 -25.68
N GLU A 811 4.59 -28.84 -25.00
CA GLU A 811 3.57 -28.08 -25.70
C GLU A 811 4.19 -27.08 -26.67
N GLU A 812 5.30 -26.45 -26.27
CA GLU A 812 5.95 -25.48 -27.14
C GLU A 812 6.46 -26.15 -28.42
N GLU A 813 7.10 -27.31 -28.28
CA GLU A 813 7.59 -28.01 -29.46
C GLU A 813 6.43 -28.47 -30.36
N ARG A 814 5.37 -29.00 -29.75
CA ARG A 814 4.19 -29.38 -30.51
C ARG A 814 3.64 -28.19 -31.29
N HIS A 815 3.54 -27.03 -30.63
CA HIS A 815 2.99 -25.85 -31.27
C HIS A 815 3.87 -25.40 -32.43
N GLU A 816 5.19 -25.43 -32.25
CA GLU A 816 6.07 -25.02 -33.34
C GLU A 816 5.88 -25.92 -34.56
N TYR A 817 5.90 -27.24 -34.36
CA TYR A 817 5.73 -28.16 -35.48
C TYR A 817 4.38 -27.95 -36.16
N ASP A 818 3.31 -27.86 -35.37
CA ASP A 818 1.98 -27.71 -35.95
C ASP A 818 1.84 -26.38 -36.68
N PHE A 819 2.36 -25.29 -36.11
CA PHE A 819 2.27 -23.99 -36.76
C PHE A 819 2.96 -24.00 -38.11
N TYR A 820 4.20 -24.52 -38.15
CA TYR A 820 4.91 -24.56 -39.43
C TYR A 820 4.20 -25.44 -40.44
N ILE A 821 3.73 -26.62 -40.02
CA ILE A 821 3.09 -27.55 -40.94
C ILE A 821 1.80 -26.96 -41.49
N GLU A 822 0.97 -26.37 -40.62
CA GLU A 822 -0.29 -25.80 -41.07
C GLU A 822 -0.09 -24.60 -41.98
N SER A 823 0.89 -23.75 -41.68
CA SER A 823 1.16 -22.61 -42.55
C SER A 823 1.60 -23.08 -43.93
N ASN A 824 2.50 -24.06 -43.97
CA ASN A 824 2.93 -24.62 -45.25
C ASN A 824 1.76 -25.24 -45.99
N LEU A 825 0.88 -25.95 -45.28
CA LEU A 825 -0.26 -26.60 -45.92
C LEU A 825 -1.22 -25.58 -46.51
N ARG A 826 -1.48 -24.48 -45.79
CA ARG A 826 -2.36 -23.45 -46.31
C ARG A 826 -1.76 -22.78 -47.55
N THR A 827 -0.45 -22.49 -47.51
CA THR A 827 0.19 -21.93 -48.69
C THR A 827 0.14 -22.90 -49.87
N ILE A 828 0.30 -24.20 -49.58
CA ILE A 828 0.21 -25.22 -50.63
C ILE A 828 -1.18 -25.23 -51.23
N GLN A 829 -2.22 -25.17 -50.39
CA GLN A 829 -3.58 -25.19 -50.89
C GLN A 829 -3.87 -23.98 -51.77
N CYS A 830 -3.43 -22.80 -51.33
CA CYS A 830 -3.62 -21.61 -52.16
C CYS A 830 -2.88 -21.72 -53.48
N LEU A 831 -1.66 -22.26 -53.44
CA LEU A 831 -0.88 -22.42 -54.67
C LEU A 831 -1.54 -23.40 -55.63
N GLU A 832 -2.08 -24.51 -55.10
CA GLU A 832 -2.80 -25.45 -55.96
C GLU A 832 -4.04 -24.80 -56.56
N THR A 833 -4.77 -24.01 -55.76
CA THR A 833 -5.92 -23.29 -56.30
C THR A 833 -5.51 -22.34 -57.41
N ILE A 834 -4.34 -21.71 -57.28
CA ILE A 834 -3.85 -20.82 -58.33
C ILE A 834 -3.48 -21.59 -59.59
N VAL A 835 -2.70 -22.67 -59.43
CA VAL A 835 -2.15 -23.37 -60.58
C VAL A 835 -3.23 -24.13 -61.35
N ASN A 836 -4.10 -24.85 -60.62
CA ASN A 836 -5.02 -25.76 -61.30
C ASN A 836 -6.00 -25.00 -62.20
N LYS A 837 -6.50 -23.86 -61.74
CA LYS A 837 -7.39 -23.04 -62.55
C LYS A 837 -7.07 -21.55 -62.35
N SER A 859 -4.15 -12.63 -44.97
CA SER A 859 -4.20 -13.24 -46.28
C SER A 859 -3.11 -12.69 -47.19
N MET A 860 -2.17 -11.95 -46.60
CA MET A 860 -1.07 -11.35 -47.34
C MET A 860 0.29 -11.87 -46.91
N THR A 861 0.60 -11.82 -45.61
CA THR A 861 1.93 -12.17 -45.13
C THR A 861 2.17 -13.66 -45.01
N ILE A 862 1.11 -14.49 -45.08
CA ILE A 862 1.26 -15.92 -44.80
C ILE A 862 2.15 -16.58 -45.85
N TYR A 863 1.83 -16.39 -47.13
CA TYR A 863 2.62 -17.05 -48.17
C TYR A 863 4.01 -16.47 -48.24
N LYS A 864 4.15 -15.15 -48.03
CA LYS A 864 5.46 -14.52 -48.05
C LYS A 864 6.36 -15.11 -46.96
N LYS A 865 5.84 -15.22 -45.74
CA LYS A 865 6.66 -15.79 -44.66
C LYS A 865 6.94 -17.27 -44.90
N VAL A 866 6.01 -17.98 -45.53
CA VAL A 866 6.26 -19.39 -45.83
C VAL A 866 7.44 -19.54 -46.77
N ILE A 867 7.41 -18.81 -47.90
CA ILE A 867 8.51 -19.00 -48.86
C ILE A 867 9.78 -18.30 -48.40
N ARG A 868 9.69 -17.39 -47.44
CA ARG A 868 10.90 -16.84 -46.83
C ARG A 868 11.52 -17.82 -45.85
N LYS A 869 10.69 -18.62 -45.17
CA LYS A 869 11.23 -19.65 -44.28
C LYS A 869 11.84 -20.80 -45.07
N VAL A 870 11.17 -21.22 -46.16
CA VAL A 870 11.71 -22.32 -46.95
C VAL A 870 13.04 -21.93 -47.59
N TYR A 871 13.13 -20.72 -48.13
CA TYR A 871 14.36 -20.23 -48.75
C TYR A 871 15.04 -19.28 -47.77
N ASP A 872 16.04 -19.80 -47.04
CA ASP A 872 16.79 -19.02 -46.07
C ASP A 872 18.06 -18.41 -46.67
N LYS A 873 18.27 -18.55 -47.97
CA LYS A 873 19.45 -18.04 -48.65
C LYS A 873 19.38 -16.53 -48.88
N GLU A 874 18.32 -15.86 -48.39
CA GLU A 874 18.02 -14.45 -48.60
C GLU A 874 17.62 -14.17 -50.05
N ARG A 875 17.65 -15.18 -50.92
CA ARG A 875 17.17 -15.06 -52.29
C ARG A 875 15.65 -15.17 -52.38
N GLY A 876 14.98 -15.46 -51.26
CA GLY A 876 13.55 -15.70 -51.28
C GLY A 876 12.74 -14.51 -51.75
N PHE A 877 13.20 -13.29 -51.48
CA PHE A 877 12.47 -12.10 -51.91
C PHE A 877 12.35 -12.05 -53.42
N GLU A 878 13.43 -12.40 -54.13
CA GLU A 878 13.36 -12.50 -55.58
C GLU A 878 12.36 -13.56 -56.01
N ILE A 879 12.22 -14.64 -55.23
CA ILE A 879 11.25 -15.68 -55.55
C ILE A 879 9.83 -15.16 -55.37
N ILE A 880 9.60 -14.35 -54.34
CA ILE A 880 8.28 -13.73 -54.17
C ILE A 880 7.98 -12.80 -55.34
N ASP A 881 8.97 -12.01 -55.75
CA ASP A 881 8.79 -11.11 -56.89
C ASP A 881 8.47 -11.90 -58.15
N ALA A 882 9.17 -13.01 -58.37
CA ALA A 882 8.88 -13.87 -59.52
C ALA A 882 7.49 -14.48 -59.42
N LEU A 883 7.06 -14.83 -58.21
CA LEU A 883 5.71 -15.34 -58.02
C LEU A 883 4.66 -14.29 -58.36
N HIS A 884 4.97 -13.01 -58.12
CA HIS A 884 4.07 -11.94 -58.50
C HIS A 884 4.07 -11.66 -60.01
N GLU A 885 5.00 -12.26 -60.76
CA GLU A 885 5.03 -12.08 -62.20
C GLU A 885 4.71 -13.38 -62.93
N THR A 890 6.58 -19.63 -61.94
CA THR A 890 7.41 -20.37 -61.01
C THR A 890 6.54 -21.08 -59.96
N ALA A 891 5.24 -21.07 -60.18
CA ALA A 891 4.31 -21.69 -59.24
C ALA A 891 4.55 -23.19 -59.06
N PRO A 892 4.75 -23.99 -60.12
CA PRO A 892 5.08 -25.42 -59.88
C PRO A 892 6.34 -25.63 -59.07
N VAL A 893 7.33 -24.75 -59.21
CA VAL A 893 8.58 -24.90 -58.48
C VAL A 893 8.34 -24.81 -56.97
N VAL A 894 7.66 -23.74 -56.54
CA VAL A 894 7.35 -23.59 -55.13
C VAL A 894 6.39 -24.67 -54.67
N LEU A 895 5.47 -25.09 -55.55
CA LEU A 895 4.56 -26.19 -55.20
C LEU A 895 5.34 -27.45 -54.82
N LYS A 896 6.27 -27.87 -55.68
CA LYS A 896 6.97 -29.12 -55.42
C LYS A 896 7.98 -28.98 -54.29
N ARG A 897 8.51 -27.78 -54.07
CA ARG A 897 9.38 -27.57 -52.92
C ARG A 897 8.58 -27.68 -51.61
N LEU A 898 7.43 -27.02 -51.57
CA LEU A 898 6.62 -26.99 -50.35
C LEU A 898 6.06 -28.37 -50.03
N LYS A 899 5.66 -29.14 -51.04
CA LYS A 899 5.10 -30.46 -50.76
C LYS A 899 6.14 -31.38 -50.12
N GLN A 900 7.38 -31.33 -50.62
CA GLN A 900 8.45 -32.12 -50.02
C GLN A 900 8.73 -31.66 -48.59
N LYS A 901 8.75 -30.33 -48.37
CA LYS A 901 8.94 -29.84 -47.00
C LYS A 901 7.85 -30.36 -46.07
N ASP A 902 6.60 -30.33 -46.55
CA ASP A 902 5.48 -30.81 -45.74
C ASP A 902 5.64 -32.29 -45.40
N GLU A 903 6.05 -33.10 -46.39
CA GLU A 903 6.20 -34.53 -46.14
C GLU A 903 7.27 -34.81 -45.09
N GLU A 904 8.45 -34.21 -45.24
CA GLU A 904 9.51 -34.49 -44.28
C GLU A 904 9.15 -33.97 -42.90
N TRP A 905 8.53 -32.78 -42.82
CA TRP A 905 8.12 -32.24 -41.53
C TRP A 905 7.07 -33.14 -40.88
N ARG A 906 6.16 -33.71 -41.67
CA ARG A 906 5.15 -34.60 -41.11
C ARG A 906 5.78 -35.87 -40.54
N ARG A 907 6.77 -36.44 -41.25
CA ARG A 907 7.44 -37.62 -40.72
C ARG A 907 8.14 -37.31 -39.39
N ALA A 908 8.88 -36.19 -39.36
CA ALA A 908 9.53 -35.78 -38.12
C ALA A 908 8.50 -35.56 -37.02
N GLN A 909 7.33 -35.03 -37.37
CA GLN A 909 6.28 -34.81 -36.39
C GLN A 909 5.77 -36.12 -35.83
N ARG A 910 5.63 -37.15 -36.66
CA ARG A 910 5.19 -38.45 -36.15
C ARG A 910 6.17 -39.00 -35.13
N GLU A 911 7.47 -38.99 -35.46
CA GLU A 911 8.46 -39.51 -34.52
C GLU A 911 8.45 -38.71 -33.22
N TRP A 912 8.43 -37.39 -33.35
CA TRP A 912 8.42 -36.55 -32.16
C TRP A 912 7.14 -36.71 -31.35
N ASN A 913 6.01 -36.97 -32.01
CA ASN A 913 4.77 -37.20 -31.28
C ASN A 913 4.87 -38.47 -30.44
N LYS A 914 5.46 -39.52 -30.99
CA LYS A 914 5.69 -40.71 -30.18
C LYS A 914 6.53 -40.37 -28.95
N VAL A 915 7.67 -39.71 -29.16
CA VAL A 915 8.56 -39.40 -28.03
C VAL A 915 7.85 -38.54 -26.99
N TRP A 916 7.13 -37.51 -27.44
CA TRP A 916 6.43 -36.61 -26.53
C TRP A 916 5.33 -37.35 -25.77
N ARG A 917 4.65 -38.30 -26.43
CA ARG A 917 3.63 -39.06 -25.73
C ARG A 917 4.24 -39.83 -24.56
N GLU A 918 5.32 -40.59 -24.82
CA GLU A 918 5.91 -41.31 -23.69
C GLU A 918 6.48 -40.37 -22.63
N LEU A 919 6.99 -39.20 -23.02
CA LEU A 919 7.56 -38.31 -22.01
C LEU A 919 6.48 -37.70 -21.12
N GLU A 920 5.41 -37.18 -21.72
CA GLU A 920 4.32 -36.57 -20.96
C GLU A 920 3.56 -37.61 -20.14
N GLN A 921 3.48 -38.84 -20.65
CA GLN A 921 2.62 -39.85 -20.05
C GLN A 921 3.13 -40.29 -18.69
N LYS A 922 4.35 -39.90 -18.32
CA LYS A 922 4.91 -40.21 -17.01
C LYS A 922 4.89 -39.04 -16.04
N VAL A 923 4.98 -37.79 -16.52
CA VAL A 923 5.03 -36.64 -15.61
C VAL A 923 3.71 -35.89 -15.48
N PHE A 924 2.68 -36.26 -16.26
CA PHE A 924 1.42 -35.53 -16.18
C PHE A 924 0.86 -35.50 -14.76
N PHE A 925 0.76 -36.67 -14.12
CA PHE A 925 0.13 -36.72 -12.80
C PHE A 925 1.01 -36.10 -11.72
N LYS A 926 2.32 -36.13 -11.89
CA LYS A 926 3.21 -35.42 -10.98
C LYS A 926 3.02 -33.91 -11.10
N SER A 927 2.70 -33.43 -12.30
CA SER A 927 2.55 -31.98 -12.50
C SER A 927 1.41 -31.42 -11.68
N LEU A 928 0.34 -32.18 -11.48
CA LEU A 928 -0.84 -31.72 -10.76
C LEU A 928 -0.75 -31.97 -9.26
N ASP A 929 0.37 -32.50 -8.77
CA ASP A 929 0.55 -32.78 -7.36
C ASP A 929 1.40 -31.67 -6.76
N HIS A 930 0.78 -30.79 -5.98
CA HIS A 930 1.47 -29.67 -5.36
C HIS A 930 1.79 -29.95 -3.89
N LEU A 931 0.78 -30.22 -3.08
CA LEU A 931 0.99 -30.49 -1.67
C LEU A 931 1.65 -31.84 -1.43
N GLY A 932 1.60 -32.74 -2.41
CA GLY A 932 2.18 -34.06 -2.23
C GLY A 932 3.68 -34.11 -2.42
N LEU A 933 4.19 -33.31 -3.36
CA LEU A 933 5.62 -33.30 -3.65
C LEU A 933 6.42 -32.84 -2.44
N THR A 934 6.04 -31.70 -1.88
CA THR A 934 6.70 -31.20 -0.68
C THR A 934 6.25 -31.92 0.59
N PHE A 935 5.26 -32.81 0.50
CA PHE A 935 4.66 -33.38 1.71
C PHE A 935 5.69 -34.10 2.57
N LYS A 936 6.40 -35.07 1.99
CA LYS A 936 7.26 -35.90 2.83
C LYS A 936 8.59 -35.18 3.07
N GLN A 937 8.51 -33.93 3.51
CA GLN A 937 9.56 -33.24 4.26
C GLN A 937 8.87 -32.40 5.32
N ALA A 938 7.65 -31.97 5.01
CA ALA A 938 6.85 -31.16 5.92
C ALA A 938 6.24 -32.00 7.03
N ASP A 939 5.88 -33.24 6.73
CA ASP A 939 5.32 -34.11 7.75
C ASP A 939 6.34 -34.39 8.84
N LYS A 940 7.60 -34.59 8.46
CA LYS A 940 8.64 -34.85 9.45
C LYS A 940 8.86 -33.64 10.35
N LYS A 941 8.83 -32.43 9.78
CA LYS A 941 9.07 -31.23 10.57
C LYS A 941 7.87 -30.82 11.42
N LEU A 942 6.65 -31.15 10.97
CA LEU A 942 5.44 -30.65 11.61
C LEU A 942 4.72 -31.70 12.45
N LEU A 943 5.19 -32.94 12.48
CA LEU A 943 4.59 -33.98 13.31
C LEU A 943 5.42 -34.26 14.54
N THR A 944 6.03 -33.23 15.11
CA THR A 944 6.86 -33.35 16.30
C THR A 944 6.05 -33.00 17.55
N THR A 945 6.66 -33.27 18.71
CA THR A 945 5.99 -32.96 19.98
C THR A 945 5.82 -31.44 20.14
N LYS A 946 6.82 -30.67 19.74
CA LYS A 946 6.76 -29.22 19.91
C LYS A 946 5.61 -28.61 19.12
N GLN A 947 5.38 -29.10 17.90
CA GLN A 947 4.30 -28.54 17.10
C GLN A 947 2.93 -28.81 17.72
N LEU A 948 2.71 -30.03 18.21
CA LEU A 948 1.43 -30.36 18.81
C LEU A 948 1.22 -29.58 20.11
N ILE A 949 2.27 -29.46 20.93
CA ILE A 949 2.17 -28.66 22.14
C ILE A 949 1.86 -27.21 21.79
N SER A 950 2.50 -26.69 20.73
CA SER A 950 2.24 -25.32 20.30
C SER A 950 0.79 -25.16 19.87
N GLU A 951 0.24 -26.12 19.14
CA GLU A 951 -1.15 -26.04 18.70
C GLU A 951 -2.09 -25.97 19.89
N ILE A 952 -1.92 -26.88 20.86
CA ILE A 952 -2.83 -26.90 21.99
C ILE A 952 -2.66 -25.66 22.86
N SER A 953 -1.42 -25.18 23.01
CA SER A 953 -1.17 -23.96 23.77
C SER A 953 -1.81 -22.75 23.09
N SER A 954 -1.72 -22.67 21.77
CA SER A 954 -2.35 -21.57 21.05
C SER A 954 -3.86 -21.60 21.22
N ILE A 955 -4.47 -22.78 21.15
CA ILE A 955 -5.91 -22.87 21.34
C ILE A 955 -6.29 -22.42 22.75
N LYS A 956 -5.51 -22.84 23.76
CA LYS A 956 -5.79 -22.42 25.13
C LYS A 956 -5.64 -20.91 25.29
N VAL A 957 -4.59 -20.33 24.70
CA VAL A 957 -4.37 -18.89 24.82
C VAL A 957 -5.51 -18.12 24.17
N ASP A 958 -5.96 -18.57 22.99
CA ASP A 958 -7.08 -17.91 22.33
C ASP A 958 -8.35 -18.02 23.17
N GLN A 959 -8.57 -19.18 23.79
CA GLN A 959 -9.75 -19.34 24.65
C GLN A 959 -9.68 -18.40 25.85
N THR A 960 -8.51 -18.25 26.46
CA THR A 960 -8.37 -17.43 27.66
C THR A 960 -8.38 -15.93 27.35
N ASN A 961 -8.27 -15.54 26.08
CA ASN A 961 -8.32 -14.13 25.70
C ASN A 961 -9.69 -13.72 25.18
N LYS A 962 -10.76 -14.31 25.74
CA LYS A 962 -12.11 -13.99 25.33
C LYS A 962 -13.02 -13.89 26.56
N LYS A 972 -11.67 -25.97 28.70
CA LYS A 972 -11.60 -27.33 29.22
C LYS A 972 -11.76 -28.35 28.09
N SER A 973 -12.00 -27.85 26.88
CA SER A 973 -12.26 -28.67 25.71
C SER A 973 -11.43 -28.17 24.53
N GLN A 974 -10.13 -28.01 24.76
CA GLN A 974 -9.24 -27.45 23.73
C GLN A 974 -9.33 -28.22 22.42
N LEU A 975 -9.17 -29.54 22.48
CA LEU A 975 -9.20 -30.37 21.28
C LEU A 975 -10.39 -31.32 21.32
N ASP A 976 -11.07 -31.46 20.19
CA ASP A 976 -12.21 -32.36 20.06
C ASP A 976 -11.97 -33.32 18.91
N PHE A 977 -12.19 -34.61 19.18
CA PHE A 977 -12.08 -35.67 18.18
C PHE A 977 -13.34 -36.53 18.22
N ASP A 978 -13.84 -36.88 17.04
CA ASP A 978 -14.99 -37.75 16.90
C ASP A 978 -14.61 -38.93 16.01
N PHE A 979 -14.84 -40.13 16.49
CA PHE A 979 -14.52 -41.35 15.74
C PHE A 979 -15.81 -41.97 15.23
N PRO A 980 -16.10 -41.88 13.93
CA PRO A 980 -17.35 -42.44 13.39
C PRO A 980 -17.22 -43.86 12.81
N ASP A 981 -16.08 -44.51 12.97
CA ASP A 981 -15.88 -45.84 12.42
C ASP A 981 -14.86 -46.58 13.27
N LYS A 982 -15.05 -47.89 13.44
CA LYS A 982 -14.16 -48.69 14.26
C LYS A 982 -13.34 -49.71 13.46
N ASN A 983 -13.63 -49.90 12.17
CA ASN A 983 -12.80 -50.77 11.36
C ASN A 983 -11.42 -50.16 11.12
N ILE A 984 -11.35 -48.82 11.11
CA ILE A 984 -10.07 -48.14 10.93
C ILE A 984 -9.12 -48.50 12.06
N PHE A 985 -9.65 -48.72 13.27
CA PHE A 985 -8.80 -49.14 14.37
C PHE A 985 -8.14 -50.48 14.09
N TYR A 986 -8.90 -51.43 13.54
CA TYR A 986 -8.32 -52.72 13.17
C TYR A 986 -7.31 -52.56 12.04
N ASP A 987 -7.58 -51.67 11.08
CA ASP A 987 -6.61 -51.45 10.01
C ASP A 987 -5.29 -50.88 10.55
N ILE A 988 -5.37 -49.93 11.47
CA ILE A 988 -4.17 -49.35 12.07
C ILE A 988 -3.42 -50.42 12.87
N LEU A 989 -4.16 -51.24 13.62
CA LEU A 989 -3.53 -52.32 14.36
C LEU A 989 -2.83 -53.30 13.43
N CYS A 990 -3.45 -53.61 12.29
CA CYS A 990 -2.82 -54.50 11.33
C CYS A 990 -1.54 -53.92 10.77
N LEU A 991 -1.55 -52.64 10.42
CA LEU A 991 -0.33 -52.00 9.92
C LEU A 991 0.77 -51.99 10.98
N ALA A 992 0.39 -51.68 12.23
CA ALA A 992 1.37 -51.66 13.32
C ALA A 992 1.97 -53.04 13.55
N ASP A 993 1.13 -54.08 13.54
CA ASP A 993 1.64 -55.43 13.72
C ASP A 993 2.54 -55.85 12.56
N THR A 994 2.19 -55.45 11.33
CA THR A 994 3.05 -55.74 10.20
C THR A 994 4.43 -55.11 10.36
N PHE A 995 4.46 -53.83 10.77
CA PHE A 995 5.74 -53.18 10.99
C PHE A 995 6.52 -53.85 12.11
N ILE A 996 5.84 -54.19 13.20
CA ILE A 996 6.51 -54.80 14.34
C ILE A 996 7.11 -56.14 13.95
N THR A 997 6.37 -56.94 13.18
CA THR A 997 6.92 -58.20 12.69
C THR A 997 8.11 -57.98 11.78
N HIS A 998 8.04 -56.97 10.91
CA HIS A 998 9.10 -56.78 9.92
C HIS A 998 10.35 -56.14 10.51
N THR A 999 10.21 -55.24 11.49
CA THR A 999 11.31 -54.38 11.89
C THR A 999 12.43 -55.17 12.54
N THR A 1000 13.66 -54.90 12.11
CA THR A 1000 14.88 -55.41 12.77
C THR A 1000 15.45 -54.40 13.77
N ALA A 1001 14.58 -53.89 14.64
CA ALA A 1001 14.99 -52.92 15.63
C ALA A 1001 14.56 -53.28 17.05
N TYR A 1002 13.87 -54.41 17.24
CA TYR A 1002 13.47 -54.87 18.56
C TYR A 1002 13.72 -56.36 18.66
N SER A 1003 13.94 -56.83 19.88
CA SER A 1003 14.14 -58.25 20.09
C SER A 1003 12.81 -58.99 19.99
N ASN A 1004 12.90 -60.32 20.01
CA ASN A 1004 11.70 -61.14 19.85
C ASN A 1004 10.67 -60.92 20.96
N PRO A 1005 11.02 -60.92 22.26
CA PRO A 1005 10.01 -60.60 23.27
C PRO A 1005 9.45 -59.19 23.16
N ASP A 1006 10.27 -58.23 22.72
CA ASP A 1006 9.80 -56.85 22.61
C ASP A 1006 8.71 -56.71 21.57
N LYS A 1007 8.77 -57.50 20.49
CA LYS A 1007 7.71 -57.45 19.48
C LYS A 1007 6.37 -57.86 20.09
N GLU A 1008 6.35 -58.98 20.81
CA GLU A 1008 5.13 -59.43 21.46
C GLU A 1008 4.66 -58.42 22.49
N ARG A 1009 5.58 -57.82 23.24
CA ARG A 1009 5.20 -56.81 24.22
C ARG A 1009 4.56 -55.61 23.56
N LEU A 1010 5.12 -55.16 22.43
CA LEU A 1010 4.54 -54.02 21.71
C LEU A 1010 3.15 -54.34 21.18
N LYS A 1011 2.98 -55.53 20.60
CA LYS A 1011 1.65 -55.91 20.12
C LYS A 1011 0.65 -55.97 21.26
N ASP A 1012 1.06 -56.54 22.39
CA ASP A 1012 0.18 -56.62 23.55
C ASP A 1012 -0.18 -55.24 24.07
N LEU A 1013 0.79 -54.33 24.14
CA LEU A 1013 0.50 -52.96 24.58
C LEU A 1013 -0.50 -52.30 23.64
N LEU A 1014 -0.27 -52.41 22.34
CA LEU A 1014 -1.17 -51.75 21.39
C LEU A 1014 -2.58 -52.28 21.51
N LYS A 1015 -2.73 -53.61 21.52
CA LYS A 1015 -4.06 -54.21 21.60
C LYS A 1015 -4.73 -53.87 22.92
N TYR A 1016 -3.99 -53.94 24.03
CA TYR A 1016 -4.58 -53.64 25.33
C TYR A 1016 -5.02 -52.18 25.42
N PHE A 1017 -4.20 -51.26 24.92
CA PHE A 1017 -4.57 -49.85 24.98
C PHE A 1017 -5.79 -49.56 24.13
N ILE A 1018 -5.84 -50.09 22.90
CA ILE A 1018 -6.98 -49.80 22.04
C ILE A 1018 -8.25 -50.44 22.60
N SER A 1019 -8.12 -51.63 23.21
CA SER A 1019 -9.30 -52.31 23.74
C SER A 1019 -9.78 -51.66 25.03
N LEU A 1020 -8.88 -51.07 25.82
CA LEU A 1020 -9.27 -50.49 27.10
C LEU A 1020 -9.74 -49.06 26.97
N PHE A 1021 -9.09 -48.25 26.13
CA PHE A 1021 -9.47 -46.84 26.01
C PHE A 1021 -10.82 -46.70 25.30
N PHE A 1022 -10.97 -47.32 24.13
CA PHE A 1022 -12.18 -47.17 23.34
C PHE A 1022 -13.23 -48.22 23.65
N SER A 1023 -12.90 -49.24 24.44
CA SER A 1023 -13.85 -50.29 24.83
C SER A 1023 -14.48 -50.96 23.61
N ILE A 1024 -13.67 -51.23 22.60
CA ILE A 1024 -14.20 -51.83 21.37
C ILE A 1024 -14.56 -53.30 21.60
N SER A 1025 -13.55 -54.12 21.90
CA SER A 1025 -13.71 -55.55 22.11
C SER A 1025 -12.35 -56.10 22.55
N PHE A 1026 -12.36 -57.36 22.96
CA PHE A 1026 -11.13 -58.04 23.36
C PHE A 1026 -10.88 -59.34 22.63
N GLU A 1027 -11.88 -59.93 21.97
CA GLU A 1027 -11.74 -61.19 21.27
C GLU A 1027 -11.67 -61.02 19.76
N LYS A 1028 -12.65 -60.36 19.17
CA LYS A 1028 -12.64 -60.14 17.72
C LYS A 1028 -11.50 -59.22 17.31
N ILE A 1029 -11.03 -58.37 18.22
CA ILE A 1029 -9.96 -57.43 17.88
C ILE A 1029 -8.66 -58.17 17.59
N GLU A 1030 -8.40 -59.27 18.31
CA GLU A 1030 -7.20 -60.06 18.09
C GLU A 1030 -7.37 -61.12 17.01
N GLU A 1031 -8.57 -61.29 16.47
CA GLU A 1031 -8.84 -62.24 15.39
C GLU A 1031 -9.60 -61.47 14.31
N SER A 1032 -8.86 -60.83 13.41
CA SER A 1032 -9.45 -60.04 12.35
C SER A 1032 -8.65 -60.15 11.06
N SER A 1134 -21.52 -41.89 31.74
CA SER A 1134 -20.27 -42.37 32.32
C SER A 1134 -19.07 -41.95 31.48
N ILE A 1135 -18.62 -40.71 31.69
CA ILE A 1135 -17.42 -40.20 31.04
C ILE A 1135 -16.19 -40.74 31.77
N PHE A 1136 -15.12 -40.99 31.01
CA PHE A 1136 -13.89 -41.47 31.60
C PHE A 1136 -12.76 -40.48 31.33
N ASN A 1137 -11.85 -40.35 32.29
CA ASN A 1137 -10.79 -39.36 32.22
C ASN A 1137 -9.43 -40.05 32.39
N LEU A 1138 -8.44 -39.53 31.67
CA LEU A 1138 -7.06 -40.02 31.76
C LEU A 1138 -6.15 -38.81 31.87
N PHE A 1139 -5.34 -38.78 32.93
CA PHE A 1139 -4.36 -37.71 33.14
C PHE A 1139 -3.00 -38.24 32.70
N ALA A 1140 -2.39 -37.55 31.75
CA ALA A 1140 -1.21 -38.07 31.07
C ALA A 1140 -0.14 -37.00 30.96
N ASN A 1141 1.10 -37.46 30.78
CA ASN A 1141 2.21 -36.58 30.49
C ASN A 1141 2.36 -36.42 28.99
N THR A 1142 3.49 -35.86 28.54
CA THR A 1142 3.67 -35.59 27.12
C THR A 1142 3.70 -36.87 26.30
N ASN A 1143 4.30 -37.94 26.83
CA ASN A 1143 4.48 -39.17 26.05
C ASN A 1143 3.15 -39.77 25.62
N ILE A 1144 2.23 -39.94 26.56
CA ILE A 1144 0.94 -40.53 26.25
C ILE A 1144 0.15 -39.63 25.31
N TYR A 1145 0.24 -38.31 25.50
CA TYR A 1145 -0.44 -37.39 24.61
C TYR A 1145 0.08 -37.51 23.18
N ILE A 1146 1.40 -37.62 23.02
CA ILE A 1146 1.97 -37.74 21.68
C ILE A 1146 1.57 -39.07 21.04
N PHE A 1147 1.56 -40.14 21.83
CA PHE A 1147 1.11 -41.44 21.32
C PHE A 1147 -0.33 -41.36 20.83
N PHE A 1148 -1.20 -40.73 21.63
CA PHE A 1148 -2.60 -40.60 21.24
C PHE A 1148 -2.75 -39.72 20.00
N ARG A 1149 -1.94 -38.67 19.90
CA ARG A 1149 -2.02 -37.79 18.73
C ARG A 1149 -1.58 -38.50 17.47
N HIS A 1150 -0.53 -39.34 17.56
CA HIS A 1150 -0.13 -40.14 16.40
C HIS A 1150 -1.24 -41.10 16.00
N TRP A 1151 -1.88 -41.74 16.98
CA TRP A 1151 -2.98 -42.64 16.66
C TRP A 1151 -4.12 -41.90 15.97
N THR A 1152 -4.47 -40.70 16.47
CA THR A 1152 -5.54 -39.93 15.86
C THR A 1152 -5.17 -39.44 14.47
N THR A 1153 -3.88 -39.14 14.24
CA THR A 1153 -3.44 -38.75 12.91
C THR A 1153 -3.63 -39.88 11.91
N ILE A 1154 -3.19 -41.09 12.28
CA ILE A 1154 -3.39 -42.23 11.39
C ILE A 1154 -4.87 -42.46 11.15
N TYR A 1155 -5.68 -42.39 12.21
CA TYR A 1155 -7.11 -42.64 12.07
C TYR A 1155 -7.76 -41.62 11.14
N GLU A 1156 -7.42 -40.33 11.30
CA GLU A 1156 -8.06 -39.31 10.50
C GLU A 1156 -7.65 -39.43 9.03
N ARG A 1157 -6.38 -39.77 8.75
CA ARG A 1157 -5.97 -39.94 7.37
C ARG A 1157 -6.68 -41.12 6.72
N LEU A 1158 -6.74 -42.25 7.42
CA LEU A 1158 -7.43 -43.41 6.85
C LEU A 1158 -8.93 -43.15 6.70
N LEU A 1159 -9.52 -42.42 7.64
CA LEU A 1159 -10.94 -42.09 7.53
C LEU A 1159 -11.19 -41.19 6.32
N GLU A 1160 -10.32 -40.20 6.10
CA GLU A 1160 -10.49 -39.33 4.95
C GLU A 1160 -10.39 -40.10 3.64
N ILE A 1161 -9.44 -41.04 3.57
CA ILE A 1161 -9.34 -41.83 2.34
C ILE A 1161 -10.46 -42.85 2.23
N LYS A 1162 -11.12 -43.20 3.34
CA LYS A 1162 -12.17 -44.22 3.31
C LYS A 1162 -13.55 -43.66 2.99
N GLN A 1163 -13.85 -42.43 3.41
CA GLN A 1163 -15.19 -41.90 3.21
C GLN A 1163 -15.50 -41.63 1.74
N MET A 1164 -14.52 -41.68 0.86
CA MET A 1164 -14.74 -41.58 -0.58
C MET A 1164 -14.66 -42.94 -1.26
N ASN A 1165 -14.95 -44.02 -0.53
CA ASN A 1165 -14.82 -45.37 -1.08
C ASN A 1165 -15.75 -45.58 -2.26
N GLU A 1166 -17.05 -45.29 -2.08
CA GLU A 1166 -18.03 -45.60 -3.10
C GLU A 1166 -17.81 -44.77 -4.37
N ARG A 1167 -17.55 -43.47 -4.22
CA ARG A 1167 -17.40 -42.61 -5.40
C ARG A 1167 -16.15 -42.98 -6.19
N VAL A 1168 -15.02 -43.13 -5.50
CA VAL A 1168 -13.77 -43.45 -6.17
C VAL A 1168 -13.82 -44.85 -6.78
N THR A 1169 -14.46 -45.79 -6.08
CA THR A 1169 -14.59 -47.14 -6.62
C THR A 1169 -15.45 -47.16 -7.87
N LYS A 1170 -16.57 -46.42 -7.86
CA LYS A 1170 -17.39 -46.31 -9.06
C LYS A 1170 -16.63 -45.66 -10.20
N GLU A 1171 -15.85 -44.61 -9.89
CA GLU A 1171 -15.08 -43.94 -10.92
C GLU A 1171 -14.09 -44.90 -11.56
N ILE A 1172 -13.32 -45.63 -10.74
CA ILE A 1172 -12.31 -46.52 -11.27
C ILE A 1172 -12.94 -47.64 -12.08
N ASN A 1173 -13.98 -48.28 -11.55
CA ASN A 1173 -14.61 -49.37 -12.28
C ASN A 1173 -15.30 -48.85 -13.55
N THR A 1174 -16.09 -47.79 -13.42
CA THR A 1174 -16.77 -47.21 -14.58
C THR A 1174 -15.92 -46.10 -15.21
N ARG A 1175 -14.67 -46.42 -15.53
CA ARG A 1175 -13.76 -45.50 -16.20
C ARG A 1175 -13.71 -45.91 -17.66
N SER A 1176 -14.44 -45.19 -18.50
CA SER A 1176 -14.52 -45.52 -19.91
C SER A 1176 -13.24 -45.10 -20.64
N THR A 1177 -13.08 -45.62 -21.86
CA THR A 1177 -11.92 -45.33 -22.68
C THR A 1177 -12.37 -44.98 -24.09
N VAL A 1178 -11.61 -44.10 -24.75
CA VAL A 1178 -11.94 -43.69 -26.10
C VAL A 1178 -11.57 -44.81 -27.07
N THR A 1179 -12.41 -45.01 -28.08
CA THR A 1179 -12.22 -46.11 -29.04
C THR A 1179 -11.57 -45.67 -30.34
N PHE A 1180 -11.56 -44.37 -30.64
CA PHE A 1180 -11.02 -43.92 -31.92
C PHE A 1180 -9.51 -44.17 -32.00
N ALA A 1181 -8.76 -43.71 -31.00
CA ALA A 1181 -7.32 -43.94 -30.98
C ALA A 1181 -6.76 -44.31 -29.61
N LYS A 1182 -7.51 -44.13 -28.52
CA LYS A 1182 -6.97 -44.42 -27.19
C LYS A 1182 -6.76 -45.91 -26.99
N ASP A 1183 -7.82 -46.70 -27.13
CA ASP A 1183 -7.69 -48.15 -27.01
C ASP A 1183 -6.81 -48.70 -28.13
N LEU A 1184 -6.92 -48.14 -29.33
CA LEU A 1184 -6.16 -48.67 -30.46
C LEU A 1184 -4.66 -48.47 -30.29
N ASP A 1185 -4.23 -47.24 -29.99
CA ASP A 1185 -2.81 -46.93 -30.02
C ASP A 1185 -2.22 -46.46 -28.70
N LEU A 1186 -2.82 -45.41 -28.11
CA LEU A 1186 -2.15 -44.60 -27.09
C LEU A 1186 -2.65 -44.96 -25.69
N LEU A 1187 -2.04 -46.00 -25.12
CA LEU A 1187 -2.42 -46.45 -23.78
C LEU A 1187 -1.16 -46.75 -22.97
N SER A 1188 -1.34 -46.81 -21.64
CA SER A 1188 -0.29 -47.18 -20.70
C SER A 1188 -0.75 -48.39 -19.89
N SER A 1189 -0.07 -49.52 -20.07
CA SER A 1189 -0.25 -50.66 -19.19
C SER A 1189 0.77 -50.69 -18.06
N GLN A 1190 1.50 -49.58 -17.87
CA GLN A 1190 2.59 -49.57 -16.90
C GLN A 1190 2.10 -49.87 -15.50
N LEU A 1191 1.06 -49.16 -15.04
CA LEU A 1191 0.45 -49.48 -13.76
C LEU A 1191 -0.37 -50.75 -13.81
N SER A 1192 -0.80 -51.17 -15.00
CA SER A 1192 -1.55 -52.41 -15.14
C SER A 1192 -0.64 -53.64 -15.11
N GLU A 1193 0.66 -53.46 -15.35
CA GLU A 1193 1.59 -54.58 -15.33
C GLU A 1193 1.94 -55.01 -13.91
N MET A 1194 1.77 -54.14 -12.93
CA MET A 1194 2.07 -54.46 -11.54
C MET A 1194 0.81 -54.59 -10.68
N GLY A 1195 -0.37 -54.56 -11.31
CA GLY A 1195 -1.60 -54.63 -10.55
C GLY A 1195 -1.98 -53.35 -9.83
N LEU A 1196 -1.27 -52.25 -10.10
CA LEU A 1196 -1.53 -50.98 -9.44
C LEU A 1196 -2.47 -50.11 -10.28
N ASP A 1197 -3.63 -50.68 -10.59
CA ASP A 1197 -4.65 -49.97 -11.35
C ASP A 1197 -6.02 -49.98 -10.67
N PHE A 1198 -6.19 -50.69 -9.56
CA PHE A 1198 -7.39 -50.66 -8.73
C PHE A 1198 -8.64 -51.16 -9.46
N VAL A 1199 -8.48 -51.97 -10.50
CA VAL A 1199 -9.64 -52.56 -11.17
C VAL A 1199 -10.21 -53.66 -10.28
N GLY A 1200 -11.50 -53.55 -9.96
CA GLY A 1200 -12.01 -54.35 -8.86
C GLY A 1200 -11.32 -53.91 -7.58
N GLU A 1201 -10.99 -54.89 -6.73
CA GLU A 1201 -10.07 -54.72 -5.61
C GLU A 1201 -10.35 -53.42 -4.84
N ASP A 1202 -11.50 -53.36 -4.15
CA ASP A 1202 -12.06 -52.15 -3.55
C ASP A 1202 -11.01 -51.20 -3.02
N ALA A 1203 -11.17 -49.91 -3.36
CA ALA A 1203 -10.06 -48.95 -3.27
C ALA A 1203 -9.47 -48.88 -1.88
N TYR A 1204 -10.30 -48.88 -0.84
CA TYR A 1204 -9.79 -48.78 0.52
C TYR A 1204 -8.94 -49.99 0.88
N LYS A 1205 -9.44 -51.19 0.58
CA LYS A 1205 -8.69 -52.40 0.91
C LYS A 1205 -7.44 -52.53 0.07
N GLN A 1206 -7.49 -52.10 -1.20
CA GLN A 1206 -6.30 -52.12 -2.04
C GLN A 1206 -5.25 -51.14 -1.51
N VAL A 1207 -5.68 -49.97 -1.05
CA VAL A 1207 -4.74 -49.02 -0.46
C VAL A 1207 -4.11 -49.59 0.79
N LEU A 1208 -4.92 -50.26 1.63
CA LEU A 1208 -4.37 -50.91 2.83
C LEU A 1208 -3.35 -51.97 2.45
N ARG A 1209 -3.65 -52.78 1.43
CA ARG A 1209 -2.74 -53.83 1.01
C ARG A 1209 -1.43 -53.25 0.48
N LEU A 1210 -1.52 -52.18 -0.31
CA LEU A 1210 -0.31 -51.54 -0.82
C LEU A 1210 0.50 -50.90 0.30
N SER A 1211 -0.18 -50.35 1.31
CA SER A 1211 0.54 -49.80 2.47
C SER A 1211 1.27 -50.90 3.22
N ARG A 1212 0.63 -52.06 3.38
CA ARG A 1212 1.31 -53.19 4.01
C ARG A 1212 2.51 -53.65 3.19
N ARG A 1213 2.36 -53.67 1.86
CA ARG A 1213 3.49 -54.00 0.99
C ARG A 1213 4.63 -53.01 1.15
N LEU A 1214 4.32 -51.72 1.21
CA LEU A 1214 5.35 -50.71 1.37
C LEU A 1214 6.05 -50.84 2.72
N ILE A 1215 5.29 -51.16 3.77
CA ILE A 1215 5.90 -51.38 5.08
C ILE A 1215 6.82 -52.59 5.05
N ASN A 1216 6.40 -53.67 4.37
CA ASN A 1216 7.25 -54.84 4.26
C ASN A 1216 8.54 -54.54 3.50
N GLY A 1217 8.43 -53.74 2.43
CA GLY A 1217 9.60 -53.34 1.66
C GLY A 1217 9.65 -53.86 0.24
N ASP A 1218 8.68 -54.67 -0.19
CA ASP A 1218 8.66 -55.22 -1.53
C ASP A 1218 7.97 -54.30 -2.53
N LEU A 1219 7.67 -53.07 -2.15
CA LEU A 1219 7.07 -52.09 -3.05
C LEU A 1219 7.80 -50.76 -2.88
N GLU A 1220 8.19 -50.17 -4.00
CA GLU A 1220 8.91 -48.90 -3.96
C GLU A 1220 7.95 -47.76 -3.66
N HIS A 1221 8.50 -46.67 -3.11
CA HIS A 1221 7.70 -45.50 -2.79
C HIS A 1221 7.17 -44.83 -4.05
N GLN A 1222 7.97 -44.81 -5.12
CA GLN A 1222 7.58 -44.13 -6.34
C GLN A 1222 6.32 -44.74 -6.93
N TRP A 1223 6.27 -46.08 -7.03
CA TRP A 1223 5.11 -46.72 -7.63
C TRP A 1223 3.89 -46.66 -6.72
N PHE A 1224 4.09 -46.73 -5.42
CA PHE A 1224 2.99 -46.54 -4.47
C PHE A 1224 2.37 -45.16 -4.63
N GLU A 1225 3.21 -44.12 -4.67
CA GLU A 1225 2.72 -42.76 -4.84
C GLU A 1225 2.03 -42.59 -6.20
N GLU A 1226 2.61 -43.16 -7.26
CA GLU A 1226 2.01 -43.02 -8.58
C GLU A 1226 0.64 -43.70 -8.64
N SER A 1227 0.52 -44.89 -8.07
CA SER A 1227 -0.77 -45.57 -8.04
C SER A 1227 -1.80 -44.77 -7.26
N LEU A 1228 -1.40 -44.22 -6.11
CA LEU A 1228 -2.34 -43.40 -5.33
C LEU A 1228 -2.74 -42.15 -6.11
N ARG A 1229 -1.79 -41.51 -6.79
CA ARG A 1229 -2.07 -40.32 -7.57
C ARG A 1229 -3.08 -40.62 -8.67
N GLN A 1230 -2.86 -41.70 -9.42
CA GLN A 1230 -3.74 -42.02 -10.53
C GLN A 1230 -5.08 -42.60 -10.08
N ALA A 1231 -5.16 -43.12 -8.87
CA ALA A 1231 -6.41 -43.71 -8.40
C ALA A 1231 -7.29 -42.75 -7.63
N TYR A 1232 -6.71 -41.72 -7.00
CA TYR A 1232 -7.49 -40.81 -6.18
C TYR A 1232 -7.44 -39.37 -6.68
N ASN A 1233 -6.88 -39.12 -7.86
CA ASN A 1233 -6.79 -37.78 -8.43
C ASN A 1233 -6.10 -36.82 -7.47
N ASN A 1234 -4.98 -37.28 -6.90
CA ASN A 1234 -4.12 -36.49 -6.02
C ASN A 1234 -4.80 -36.08 -4.72
N LYS A 1235 -5.89 -36.76 -4.35
CA LYS A 1235 -6.59 -36.47 -3.10
C LYS A 1235 -6.15 -37.35 -1.94
N ALA A 1236 -5.16 -38.22 -2.16
CA ALA A 1236 -4.66 -39.11 -1.12
C ALA A 1236 -3.17 -38.93 -0.90
N PHE A 1237 -2.70 -37.68 -1.00
CA PHE A 1237 -1.29 -37.40 -0.82
C PHE A 1237 -0.83 -37.53 0.61
N LYS A 1238 -1.74 -37.59 1.57
CA LYS A 1238 -1.37 -37.65 2.98
C LYS A 1238 -1.00 -39.05 3.45
N LEU A 1239 -1.10 -40.05 2.58
CA LEU A 1239 -0.70 -41.42 2.91
C LEU A 1239 0.68 -41.76 2.41
N TYR A 1240 1.43 -40.79 1.90
CA TYR A 1240 2.78 -41.06 1.39
C TYR A 1240 3.76 -41.41 2.50
N THR A 1241 3.42 -41.11 3.76
CA THR A 1241 4.30 -41.34 4.89
C THR A 1241 3.70 -42.33 5.88
N ILE A 1242 2.85 -43.23 5.40
CA ILE A 1242 2.14 -44.14 6.30
C ILE A 1242 3.13 -45.05 7.01
N ASP A 1243 4.19 -45.47 6.32
CA ASP A 1243 5.19 -46.33 6.94
C ASP A 1243 5.93 -45.60 8.06
N LYS A 1244 6.34 -44.35 7.81
CA LYS A 1244 7.07 -43.60 8.82
C LYS A 1244 6.17 -43.23 10.00
N VAL A 1245 4.90 -42.92 9.74
CA VAL A 1245 3.99 -42.60 10.83
C VAL A 1245 3.72 -43.84 11.68
N THR A 1246 3.57 -45.00 11.03
CA THR A 1246 3.41 -46.25 11.78
C THR A 1246 4.65 -46.55 12.62
N GLN A 1247 5.84 -46.33 12.04
CA GLN A 1247 7.08 -46.54 12.79
C GLN A 1247 7.17 -45.61 14.00
N SER A 1248 6.79 -44.34 13.82
CA SER A 1248 6.82 -43.40 14.93
C SER A 1248 5.80 -43.78 16.01
N LEU A 1249 4.63 -44.25 15.60
CA LEU A 1249 3.64 -44.72 16.56
C LEU A 1249 4.18 -45.91 17.36
N VAL A 1250 4.85 -46.84 16.68
CA VAL A 1250 5.44 -47.98 17.38
C VAL A 1250 6.52 -47.53 18.34
N LYS A 1251 7.35 -46.57 17.92
CA LYS A 1251 8.40 -46.05 18.79
C LYS A 1251 7.82 -45.38 20.03
N HIS A 1252 6.75 -44.61 19.86
CA HIS A 1252 6.12 -43.95 21.00
C HIS A 1252 5.41 -44.94 21.90
N ALA A 1253 4.89 -46.04 21.34
CA ALA A 1253 4.38 -47.12 22.17
C ALA A 1253 5.51 -47.78 22.97
N HIS A 1254 6.70 -47.89 22.35
CA HIS A 1254 7.83 -48.49 23.03
C HIS A 1254 8.29 -47.62 24.20
N THR A 1255 8.44 -46.32 23.97
CA THR A 1255 8.85 -45.43 25.05
C THR A 1255 7.81 -45.35 26.16
N LEU A 1256 6.58 -45.77 25.89
CA LEU A 1256 5.55 -45.89 26.92
C LEU A 1256 5.76 -47.12 27.79
N MET A 1257 6.63 -48.05 27.40
CA MET A 1257 6.98 -49.21 28.19
C MET A 1257 8.28 -49.04 28.97
N THR A 1258 9.33 -48.52 28.35
CA THR A 1258 10.64 -48.46 28.96
C THR A 1258 10.84 -47.21 29.82
N ASP A 1259 9.76 -46.61 30.30
CA ASP A 1259 9.82 -45.49 31.22
C ASP A 1259 9.01 -45.83 32.46
N ALA A 1260 9.64 -45.71 33.63
CA ALA A 1260 8.98 -46.11 34.88
C ALA A 1260 7.81 -45.19 35.19
N LYS A 1261 8.00 -43.87 35.08
CA LYS A 1261 6.94 -42.93 35.42
C LYS A 1261 5.73 -43.11 34.51
N THR A 1262 5.97 -43.25 33.21
CA THR A 1262 4.88 -43.48 32.27
C THR A 1262 4.19 -44.81 32.54
N ALA A 1263 4.95 -45.83 32.93
CA ALA A 1263 4.35 -47.11 33.29
C ALA A 1263 3.43 -46.98 34.49
N GLU A 1264 3.86 -46.22 35.51
CA GLU A 1264 3.00 -46.01 36.68
C GLU A 1264 1.75 -45.23 36.31
N ILE A 1265 1.90 -44.20 35.47
CA ILE A 1265 0.73 -43.43 35.04
C ILE A 1265 -0.25 -44.32 34.27
N MET A 1266 0.28 -45.16 33.38
CA MET A 1266 -0.56 -46.09 32.64
C MET A 1266 -1.26 -47.08 33.57
N ALA A 1267 -0.56 -47.56 34.60
CA ALA A 1267 -1.18 -48.47 35.56
C ALA A 1267 -2.31 -47.79 36.31
N LEU A 1268 -2.10 -46.53 36.72
CA LEU A 1268 -3.18 -45.78 37.37
C LEU A 1268 -4.36 -45.60 36.43
N PHE A 1269 -4.09 -45.33 35.15
CA PHE A 1269 -5.17 -45.20 34.18
C PHE A 1269 -5.94 -46.51 34.04
N VAL A 1270 -5.21 -47.64 34.01
CA VAL A 1270 -5.87 -48.94 33.90
C VAL A 1270 -6.74 -49.19 35.11
N LYS A 1271 -6.24 -48.88 36.31
CA LYS A 1271 -7.03 -49.08 37.52
C LYS A 1271 -8.29 -48.22 37.50
N ASP A 1272 -8.16 -46.94 37.12
CA ASP A 1272 -9.33 -46.06 37.07
C ASP A 1272 -10.33 -46.55 36.02
N ARG A 1273 -9.85 -46.93 34.83
CA ARG A 1273 -10.75 -47.35 33.77
C ARG A 1273 -11.48 -48.64 34.14
N ASN A 1274 -10.79 -49.57 34.79
CA ASN A 1274 -11.42 -50.83 35.19
C ASN A 1274 -12.26 -50.70 36.46
N ALA A 1275 -12.10 -49.62 37.23
CA ALA A 1275 -12.92 -49.44 38.43
C ALA A 1275 -14.39 -49.29 38.06
N SER A 1276 -14.70 -48.37 37.14
CA SER A 1276 -16.02 -48.20 36.54
C SER A 1276 -17.06 -47.69 37.55
N THR A 1277 -16.67 -47.57 38.82
CA THR A 1277 -17.57 -47.05 39.86
C THR A 1277 -16.70 -46.22 40.81
N THR A 1278 -16.66 -44.91 40.59
CA THR A 1278 -15.86 -44.01 41.42
C THR A 1278 -16.66 -42.77 41.74
N SER A 1279 -16.33 -42.15 42.88
CA SER A 1279 -17.00 -40.94 43.33
C SER A 1279 -16.28 -39.72 42.75
N ALA A 1280 -16.63 -38.53 43.25
CA ALA A 1280 -15.99 -37.30 42.76
C ALA A 1280 -14.51 -37.27 43.12
N LYS A 1281 -14.10 -37.97 44.17
CA LYS A 1281 -12.70 -37.99 44.57
C LYS A 1281 -11.81 -38.58 43.48
N ASP A 1282 -12.39 -39.33 42.53
CA ASP A 1282 -11.62 -39.84 41.40
C ASP A 1282 -10.99 -38.70 40.60
N GLN A 1283 -11.62 -37.52 40.60
CA GLN A 1283 -11.08 -36.42 39.83
C GLN A 1283 -9.86 -35.78 40.48
N ILE A 1284 -9.76 -35.85 41.81
CA ILE A 1284 -8.72 -35.11 42.53
C ILE A 1284 -7.57 -36.02 42.92
N ILE A 1285 -7.86 -37.11 43.63
CA ILE A 1285 -6.78 -37.95 44.18
C ILE A 1285 -6.03 -38.65 43.05
N TYR A 1286 -6.74 -39.04 41.99
CA TYR A 1286 -6.07 -39.65 40.84
C TYR A 1286 -5.11 -38.66 40.18
N ARG A 1287 -5.57 -37.42 39.98
CA ARG A 1287 -4.72 -36.40 39.40
C ARG A 1287 -3.53 -36.09 40.31
N LEU A 1288 -3.78 -36.04 41.63
CA LEU A 1288 -2.69 -35.79 42.57
C LEU A 1288 -1.64 -36.90 42.53
N GLN A 1289 -2.09 -38.15 42.45
CA GLN A 1289 -1.14 -39.26 42.37
C GLN A 1289 -0.36 -39.24 41.06
N VAL A 1290 -1.03 -38.91 39.95
CA VAL A 1290 -0.33 -38.80 38.68
C VAL A 1290 0.72 -37.69 38.73
N ARG A 1291 0.36 -36.55 39.33
CA ARG A 1291 1.34 -35.48 39.48
C ARG A 1291 2.48 -35.89 40.40
N SER A 1292 2.20 -36.70 41.41
CA SER A 1292 3.27 -37.23 42.25
C SER A 1292 4.23 -38.09 41.43
N HIS A 1293 3.69 -38.93 40.55
CA HIS A 1293 4.53 -39.65 39.61
C HIS A 1293 5.10 -38.76 38.51
N MET A 1294 4.64 -37.51 38.40
CA MET A 1294 5.11 -36.57 37.41
C MET A 1294 6.09 -35.59 38.04
N SER A 1295 6.63 -34.70 37.21
CA SER A 1295 7.48 -33.63 37.69
C SER A 1295 6.65 -32.38 37.99
N ASN A 1296 7.32 -31.36 38.53
CA ASN A 1296 6.66 -30.13 38.96
C ASN A 1296 6.74 -29.00 37.94
N THR A 1297 7.35 -29.23 36.77
CA THR A 1297 7.60 -28.15 35.83
C THR A 1297 6.91 -28.32 34.48
N GLU A 1298 6.72 -29.54 34.00
CA GLU A 1298 6.22 -29.77 32.65
C GLU A 1298 4.73 -30.09 32.66
N ASN A 1299 4.16 -30.13 31.46
CA ASN A 1299 2.72 -30.05 31.26
C ASN A 1299 2.01 -31.36 31.62
N MET A 1300 0.69 -31.26 31.76
CA MET A 1300 -0.18 -32.42 31.88
C MET A 1300 -1.36 -32.25 30.94
N PHE A 1301 -1.90 -33.38 30.47
CA PHE A 1301 -3.02 -33.38 29.54
C PHE A 1301 -4.13 -34.26 30.10
N ARG A 1302 -5.36 -33.79 29.95
CA ARG A 1302 -6.53 -34.55 30.38
C ARG A 1302 -7.28 -35.00 29.14
N ILE A 1303 -7.37 -36.31 28.94
CA ILE A 1303 -8.04 -36.91 27.81
C ILE A 1303 -9.33 -37.53 28.30
N GLU A 1304 -10.46 -37.03 27.81
CA GLU A 1304 -11.78 -37.44 28.24
C GLU A 1304 -12.45 -38.23 27.12
N PHE A 1305 -13.00 -39.39 27.46
CA PHE A 1305 -13.61 -40.29 26.50
C PHE A 1305 -15.06 -40.54 26.89
N ASP A 1306 -15.95 -40.42 25.91
CA ASP A 1306 -17.38 -40.65 26.08
C ASP A 1306 -17.81 -41.77 25.16
N LYS A 1307 -18.41 -42.83 25.74
CA LYS A 1307 -18.78 -44.02 25.00
C LYS A 1307 -20.09 -43.88 24.23
N ARG A 1308 -20.98 -42.98 24.66
CA ARG A 1308 -22.28 -42.88 23.99
C ARG A 1308 -22.12 -42.46 22.54
N THR A 1309 -21.23 -41.50 22.27
CA THR A 1309 -20.94 -41.08 20.91
C THR A 1309 -19.49 -41.29 20.52
N LEU A 1310 -18.69 -41.91 21.40
CA LEU A 1310 -17.26 -42.13 21.17
C LEU A 1310 -16.55 -40.82 20.85
N HIS A 1311 -16.60 -39.89 21.81
CA HIS A 1311 -16.04 -38.56 21.65
C HIS A 1311 -14.86 -38.37 22.58
N VAL A 1312 -13.82 -37.70 22.09
CA VAL A 1312 -12.59 -37.47 22.85
C VAL A 1312 -12.36 -35.99 22.97
N SER A 1313 -12.08 -35.52 24.19
CA SER A 1313 -11.78 -34.12 24.46
C SER A 1313 -10.45 -34.03 25.18
N ILE A 1314 -9.56 -33.18 24.67
CA ILE A 1314 -8.22 -33.02 25.24
C ILE A 1314 -8.11 -31.62 25.82
N GLN A 1315 -7.74 -31.55 27.10
CA GLN A 1315 -7.54 -30.31 27.83
C GLN A 1315 -6.08 -30.21 28.24
N TYR A 1316 -5.52 -29.00 28.13
CA TYR A 1316 -4.10 -28.75 28.34
C TYR A 1316 -3.90 -28.10 29.71
N ILE A 1317 -3.69 -28.92 30.74
CA ILE A 1317 -3.46 -28.42 32.09
C ILE A 1317 -1.94 -28.37 32.25
N ALA A 1318 -1.35 -27.25 31.86
CA ALA A 1318 0.10 -27.10 31.94
C ALA A 1318 0.57 -27.16 33.39
N LEU A 1319 0.17 -26.17 34.20
CA LEU A 1319 0.53 -26.13 35.60
C LEU A 1319 -0.65 -25.74 36.49
N ASP A 1320 -1.87 -25.73 35.96
CA ASP A 1320 -3.04 -25.30 36.72
C ASP A 1320 -3.43 -26.28 37.82
N ASP A 1321 -2.85 -27.47 37.84
CA ASP A 1321 -3.10 -28.46 38.87
C ASP A 1321 -2.28 -28.23 40.13
N LEU A 1322 -1.27 -27.38 40.07
CA LEU A 1322 -0.38 -27.15 41.20
C LEU A 1322 -0.99 -26.13 42.16
N ASP B 17 -33.64 -22.04 -22.20
CA ASP B 17 -33.70 -20.77 -22.92
C ASP B 17 -33.85 -21.00 -24.42
N LYS B 18 -33.04 -21.90 -24.96
CA LYS B 18 -33.06 -22.26 -26.38
C LYS B 18 -32.83 -21.03 -27.26
N ARG B 19 -31.64 -20.45 -27.12
CA ARG B 19 -31.25 -19.29 -27.88
C ARG B 19 -30.66 -19.68 -29.23
N ARG B 20 -30.62 -18.72 -30.15
CA ARG B 20 -29.94 -18.88 -31.42
C ARG B 20 -28.52 -18.35 -31.30
N VAL B 21 -27.55 -19.11 -31.80
CA VAL B 21 -26.14 -18.83 -31.55
C VAL B 21 -25.44 -18.53 -32.86
N ALA B 22 -24.84 -17.34 -32.94
CA ALA B 22 -23.93 -16.99 -34.02
C ALA B 22 -22.51 -17.22 -33.55
N TYR B 23 -21.71 -17.84 -34.40
CA TYR B 23 -20.35 -18.24 -34.08
C TYR B 23 -19.42 -17.69 -35.14
N PHE B 24 -18.42 -16.91 -34.73
CA PHE B 24 -17.51 -16.24 -35.65
C PHE B 24 -16.16 -16.94 -35.64
N TYR B 25 -15.68 -17.31 -36.81
CA TYR B 25 -14.37 -17.95 -36.94
C TYR B 25 -13.75 -17.56 -38.27
N ASP B 26 -12.50 -17.14 -38.22
CA ASP B 26 -11.69 -16.86 -39.40
C ASP B 26 -10.61 -17.92 -39.50
N ALA B 27 -10.52 -18.59 -40.66
CA ALA B 27 -9.57 -19.68 -40.81
C ALA B 27 -8.12 -19.22 -40.85
N ASP B 28 -7.86 -17.92 -41.00
CA ASP B 28 -6.51 -17.40 -41.03
C ASP B 28 -5.99 -16.96 -39.68
N VAL B 29 -6.84 -16.96 -38.64
CA VAL B 29 -6.42 -16.43 -37.35
C VAL B 29 -5.33 -17.28 -36.72
N GLY B 30 -5.31 -18.58 -37.00
CA GLY B 30 -4.32 -19.45 -36.41
C GLY B 30 -2.95 -19.42 -37.08
N ASN B 31 -2.84 -18.77 -38.23
CA ASN B 31 -1.58 -18.72 -38.96
C ASN B 31 -0.64 -17.62 -38.47
N TYR B 32 -1.06 -16.82 -37.50
CA TYR B 32 -0.21 -15.81 -36.90
C TYR B 32 0.32 -16.32 -35.56
N ALA B 33 1.56 -15.94 -35.25
CA ALA B 33 2.19 -16.42 -34.03
C ALA B 33 3.13 -15.36 -33.49
N TYR B 34 3.28 -15.37 -32.17
CA TYR B 34 4.23 -14.50 -31.47
C TYR B 34 5.63 -15.10 -31.57
N GLY B 35 6.55 -14.62 -30.75
CA GLY B 35 7.89 -15.17 -30.71
C GLY B 35 7.90 -16.65 -30.39
N ALA B 36 9.11 -17.22 -30.46
CA ALA B 36 9.27 -18.66 -30.28
C ALA B 36 8.87 -19.09 -28.87
N GLY B 37 9.37 -18.39 -27.86
CA GLY B 37 9.08 -18.74 -26.49
C GLY B 37 7.90 -18.00 -25.87
N HIS B 38 7.16 -17.23 -26.64
CA HIS B 38 6.08 -16.43 -26.09
C HIS B 38 4.91 -17.33 -25.71
N PRO B 39 4.32 -17.15 -24.52
CA PRO B 39 3.22 -18.05 -24.11
C PRO B 39 1.94 -17.85 -24.89
N MET B 40 1.66 -16.63 -25.36
CA MET B 40 0.38 -16.35 -26.02
C MET B 40 0.43 -16.84 -27.46
N LYS B 41 -0.52 -17.70 -27.81
CA LYS B 41 -0.60 -18.31 -29.14
C LYS B 41 -2.03 -18.25 -29.66
N PRO B 42 -2.25 -17.75 -30.88
CA PRO B 42 -3.60 -17.85 -31.47
C PRO B 42 -3.97 -19.27 -31.89
N HIS B 43 -3.03 -20.22 -31.85
CA HIS B 43 -3.28 -21.56 -32.34
C HIS B 43 -4.41 -22.24 -31.58
N ARG B 44 -4.60 -21.90 -30.30
CA ARG B 44 -5.68 -22.51 -29.53
C ARG B 44 -7.04 -22.22 -30.15
N ILE B 45 -7.19 -21.06 -30.79
CA ILE B 45 -8.44 -20.76 -31.47
C ILE B 45 -8.69 -21.75 -32.58
N ARG B 46 -7.62 -22.11 -33.32
CA ARG B 46 -7.74 -23.15 -34.33
C ARG B 46 -8.06 -24.50 -33.72
N MET B 47 -7.67 -24.72 -32.46
CA MET B 47 -7.91 -26.01 -31.82
C MET B 47 -9.35 -26.12 -31.34
N ALA B 48 -9.84 -25.10 -30.64
CA ALA B 48 -11.21 -25.13 -30.14
C ALA B 48 -12.22 -25.25 -31.27
N HIS B 49 -11.90 -24.69 -32.44
CA HIS B 49 -12.75 -24.89 -33.60
C HIS B 49 -12.78 -26.36 -34.02
N SER B 50 -11.61 -27.01 -34.04
CA SER B 50 -11.54 -28.38 -34.53
C SER B 50 -12.35 -29.33 -33.68
N LEU B 51 -12.37 -29.11 -32.36
CA LEU B 51 -13.26 -29.87 -31.49
C LEU B 51 -14.72 -29.53 -31.79
N ILE B 52 -15.03 -28.24 -31.91
CA ILE B 52 -16.42 -27.81 -32.03
C ILE B 52 -17.06 -28.40 -33.26
N MET B 53 -16.35 -28.39 -34.39
CA MET B 53 -16.89 -28.99 -35.60
C MET B 53 -16.96 -30.50 -35.50
N ASN B 54 -16.01 -31.12 -34.79
CA ASN B 54 -15.99 -32.58 -34.70
C ASN B 54 -16.99 -33.12 -33.69
N TYR B 55 -17.52 -32.26 -32.82
CA TYR B 55 -18.62 -32.65 -31.94
C TYR B 55 -19.98 -32.50 -32.61
N GLY B 56 -20.03 -31.89 -33.80
CA GLY B 56 -21.28 -31.70 -34.49
C GLY B 56 -22.07 -30.49 -34.06
N LEU B 57 -21.43 -29.48 -33.48
CA LEU B 57 -22.14 -28.28 -33.04
C LEU B 57 -22.44 -27.31 -34.18
N TYR B 58 -21.89 -27.54 -35.37
CA TYR B 58 -22.22 -26.68 -36.50
C TYR B 58 -23.67 -26.85 -36.95
N LYS B 59 -24.31 -27.95 -36.57
CA LYS B 59 -25.71 -28.15 -36.89
C LYS B 59 -26.64 -27.31 -36.02
N LYS B 60 -26.14 -26.79 -34.91
CA LYS B 60 -26.95 -25.98 -34.00
C LYS B 60 -26.63 -24.50 -34.06
N MET B 61 -25.58 -24.09 -34.77
CA MET B 61 -25.10 -22.72 -34.76
C MET B 61 -25.01 -22.20 -36.18
N GLU B 62 -25.02 -20.87 -36.29
CA GLU B 62 -24.79 -20.20 -37.57
C GLU B 62 -23.36 -19.66 -37.59
N ILE B 63 -22.54 -20.16 -38.50
CA ILE B 63 -21.12 -19.86 -38.53
C ILE B 63 -20.88 -18.75 -39.56
N TYR B 64 -20.21 -17.69 -39.13
CA TYR B 64 -19.92 -16.53 -39.96
C TYR B 64 -18.43 -16.24 -39.95
N ARG B 65 -18.01 -15.42 -40.90
CA ARG B 65 -16.64 -14.89 -40.97
C ARG B 65 -16.77 -13.38 -41.10
N ALA B 66 -16.54 -12.67 -40.01
CA ALA B 66 -16.73 -11.22 -40.00
C ALA B 66 -15.72 -10.53 -40.90
N LYS B 67 -16.15 -9.44 -41.51
CA LYS B 67 -15.25 -8.62 -42.30
C LYS B 67 -14.24 -7.94 -41.38
N PRO B 68 -12.95 -7.99 -41.68
CA PRO B 68 -11.95 -7.41 -40.77
C PRO B 68 -12.14 -5.91 -40.60
N ALA B 69 -11.76 -5.42 -39.43
CA ALA B 69 -11.93 -4.02 -39.10
C ALA B 69 -10.95 -3.15 -39.87
N THR B 70 -11.36 -1.90 -40.12
CA THR B 70 -10.54 -0.91 -40.80
C THR B 70 -9.96 0.08 -39.79
N LYS B 71 -9.05 0.91 -40.29
CA LYS B 71 -8.36 1.86 -39.42
C LYS B 71 -9.35 2.83 -38.77
N GLN B 72 -10.33 3.31 -39.54
CA GLN B 72 -11.31 4.25 -38.99
C GLN B 72 -12.14 3.60 -37.91
N GLU B 73 -12.47 2.31 -38.06
CA GLU B 73 -13.25 1.61 -37.05
C GLU B 73 -12.44 1.38 -35.79
N MET B 74 -11.15 1.08 -35.92
CA MET B 74 -10.29 0.96 -34.74
C MET B 74 -10.15 2.30 -34.03
N CYS B 75 -10.04 3.39 -34.79
CA CYS B 75 -9.82 4.71 -34.21
C CYS B 75 -11.03 5.26 -33.47
N GLN B 76 -12.13 4.49 -33.34
CA GLN B 76 -13.22 4.94 -32.50
C GLN B 76 -12.82 4.96 -31.03
N PHE B 77 -11.84 4.15 -30.65
CA PHE B 77 -11.32 4.13 -29.28
C PHE B 77 -9.86 4.51 -29.21
N HIS B 78 -9.03 3.98 -30.10
CA HIS B 78 -7.60 4.27 -30.09
C HIS B 78 -7.32 5.59 -30.82
N THR B 79 -6.08 6.05 -30.69
CA THR B 79 -5.66 7.28 -31.34
C THR B 79 -5.16 6.99 -32.76
N ASP B 80 -5.16 8.03 -33.59
CA ASP B 80 -4.72 7.87 -34.98
C ASP B 80 -3.23 7.52 -35.04
N GLU B 81 -2.42 8.11 -34.18
CA GLU B 81 -0.99 7.85 -34.20
C GLU B 81 -0.68 6.40 -33.84
N TYR B 82 -1.35 5.86 -32.82
CA TYR B 82 -1.10 4.49 -32.41
C TYR B 82 -1.54 3.50 -33.48
N ILE B 83 -2.72 3.71 -34.07
CA ILE B 83 -3.21 2.81 -35.10
C ILE B 83 -2.34 2.90 -36.35
N ASP B 84 -1.87 4.11 -36.68
CA ASP B 84 -0.99 4.29 -37.82
C ASP B 84 0.34 3.62 -37.60
N PHE B 85 0.85 3.64 -36.35
CA PHE B 85 2.08 2.91 -36.05
C PHE B 85 1.87 1.41 -36.15
N LEU B 86 0.72 0.91 -35.69
CA LEU B 86 0.47 -0.53 -35.75
C LEU B 86 0.34 -1.02 -37.18
N SER B 87 -0.20 -0.21 -38.09
CA SER B 87 -0.36 -0.61 -39.47
C SER B 87 0.92 -0.49 -40.29
N ARG B 88 1.97 0.10 -39.73
CA ARG B 88 3.24 0.23 -40.44
C ARG B 88 4.36 -0.58 -39.82
N VAL B 89 4.29 -0.93 -38.55
CA VAL B 89 5.40 -1.58 -37.87
C VAL B 89 5.56 -3.00 -38.38
N THR B 90 6.82 -3.44 -38.48
CA THR B 90 7.20 -4.74 -39.03
C THR B 90 8.47 -5.16 -38.33
N PRO B 91 8.70 -6.46 -38.14
CA PRO B 91 9.97 -6.91 -37.53
C PRO B 91 11.19 -6.41 -38.28
N ASP B 92 11.09 -6.15 -39.59
CA ASP B 92 12.23 -5.68 -40.34
C ASP B 92 12.60 -4.24 -39.98
N ASN B 93 11.61 -3.35 -39.91
CA ASN B 93 11.86 -1.92 -39.79
C ASN B 93 11.69 -1.40 -38.36
N LEU B 94 11.72 -2.29 -37.37
CA LEU B 94 11.53 -1.86 -35.98
C LEU B 94 12.62 -0.87 -35.55
N GLU B 95 13.81 -0.98 -36.13
CA GLU B 95 14.88 -0.06 -35.80
C GLU B 95 14.59 1.36 -36.27
N MET B 96 13.69 1.53 -37.23
CA MET B 96 13.32 2.87 -37.69
C MET B 96 12.26 3.53 -36.82
N PHE B 97 11.67 2.79 -35.89
CA PHE B 97 10.67 3.32 -34.96
C PHE B 97 11.20 3.13 -33.55
N LYS B 98 12.00 4.10 -33.08
CA LYS B 98 12.56 4.06 -31.75
C LYS B 98 11.82 4.92 -30.75
N ARG B 99 11.17 5.99 -31.20
CA ARG B 99 10.36 6.81 -30.31
C ARG B 99 8.96 6.25 -30.13
N GLU B 100 8.41 5.61 -31.17
CA GLU B 100 7.07 5.04 -31.07
C GLU B 100 7.04 3.77 -30.24
N SER B 101 8.13 2.99 -30.25
CA SER B 101 8.17 1.76 -29.47
C SER B 101 8.10 2.02 -27.98
N VAL B 102 8.65 3.15 -27.52
CA VAL B 102 8.57 3.50 -26.11
C VAL B 102 7.31 4.30 -25.80
N LYS B 103 6.77 5.03 -26.79
CA LYS B 103 5.47 5.67 -26.61
C LYS B 103 4.39 4.63 -26.39
N PHE B 104 4.38 3.57 -27.19
CA PHE B 104 3.26 2.66 -27.30
C PHE B 104 3.52 1.30 -26.68
N ASN B 105 4.72 1.06 -26.16
CA ASN B 105 5.06 -0.20 -25.48
C ASN B 105 4.83 -1.40 -26.40
N VAL B 106 5.35 -1.30 -27.62
CA VAL B 106 5.26 -2.37 -28.61
C VAL B 106 6.66 -2.87 -28.91
N GLY B 107 7.52 -2.86 -27.90
CA GLY B 107 8.89 -3.33 -28.06
C GLY B 107 9.11 -4.72 -27.52
N ASP B 108 9.65 -4.82 -26.31
CA ASP B 108 9.99 -6.11 -25.72
C ASP B 108 8.82 -6.73 -24.95
N ASP B 109 8.07 -5.93 -24.21
CA ASP B 109 6.93 -6.45 -23.45
C ASP B 109 5.92 -7.10 -24.39
N CYS B 110 5.38 -6.32 -25.32
CA CYS B 110 4.52 -6.85 -26.37
C CYS B 110 5.29 -6.84 -27.68
N PRO B 111 5.69 -8.00 -28.21
CA PRO B 111 6.56 -8.00 -29.39
C PRO B 111 5.86 -7.62 -30.67
N VAL B 112 6.62 -7.57 -31.76
CA VAL B 112 6.09 -7.28 -33.08
C VAL B 112 6.38 -8.49 -33.97
N PHE B 113 5.34 -9.05 -34.58
CA PHE B 113 5.49 -10.21 -35.44
C PHE B 113 4.91 -9.89 -36.82
N ASP B 114 4.91 -10.90 -37.70
CA ASP B 114 4.57 -10.66 -39.09
C ASP B 114 3.09 -10.35 -39.30
N GLY B 115 2.23 -10.92 -38.49
CA GLY B 115 0.80 -10.79 -38.72
C GLY B 115 0.04 -10.01 -37.67
N LEU B 116 0.63 -8.92 -37.18
CA LEU B 116 0.03 -8.19 -36.07
C LEU B 116 -1.26 -7.48 -36.49
N TYR B 117 -1.20 -6.74 -37.61
CA TYR B 117 -2.32 -5.89 -37.97
C TYR B 117 -3.52 -6.70 -38.45
N GLU B 118 -3.28 -7.73 -39.27
CA GLU B 118 -4.39 -8.56 -39.73
C GLU B 118 -5.02 -9.34 -38.58
N TYR B 119 -4.22 -9.82 -37.63
CA TYR B 119 -4.78 -10.48 -36.46
C TYR B 119 -5.65 -9.52 -35.65
N CYS B 120 -5.16 -8.30 -35.43
CA CYS B 120 -5.94 -7.32 -34.68
C CYS B 120 -7.24 -6.97 -35.40
N SER B 121 -7.17 -6.80 -36.72
CA SER B 121 -8.36 -6.48 -37.50
C SER B 121 -9.36 -7.63 -37.47
N ILE B 122 -8.89 -8.87 -37.55
CA ILE B 122 -9.79 -10.02 -37.47
C ILE B 122 -10.51 -10.02 -36.12
N SER B 123 -9.77 -9.86 -35.03
CA SER B 123 -10.38 -9.87 -33.71
C SER B 123 -11.41 -8.75 -33.56
N GLY B 124 -11.05 -7.53 -33.96
CA GLY B 124 -11.95 -6.41 -33.82
C GLY B 124 -13.19 -6.54 -34.70
N GLY B 125 -13.00 -7.00 -35.94
CA GLY B 125 -14.14 -7.20 -36.81
C GLY B 125 -15.08 -8.26 -36.28
N GLY B 126 -14.54 -9.34 -35.71
CA GLY B 126 -15.39 -10.34 -35.11
C GLY B 126 -16.23 -9.78 -33.97
N SER B 127 -15.60 -9.03 -33.07
CA SER B 127 -16.34 -8.46 -31.94
C SER B 127 -17.41 -7.48 -32.42
N MET B 128 -17.05 -6.59 -33.35
CA MET B 128 -17.99 -5.59 -33.83
C MET B 128 -19.15 -6.22 -34.59
N GLU B 129 -18.87 -7.26 -35.39
CA GLU B 129 -19.94 -7.94 -36.11
C GLU B 129 -20.86 -8.70 -35.17
N GLY B 130 -20.30 -9.32 -34.12
CA GLY B 130 -21.15 -9.97 -33.14
C GLY B 130 -22.07 -8.98 -32.43
N ALA B 131 -21.52 -7.83 -32.05
CA ALA B 131 -22.36 -6.80 -31.45
C ALA B 131 -23.42 -6.30 -32.41
N ALA B 132 -23.07 -6.15 -33.70
CA ALA B 132 -24.04 -5.70 -34.69
C ALA B 132 -25.17 -6.71 -34.87
N ARG B 133 -24.83 -8.01 -34.89
CA ARG B 133 -25.88 -9.02 -35.00
C ARG B 133 -26.76 -9.06 -33.76
N LEU B 134 -26.18 -8.80 -32.58
CA LEU B 134 -27.01 -8.68 -31.39
C LEU B 134 -27.94 -7.48 -31.46
N ASN B 135 -27.47 -6.37 -32.02
CA ASN B 135 -28.30 -5.17 -32.13
C ASN B 135 -29.51 -5.42 -33.04
N ARG B 136 -29.27 -6.01 -34.21
CA ARG B 136 -30.32 -6.21 -35.20
C ARG B 136 -31.33 -7.27 -34.79
N GLY B 137 -31.09 -8.02 -33.73
CA GLY B 137 -31.98 -9.09 -33.32
C GLY B 137 -31.83 -10.37 -34.10
N LYS B 138 -30.77 -10.50 -34.90
CA LYS B 138 -30.58 -11.72 -35.68
C LYS B 138 -30.37 -12.93 -34.78
N CYS B 139 -29.62 -12.76 -33.71
CA CYS B 139 -29.33 -13.84 -32.77
C CYS B 139 -29.49 -13.32 -31.35
N ASP B 140 -29.33 -14.22 -30.38
CA ASP B 140 -29.31 -13.85 -28.97
C ASP B 140 -28.00 -14.19 -28.28
N VAL B 141 -27.13 -14.97 -28.91
CA VAL B 141 -25.80 -15.27 -28.39
C VAL B 141 -24.82 -15.13 -29.54
N ALA B 142 -23.79 -14.32 -29.35
CA ALA B 142 -22.70 -14.18 -30.31
C ALA B 142 -21.42 -14.66 -29.65
N VAL B 143 -20.68 -15.50 -30.37
CA VAL B 143 -19.45 -16.11 -29.86
C VAL B 143 -18.30 -15.72 -30.76
N ASN B 144 -17.23 -15.18 -30.16
CA ASN B 144 -16.03 -14.80 -30.92
C ASN B 144 -14.83 -15.01 -30.00
N TYR B 145 -14.14 -16.14 -30.17
CA TYR B 145 -13.01 -16.46 -29.31
C TYR B 145 -11.74 -15.75 -29.72
N ALA B 146 -11.68 -15.21 -30.94
CA ALA B 146 -10.52 -14.40 -31.32
C ALA B 146 -10.46 -13.10 -30.52
N GLY B 147 -11.61 -12.57 -30.12
CA GLY B 147 -11.66 -11.36 -29.33
C GLY B 147 -11.26 -11.59 -27.90
N GLY B 148 -11.54 -10.60 -27.06
CA GLY B 148 -11.26 -10.69 -25.65
C GLY B 148 -9.97 -10.06 -25.18
N LEU B 149 -9.31 -9.25 -26.01
CA LEU B 149 -8.09 -8.56 -25.61
C LEU B 149 -8.47 -7.40 -24.70
N HIS B 150 -8.35 -7.60 -23.40
CA HIS B 150 -8.89 -6.68 -22.40
C HIS B 150 -7.81 -5.84 -21.72
N HIS B 151 -6.67 -5.63 -22.37
CA HIS B 151 -5.55 -4.96 -21.74
C HIS B 151 -5.07 -3.71 -22.46
N ALA B 152 -5.19 -3.64 -23.78
CA ALA B 152 -4.74 -2.47 -24.53
C ALA B 152 -5.60 -1.26 -24.20
N LYS B 153 -4.95 -0.10 -24.02
CA LYS B 153 -5.67 1.12 -23.63
C LYS B 153 -5.27 2.29 -24.54
N LYS B 154 -5.87 2.34 -25.73
CA LYS B 154 -6.10 3.54 -26.52
C LYS B 154 -4.83 4.21 -27.06
N SER B 155 -3.69 3.93 -26.46
CA SER B 155 -2.45 4.50 -26.98
C SER B 155 -1.25 3.59 -26.78
N GLU B 156 -1.42 2.38 -26.26
CA GLU B 156 -0.27 1.56 -25.91
C GLU B 156 -0.69 0.10 -25.86
N ALA B 157 0.27 -0.77 -26.16
CA ALA B 157 0.07 -2.20 -26.00
C ALA B 157 0.35 -2.59 -24.55
N SER B 158 -0.40 -3.58 -24.07
CA SER B 158 -0.22 -4.04 -22.70
C SER B 158 -0.72 -5.48 -22.61
N GLY B 159 0.02 -6.31 -21.88
CA GLY B 159 -0.41 -7.66 -21.60
C GLY B 159 -0.69 -8.51 -22.82
N PHE B 160 0.19 -8.46 -23.81
CA PHE B 160 0.08 -9.18 -25.07
C PHE B 160 -1.10 -8.73 -25.92
N CYS B 161 -1.71 -7.60 -25.58
CA CYS B 161 -2.87 -7.08 -26.29
C CYS B 161 -2.49 -5.80 -27.02
N TYR B 162 -2.91 -5.69 -28.28
CA TYR B 162 -2.61 -4.52 -29.09
C TYR B 162 -3.83 -3.73 -29.52
N LEU B 163 -5.03 -4.33 -29.49
CA LEU B 163 -6.25 -3.64 -29.87
C LEU B 163 -7.37 -4.11 -28.96
N ASN B 164 -8.04 -3.15 -28.31
CA ASN B 164 -9.12 -3.47 -27.37
C ASN B 164 -10.40 -3.61 -28.17
N ASP B 165 -10.67 -4.84 -28.63
CA ASP B 165 -11.87 -5.13 -29.39
C ASP B 165 -13.12 -5.23 -28.54
N ILE B 166 -12.97 -5.49 -27.24
CA ILE B 166 -14.11 -5.47 -26.34
C ILE B 166 -14.72 -4.08 -26.27
N VAL B 167 -13.87 -3.05 -26.23
CA VAL B 167 -14.36 -1.68 -26.19
C VAL B 167 -15.10 -1.35 -27.48
N LEU B 168 -14.56 -1.79 -28.63
CA LEU B 168 -15.24 -1.56 -29.90
C LEU B 168 -16.59 -2.27 -29.94
N GLY B 169 -16.66 -3.50 -29.46
CA GLY B 169 -17.92 -4.22 -29.45
C GLY B 169 -18.95 -3.58 -28.53
N ILE B 170 -18.51 -3.10 -27.36
CA ILE B 170 -19.43 -2.43 -26.45
C ILE B 170 -19.89 -1.10 -27.03
N ILE B 171 -19.00 -0.40 -27.73
CA ILE B 171 -19.39 0.83 -28.41
C ILE B 171 -20.46 0.54 -29.45
N GLU B 172 -20.28 -0.53 -30.23
CA GLU B 172 -21.30 -0.94 -31.18
C GLU B 172 -22.59 -1.34 -30.47
N LEU B 173 -22.48 -1.89 -29.26
CA LEU B 173 -23.67 -2.26 -28.51
C LEU B 173 -24.40 -1.05 -27.94
N LEU B 174 -23.67 -0.01 -27.55
CA LEU B 174 -24.28 1.16 -26.92
C LEU B 174 -25.15 1.97 -27.86
N ARG B 175 -25.09 1.70 -29.16
CA ARG B 175 -25.94 2.40 -30.12
C ARG B 175 -27.39 1.95 -30.06
N TYR B 176 -27.67 0.83 -29.39
CA TYR B 176 -29.04 0.34 -29.24
C TYR B 176 -29.45 0.06 -27.82
N HIS B 177 -28.51 -0.11 -26.88
CA HIS B 177 -28.86 -0.48 -25.52
C HIS B 177 -28.50 0.63 -24.55
N PRO B 178 -29.38 0.94 -23.59
CA PRO B 178 -29.03 1.97 -22.60
C PRO B 178 -27.90 1.56 -21.68
N ARG B 179 -27.93 0.32 -21.15
CA ARG B 179 -26.93 -0.15 -20.21
C ARG B 179 -26.36 -1.47 -20.67
N VAL B 180 -25.04 -1.62 -20.52
CA VAL B 180 -24.33 -2.83 -20.90
C VAL B 180 -23.48 -3.29 -19.73
N LEU B 181 -23.59 -4.57 -19.38
CA LEU B 181 -22.76 -5.18 -18.36
C LEU B 181 -21.58 -5.89 -19.01
N TYR B 182 -20.41 -5.77 -18.40
CA TYR B 182 -19.21 -6.47 -18.83
C TYR B 182 -18.71 -7.31 -17.66
N ILE B 183 -18.51 -8.61 -17.89
CA ILE B 183 -18.08 -9.54 -16.87
C ILE B 183 -16.74 -10.13 -17.29
N ASP B 184 -15.78 -10.15 -16.36
CA ASP B 184 -14.45 -10.66 -16.61
C ASP B 184 -14.10 -11.70 -15.55
N ILE B 185 -13.77 -12.92 -15.99
CA ILE B 185 -13.41 -14.02 -15.11
C ILE B 185 -11.97 -14.48 -15.34
N ASP B 186 -11.19 -13.71 -16.10
CA ASP B 186 -9.75 -13.93 -16.19
C ASP B 186 -9.09 -13.64 -14.84
N VAL B 187 -7.93 -14.27 -14.60
CA VAL B 187 -7.22 -14.00 -13.36
C VAL B 187 -6.73 -12.56 -13.31
N HIS B 188 -6.49 -11.96 -14.47
CA HIS B 188 -5.98 -10.60 -14.53
C HIS B 188 -7.12 -9.60 -14.52
N HIS B 189 -6.86 -8.45 -13.92
CA HIS B 189 -7.80 -7.35 -13.93
C HIS B 189 -7.98 -6.81 -15.34
N GLY B 190 -9.22 -6.53 -15.72
CA GLY B 190 -9.50 -5.97 -17.02
C GLY B 190 -9.25 -4.47 -17.06
N ASP B 191 -7.98 -4.09 -17.08
CA ASP B 191 -7.62 -2.68 -16.91
C ASP B 191 -8.08 -1.82 -18.08
N GLY B 192 -7.93 -2.32 -19.31
CA GLY B 192 -8.30 -1.51 -20.45
C GLY B 192 -9.78 -1.22 -20.52
N VAL B 193 -10.61 -2.24 -20.33
CA VAL B 193 -12.06 -2.05 -20.42
C VAL B 193 -12.57 -1.21 -19.25
N GLU B 194 -12.05 -1.46 -18.05
CA GLU B 194 -12.47 -0.67 -16.90
C GLU B 194 -12.05 0.79 -17.05
N GLU B 195 -10.84 1.04 -17.56
CA GLU B 195 -10.37 2.39 -17.78
C GLU B 195 -11.16 3.11 -18.86
N ALA B 196 -11.59 2.38 -19.90
CA ALA B 196 -12.31 3.00 -21.00
C ALA B 196 -13.65 3.55 -20.57
N PHE B 197 -14.34 2.86 -19.66
CA PHE B 197 -15.67 3.25 -19.22
C PHE B 197 -15.69 3.60 -17.73
N TYR B 198 -14.60 4.16 -17.23
CA TYR B 198 -14.47 4.39 -15.79
C TYR B 198 -15.32 5.56 -15.30
N THR B 199 -15.72 6.46 -16.20
CA THR B 199 -16.48 7.65 -15.81
C THR B 199 -17.90 7.68 -16.36
N THR B 200 -18.41 6.56 -16.86
CA THR B 200 -19.74 6.50 -17.42
C THR B 200 -20.58 5.46 -16.69
N ASP B 201 -21.88 5.71 -16.64
CA ASP B 201 -22.85 4.75 -16.11
C ASP B 201 -23.50 3.90 -17.19
N ARG B 202 -23.18 4.17 -18.47
CA ARG B 202 -23.73 3.36 -19.55
C ARG B 202 -23.20 1.93 -19.49
N VAL B 203 -21.93 1.76 -19.14
CA VAL B 203 -21.29 0.45 -19.08
C VAL B 203 -20.87 0.19 -17.65
N MET B 204 -21.21 -0.99 -17.14
CA MET B 204 -20.80 -1.42 -15.81
C MET B 204 -19.83 -2.58 -15.94
N THR B 205 -18.60 -2.38 -15.47
CA THR B 205 -17.56 -3.40 -15.55
C THR B 205 -17.47 -4.13 -14.21
N CYS B 206 -17.40 -5.46 -14.28
CA CYS B 206 -17.24 -6.30 -13.10
C CYS B 206 -16.13 -7.31 -13.39
N SER B 207 -15.14 -7.35 -12.51
CA SER B 207 -13.96 -8.17 -12.69
C SER B 207 -13.75 -9.04 -11.47
N PHE B 208 -13.42 -10.32 -11.69
CA PHE B 208 -13.02 -11.24 -10.63
C PHE B 208 -11.57 -11.60 -10.92
N HIS B 209 -10.64 -11.06 -10.12
CA HIS B 209 -9.24 -11.17 -10.47
C HIS B 209 -8.39 -11.42 -9.24
N LYS B 210 -7.17 -11.88 -9.49
CA LYS B 210 -6.19 -12.08 -8.42
C LYS B 210 -5.44 -10.78 -8.18
N TYR B 211 -5.57 -10.22 -6.99
CA TYR B 211 -4.95 -8.96 -6.64
C TYR B 211 -3.81 -9.18 -5.65
N GLY B 212 -2.70 -8.51 -5.91
CA GLY B 212 -1.50 -8.64 -5.09
C GLY B 212 -0.32 -8.08 -5.83
N GLU B 213 0.76 -8.86 -5.90
CA GLU B 213 1.89 -8.53 -6.77
C GLU B 213 1.71 -9.18 -8.14
N PHE B 214 0.56 -8.95 -8.75
CA PHE B 214 0.20 -9.55 -10.02
C PHE B 214 0.18 -8.48 -11.11
N PHE B 215 0.24 -8.94 -12.37
CA PHE B 215 0.60 -8.08 -13.49
C PHE B 215 -0.25 -6.82 -13.63
N PRO B 216 -1.58 -6.87 -13.63
CA PRO B 216 -2.34 -5.64 -13.89
C PRO B 216 -2.16 -4.58 -12.82
N GLY B 217 -1.73 -4.95 -11.62
CA GLY B 217 -1.38 -3.99 -10.59
C GLY B 217 -2.56 -3.24 -10.01
N THR B 218 -3.62 -3.15 -10.78
CA THR B 218 -4.84 -2.43 -10.46
C THR B 218 -5.94 -3.42 -10.13
N GLY B 219 -7.08 -2.89 -9.71
CA GLY B 219 -8.20 -3.74 -9.35
C GLY B 219 -8.44 -3.84 -7.87
N GLU B 220 -8.22 -2.74 -7.15
CA GLU B 220 -8.45 -2.70 -5.72
C GLU B 220 -9.94 -2.62 -5.42
N LEU B 221 -10.30 -2.97 -4.19
CA LEU B 221 -11.69 -2.96 -3.76
C LEU B 221 -12.27 -1.55 -3.68
N ARG B 222 -11.44 -0.52 -3.75
CA ARG B 222 -11.88 0.87 -3.65
C ARG B 222 -11.68 1.61 -4.97
N ASP B 223 -11.98 0.96 -6.08
CA ASP B 223 -11.85 1.56 -7.40
C ASP B 223 -13.21 1.61 -8.09
N ILE B 224 -14.21 2.12 -7.37
CA ILE B 224 -15.60 2.04 -7.78
C ILE B 224 -15.96 2.94 -8.94
N GLY B 225 -15.11 3.87 -9.33
CA GLY B 225 -15.40 4.77 -10.44
C GLY B 225 -15.31 6.23 -10.02
N VAL B 226 -15.35 7.09 -11.03
CA VAL B 226 -15.18 8.53 -10.88
C VAL B 226 -16.29 9.26 -11.62
N GLY B 227 -16.88 10.26 -10.97
CA GLY B 227 -17.80 11.15 -11.66
C GLY B 227 -19.18 10.54 -11.78
N ALA B 228 -19.70 10.52 -13.00
CA ALA B 228 -20.98 9.88 -13.25
C ALA B 228 -20.89 8.36 -13.20
N GLY B 229 -19.68 7.81 -13.33
CA GLY B 229 -19.48 6.37 -13.32
C GLY B 229 -19.12 5.83 -11.95
N LYS B 230 -19.32 6.64 -10.91
CA LYS B 230 -19.07 6.18 -9.56
C LYS B 230 -20.03 5.06 -9.20
N ASN B 231 -19.49 4.01 -8.56
CA ASN B 231 -20.18 2.78 -8.18
C ASN B 231 -20.55 1.90 -9.36
N TYR B 232 -20.02 2.19 -10.55
CA TYR B 232 -20.26 1.38 -11.73
C TYR B 232 -19.00 0.64 -12.18
N ALA B 233 -18.13 0.31 -11.22
CA ALA B 233 -16.97 -0.54 -11.47
C ALA B 233 -16.79 -1.43 -10.25
N VAL B 234 -16.88 -2.74 -10.45
CA VAL B 234 -16.82 -3.71 -9.36
C VAL B 234 -15.58 -4.56 -9.54
N ASN B 235 -14.78 -4.66 -8.48
CA ASN B 235 -13.59 -5.50 -8.46
C ASN B 235 -13.70 -6.50 -7.32
N VAL B 236 -13.45 -7.76 -7.62
CA VAL B 236 -13.39 -8.82 -6.62
C VAL B 236 -11.96 -9.33 -6.57
N PRO B 237 -11.17 -8.86 -5.60
CA PRO B 237 -9.78 -9.32 -5.45
C PRO B 237 -9.73 -10.62 -4.67
N LEU B 238 -9.17 -11.65 -5.29
CA LEU B 238 -9.12 -12.99 -4.73
C LEU B 238 -7.68 -13.40 -4.50
N ARG B 239 -7.51 -14.55 -3.86
CA ARG B 239 -6.20 -15.09 -3.51
C ARG B 239 -5.92 -16.33 -4.35
N ASP B 240 -4.73 -16.89 -4.16
CA ASP B 240 -4.31 -18.07 -4.90
C ASP B 240 -5.13 -19.29 -4.51
N GLY B 241 -5.24 -20.23 -5.44
CA GLY B 241 -5.78 -21.54 -5.12
C GLY B 241 -7.28 -21.61 -4.96
N ILE B 242 -8.02 -20.64 -5.48
CA ILE B 242 -9.47 -20.68 -5.38
C ILE B 242 -10.02 -21.81 -6.25
N ASP B 243 -11.05 -22.48 -5.76
CA ASP B 243 -11.62 -23.65 -6.42
C ASP B 243 -13.06 -23.35 -6.86
N ASP B 244 -13.73 -24.36 -7.39
CA ASP B 244 -15.04 -24.16 -7.99
C ASP B 244 -16.10 -23.81 -6.94
N ALA B 245 -16.11 -24.53 -5.82
CA ALA B 245 -17.15 -24.33 -4.82
C ALA B 245 -17.07 -22.95 -4.17
N THR B 246 -15.88 -22.37 -4.11
CA THR B 246 -15.70 -21.02 -3.57
C THR B 246 -15.88 -19.96 -4.65
N TYR B 247 -15.38 -20.23 -5.85
CA TYR B 247 -15.53 -19.27 -6.94
C TYR B 247 -16.99 -19.04 -7.29
N ARG B 248 -17.79 -20.11 -7.33
CA ARG B 248 -19.21 -19.91 -7.62
C ARG B 248 -19.93 -19.25 -6.45
N SER B 249 -19.52 -19.54 -5.21
CA SER B 249 -20.14 -18.90 -4.05
C SER B 249 -19.85 -17.40 -4.02
N VAL B 250 -18.75 -16.98 -4.64
CA VAL B 250 -18.50 -15.55 -4.80
C VAL B 250 -19.19 -14.99 -6.03
N PHE B 251 -19.19 -15.76 -7.13
CA PHE B 251 -19.61 -15.24 -8.42
C PHE B 251 -21.12 -15.09 -8.51
N GLU B 252 -21.88 -16.07 -8.02
CA GLU B 252 -23.33 -16.05 -8.20
C GLU B 252 -23.99 -14.88 -7.45
N PRO B 253 -23.74 -14.65 -6.15
CA PRO B 253 -24.43 -13.53 -5.48
C PRO B 253 -24.10 -12.17 -6.08
N VAL B 254 -22.83 -11.92 -6.41
CA VAL B 254 -22.44 -10.62 -6.95
C VAL B 254 -23.13 -10.37 -8.29
N ILE B 255 -23.06 -11.35 -9.19
CA ILE B 255 -23.66 -11.19 -10.50
C ILE B 255 -25.18 -11.06 -10.40
N LYS B 256 -25.79 -11.83 -9.49
CA LYS B 256 -27.23 -11.73 -9.30
C LYS B 256 -27.63 -10.34 -8.82
N LYS B 257 -26.91 -9.81 -7.83
CA LYS B 257 -27.23 -8.49 -7.31
C LYS B 257 -27.05 -7.42 -8.38
N ILE B 258 -25.97 -7.53 -9.17
CA ILE B 258 -25.75 -6.60 -10.27
C ILE B 258 -26.91 -6.68 -11.25
N MET B 259 -27.37 -7.90 -11.56
CA MET B 259 -28.46 -8.06 -12.51
C MET B 259 -29.76 -7.43 -12.01
N GLU B 260 -30.06 -7.62 -10.72
CA GLU B 260 -31.31 -7.04 -10.20
C GLU B 260 -31.24 -5.52 -10.09
N TRP B 261 -30.07 -4.98 -9.74
CA TRP B 261 -30.01 -3.54 -9.48
C TRP B 261 -29.56 -2.73 -10.70
N TYR B 262 -28.54 -3.19 -11.43
CA TYR B 262 -28.12 -2.45 -12.61
C TYR B 262 -29.06 -2.69 -13.79
N GLN B 263 -29.60 -3.91 -13.91
CA GLN B 263 -30.51 -4.32 -14.97
C GLN B 263 -29.96 -4.00 -16.35
N PRO B 264 -28.88 -4.66 -16.78
CA PRO B 264 -28.32 -4.36 -18.10
C PRO B 264 -29.23 -4.85 -19.22
N SER B 265 -29.12 -4.19 -20.37
CA SER B 265 -29.82 -4.62 -21.58
C SER B 265 -29.05 -5.65 -22.37
N ALA B 266 -27.73 -5.70 -22.22
CA ALA B 266 -26.89 -6.70 -22.85
C ALA B 266 -25.70 -6.96 -21.95
N VAL B 267 -25.07 -8.12 -22.11
CA VAL B 267 -23.94 -8.52 -21.29
C VAL B 267 -22.85 -9.09 -22.19
N VAL B 268 -21.62 -8.68 -21.95
CA VAL B 268 -20.43 -9.24 -22.58
C VAL B 268 -19.70 -10.04 -21.51
N LEU B 269 -19.23 -11.23 -21.88
CA LEU B 269 -18.56 -12.13 -20.97
C LEU B 269 -17.21 -12.53 -21.55
N GLN B 270 -16.13 -12.17 -20.86
CA GLN B 270 -14.78 -12.54 -21.27
C GLN B 270 -14.42 -13.86 -20.59
N CYS B 271 -14.38 -14.94 -21.38
CA CYS B 271 -14.11 -16.28 -20.86
C CYS B 271 -12.64 -16.60 -21.10
N GLY B 272 -11.78 -15.99 -20.30
CA GLY B 272 -10.35 -16.28 -20.38
C GLY B 272 -10.01 -17.51 -19.56
N GLY B 273 -9.20 -18.39 -20.16
CA GLY B 273 -8.78 -19.62 -19.53
C GLY B 273 -7.65 -19.48 -18.54
N ASP B 274 -7.26 -18.25 -18.21
CA ASP B 274 -6.17 -18.02 -17.26
C ASP B 274 -6.52 -18.55 -15.87
N SER B 275 -7.81 -18.65 -15.55
CA SER B 275 -8.25 -19.11 -14.25
C SER B 275 -8.32 -20.62 -14.14
N LEU B 276 -8.04 -21.34 -15.22
CA LEU B 276 -8.07 -22.79 -15.18
C LEU B 276 -6.88 -23.34 -14.41
N SER B 277 -7.08 -24.52 -13.82
CA SER B 277 -6.00 -25.19 -13.12
C SER B 277 -4.95 -25.67 -14.11
N GLY B 278 -3.68 -25.50 -13.74
CA GLY B 278 -2.58 -25.91 -14.58
C GLY B 278 -2.14 -24.90 -15.61
N ASP B 279 -2.45 -23.63 -15.42
CA ASP B 279 -2.05 -22.59 -16.36
C ASP B 279 -0.61 -22.17 -16.10
N ARG B 280 0.04 -21.64 -17.14
CA ARG B 280 1.41 -21.16 -17.01
C ARG B 280 1.50 -19.96 -16.08
N LEU B 281 0.66 -18.95 -16.31
CA LEU B 281 0.72 -17.71 -15.56
C LEU B 281 -0.28 -17.64 -14.42
N GLY B 282 -1.47 -18.23 -14.60
CA GLY B 282 -2.49 -18.14 -13.58
C GLY B 282 -2.14 -18.94 -12.34
N CYS B 283 -2.79 -18.57 -11.24
CA CYS B 283 -2.58 -19.19 -9.93
C CYS B 283 -3.90 -19.57 -9.29
N PHE B 284 -4.87 -19.98 -10.09
CA PHE B 284 -6.16 -20.45 -9.61
C PHE B 284 -6.26 -21.96 -9.78
N ASN B 285 -7.33 -22.53 -9.23
CA ASN B 285 -7.54 -23.97 -9.21
C ASN B 285 -8.95 -24.32 -9.66
N LEU B 286 -9.37 -23.71 -10.76
CA LEU B 286 -10.70 -23.97 -11.32
C LEU B 286 -10.63 -25.10 -12.34
N SER B 287 -11.61 -26.00 -12.28
CA SER B 287 -11.76 -27.04 -13.27
C SER B 287 -12.60 -26.52 -14.43
N MET B 288 -12.84 -27.39 -15.42
CA MET B 288 -13.64 -27.01 -16.57
C MET B 288 -15.08 -26.70 -16.17
N GLU B 289 -15.65 -27.53 -15.28
CA GLU B 289 -17.03 -27.33 -14.87
C GLU B 289 -17.18 -26.06 -14.03
N GLY B 290 -16.22 -25.79 -13.14
CA GLY B 290 -16.28 -24.56 -12.37
C GLY B 290 -16.11 -23.31 -13.20
N HIS B 291 -15.43 -23.42 -14.34
CA HIS B 291 -15.29 -22.29 -15.26
C HIS B 291 -16.53 -22.12 -16.13
N ALA B 292 -17.15 -23.23 -16.53
CA ALA B 292 -18.35 -23.17 -17.35
C ALA B 292 -19.60 -22.84 -16.55
N ASN B 293 -19.55 -23.00 -15.23
CA ASN B 293 -20.69 -22.62 -14.40
C ASN B 293 -20.96 -21.13 -14.49
N CYS B 294 -19.92 -20.31 -14.62
CA CYS B 294 -20.11 -18.87 -14.77
C CYS B 294 -20.87 -18.55 -16.06
N VAL B 295 -20.48 -19.18 -17.16
CA VAL B 295 -21.16 -18.97 -18.43
C VAL B 295 -22.61 -19.43 -18.35
N ASN B 296 -22.84 -20.60 -17.73
CA ASN B 296 -24.20 -21.10 -17.59
C ASN B 296 -25.06 -20.16 -16.76
N TYR B 297 -24.51 -19.64 -15.65
CA TYR B 297 -25.26 -18.74 -14.80
C TYR B 297 -25.59 -17.44 -15.52
N VAL B 298 -24.63 -16.88 -16.27
CA VAL B 298 -24.90 -15.64 -16.99
C VAL B 298 -25.92 -15.88 -18.09
N LYS B 299 -25.86 -17.04 -18.76
CA LYS B 299 -26.84 -17.36 -19.79
C LYS B 299 -28.24 -17.53 -19.20
N SER B 300 -28.33 -18.00 -17.96
CA SER B 300 -29.64 -18.26 -17.37
C SER B 300 -30.45 -17.01 -17.09
N PHE B 301 -29.97 -15.82 -17.42
CA PHE B 301 -30.71 -14.60 -17.13
C PHE B 301 -31.59 -14.12 -18.27
N GLY B 302 -31.32 -14.56 -19.51
CA GLY B 302 -32.19 -14.30 -20.63
C GLY B 302 -31.87 -13.08 -21.46
N ILE B 303 -30.97 -12.22 -21.01
CA ILE B 303 -30.63 -10.99 -21.75
C ILE B 303 -29.62 -11.34 -22.83
N PRO B 304 -29.50 -10.54 -23.88
CA PRO B 304 -28.50 -10.84 -24.93
C PRO B 304 -27.09 -10.86 -24.37
N MET B 305 -26.28 -11.79 -24.89
CA MET B 305 -24.93 -11.99 -24.38
C MET B 305 -23.96 -12.16 -25.55
N MET B 306 -22.73 -11.69 -25.32
CA MET B 306 -21.64 -11.86 -26.27
C MET B 306 -20.46 -12.47 -25.54
N VAL B 307 -20.09 -13.69 -25.92
CA VAL B 307 -19.01 -14.43 -25.27
C VAL B 307 -17.73 -14.24 -26.08
N VAL B 308 -16.68 -13.75 -25.42
CA VAL B 308 -15.38 -13.58 -26.05
C VAL B 308 -14.35 -14.36 -25.24
N GLY B 309 -13.33 -14.86 -25.92
CA GLY B 309 -12.32 -15.66 -25.26
C GLY B 309 -10.98 -14.99 -25.17
N GLY B 310 -10.60 -14.57 -23.96
CA GLY B 310 -9.41 -13.77 -23.78
C GLY B 310 -8.15 -14.56 -23.48
N GLY B 311 -7.68 -14.49 -22.23
CA GLY B 311 -6.44 -15.11 -21.87
C GLY B 311 -6.51 -16.63 -21.83
N GLY B 312 -5.34 -17.22 -21.60
CA GLY B 312 -5.20 -18.67 -21.56
C GLY B 312 -3.94 -19.11 -22.27
N TYR B 313 -3.08 -19.86 -21.58
CA TYR B 313 -1.76 -20.16 -22.10
C TYR B 313 -1.43 -21.64 -22.06
N THR B 314 -2.38 -22.49 -21.72
CA THR B 314 -2.29 -23.94 -21.91
C THR B 314 -3.35 -24.30 -22.92
N MET B 315 -2.92 -24.57 -24.16
CA MET B 315 -3.87 -24.70 -25.27
C MET B 315 -4.82 -25.88 -25.07
N ARG B 316 -4.30 -27.02 -24.61
CA ARG B 316 -5.13 -28.21 -24.50
C ARG B 316 -6.26 -28.03 -23.50
N ASN B 317 -6.07 -27.17 -22.49
CA ASN B 317 -7.10 -26.93 -21.48
C ASN B 317 -8.08 -25.86 -21.93
N VAL B 318 -7.57 -24.75 -22.47
CA VAL B 318 -8.44 -23.65 -22.87
C VAL B 318 -9.31 -24.07 -24.06
N ALA B 319 -8.77 -24.86 -24.98
CA ALA B 319 -9.55 -25.33 -26.11
C ALA B 319 -10.71 -26.20 -25.65
N ARG B 320 -10.44 -27.14 -24.74
CA ARG B 320 -11.50 -28.01 -24.23
C ARG B 320 -12.54 -27.21 -23.45
N THR B 321 -12.10 -26.25 -22.64
CA THR B 321 -13.05 -25.43 -21.90
C THR B 321 -13.94 -24.62 -22.83
N TRP B 322 -13.35 -24.03 -23.87
CA TRP B 322 -14.13 -23.25 -24.82
C TRP B 322 -15.11 -24.13 -25.59
N CYS B 323 -14.69 -25.33 -25.99
CA CYS B 323 -15.62 -26.24 -26.66
C CYS B 323 -16.77 -26.64 -25.74
N PHE B 324 -16.47 -26.94 -24.48
CA PHE B 324 -17.51 -27.32 -23.53
C PHE B 324 -18.49 -26.16 -23.30
N GLU B 325 -17.97 -24.94 -23.18
CA GLU B 325 -18.84 -23.79 -22.97
C GLU B 325 -19.70 -23.50 -24.20
N THR B 326 -19.12 -23.66 -25.39
CA THR B 326 -19.90 -23.49 -26.61
C THR B 326 -21.01 -24.53 -26.69
N GLY B 327 -20.72 -25.77 -26.29
CA GLY B 327 -21.78 -26.77 -26.19
C GLY B 327 -22.86 -26.39 -25.20
N LEU B 328 -22.46 -25.84 -24.05
CA LEU B 328 -23.45 -25.43 -23.06
C LEU B 328 -24.32 -24.29 -23.57
N LEU B 329 -23.74 -23.37 -24.36
CA LEU B 329 -24.54 -22.29 -24.92
C LEU B 329 -25.58 -22.81 -25.89
N ASN B 330 -25.34 -23.98 -26.48
CA ASN B 330 -26.29 -24.62 -27.38
C ASN B 330 -27.23 -25.58 -26.67
N ASN B 331 -27.29 -25.51 -25.34
CA ASN B 331 -28.21 -26.31 -24.53
C ASN B 331 -27.93 -27.81 -24.66
N VAL B 332 -26.67 -28.18 -24.82
CA VAL B 332 -26.26 -29.58 -24.82
C VAL B 332 -25.11 -29.76 -23.84
N VAL B 333 -24.95 -30.98 -23.36
CA VAL B 333 -23.82 -31.37 -22.52
C VAL B 333 -23.01 -32.38 -23.32
N LEU B 334 -21.78 -32.00 -23.68
CA LEU B 334 -20.98 -32.80 -24.58
C LEU B 334 -20.43 -34.04 -23.86
N ASP B 335 -20.23 -35.09 -24.65
CA ASP B 335 -19.66 -36.33 -24.12
C ASP B 335 -18.22 -36.12 -23.70
N LYS B 336 -17.79 -36.91 -22.72
CA LYS B 336 -16.45 -36.79 -22.17
C LYS B 336 -15.38 -37.46 -23.04
N ASP B 337 -15.78 -38.14 -24.11
CA ASP B 337 -14.85 -38.79 -25.02
C ASP B 337 -14.62 -37.90 -26.23
N LEU B 338 -13.36 -37.62 -26.55
CA LEU B 338 -13.05 -36.72 -27.64
C LEU B 338 -13.42 -37.33 -28.99
N PRO B 339 -13.85 -36.51 -29.94
CA PRO B 339 -14.33 -37.03 -31.22
C PRO B 339 -13.24 -37.23 -32.26
N TYR B 340 -11.97 -37.30 -31.84
CA TYR B 340 -10.83 -37.49 -32.74
C TYR B 340 -10.74 -36.33 -33.74
N ASN B 341 -10.37 -35.17 -33.20
CA ASN B 341 -10.09 -34.01 -34.02
C ASN B 341 -8.73 -34.16 -34.71
N GLU B 342 -8.27 -33.11 -35.37
CA GLU B 342 -6.96 -33.15 -36.00
C GLU B 342 -5.84 -33.19 -34.98
N TYR B 343 -5.96 -32.40 -33.91
CA TYR B 343 -4.93 -32.32 -32.88
C TYR B 343 -5.24 -33.25 -31.72
N TYR B 344 -5.40 -34.54 -32.04
CA TYR B 344 -5.75 -35.52 -31.02
C TYR B 344 -4.61 -35.77 -30.04
N GLU B 345 -3.37 -35.63 -30.50
CA GLU B 345 -2.22 -35.97 -29.67
C GLU B 345 -1.95 -34.95 -28.55
N TYR B 346 -2.65 -33.81 -28.57
CA TYR B 346 -2.42 -32.78 -27.56
C TYR B 346 -3.10 -33.08 -26.23
N TYR B 347 -4.02 -34.05 -26.18
CA TYR B 347 -5.00 -34.13 -25.09
C TYR B 347 -4.67 -35.22 -24.08
N GLY B 348 -3.40 -35.40 -23.76
CA GLY B 348 -2.99 -36.08 -22.56
C GLY B 348 -3.25 -37.57 -22.56
N PRO B 349 -3.17 -38.19 -21.39
CA PRO B 349 -3.25 -39.65 -21.29
C PRO B 349 -4.61 -40.22 -21.64
N ASP B 350 -5.68 -39.68 -21.03
CA ASP B 350 -7.00 -40.26 -21.17
C ASP B 350 -7.76 -39.75 -22.38
N TYR B 351 -7.33 -38.63 -22.98
CA TYR B 351 -8.00 -38.02 -24.12
C TYR B 351 -9.48 -37.78 -23.82
N LYS B 352 -9.72 -37.17 -22.66
CA LYS B 352 -11.06 -36.83 -22.19
C LYS B 352 -11.32 -35.34 -22.35
N LEU B 353 -12.60 -34.98 -22.33
CA LEU B 353 -13.02 -33.58 -22.29
C LEU B 353 -13.18 -33.18 -20.83
N SER B 354 -12.04 -32.83 -20.21
CA SER B 354 -12.05 -32.49 -18.79
C SER B 354 -10.75 -31.78 -18.44
N VAL B 355 -10.80 -30.95 -17.41
CA VAL B 355 -9.64 -30.26 -16.87
C VAL B 355 -9.56 -30.57 -15.39
N ARG B 356 -8.46 -31.19 -14.97
CA ARG B 356 -8.34 -31.72 -13.62
C ARG B 356 -7.77 -30.66 -12.69
N PRO B 357 -8.44 -30.34 -11.58
CA PRO B 357 -7.85 -29.43 -10.60
C PRO B 357 -6.70 -30.10 -9.85
N SER B 358 -5.79 -29.27 -9.37
CA SER B 358 -4.68 -29.75 -8.55
C SER B 358 -5.11 -29.81 -7.08
N ASN B 359 -4.21 -30.26 -6.22
CA ASN B 359 -4.47 -30.34 -4.78
C ASN B 359 -3.88 -29.16 -4.03
N MET B 360 -3.68 -28.04 -4.70
CA MET B 360 -3.06 -26.88 -4.08
C MET B 360 -3.98 -26.28 -3.03
N PHE B 361 -3.39 -25.51 -2.12
CA PHE B 361 -4.09 -25.00 -0.95
C PHE B 361 -4.83 -23.71 -1.28
N ASN B 362 -6.05 -23.60 -0.76
CA ASN B 362 -6.90 -22.44 -0.97
C ASN B 362 -6.74 -21.47 0.20
N VAL B 363 -6.32 -20.25 -0.10
CA VAL B 363 -6.08 -19.24 0.93
C VAL B 363 -7.18 -18.19 0.96
N ASN B 364 -8.34 -18.47 0.36
CA ASN B 364 -9.48 -17.57 0.39
C ASN B 364 -10.40 -18.02 1.51
N THR B 365 -10.22 -17.43 2.70
CA THR B 365 -11.06 -17.77 3.83
C THR B 365 -12.44 -17.15 3.67
N PRO B 366 -13.47 -17.75 4.30
CA PRO B 366 -14.82 -17.18 4.18
C PRO B 366 -14.95 -15.79 4.76
N GLU B 367 -14.10 -15.41 5.73
CA GLU B 367 -14.20 -14.08 6.32
C GLU B 367 -13.78 -13.00 5.33
N TYR B 368 -12.66 -13.22 4.63
CA TYR B 368 -12.20 -12.25 3.64
C TYR B 368 -13.21 -12.06 2.53
N LEU B 369 -13.76 -13.17 2.02
CA LEU B 369 -14.76 -13.08 0.97
C LEU B 369 -16.03 -12.42 1.48
N ASP B 370 -16.41 -12.70 2.73
CA ASP B 370 -17.58 -12.06 3.31
C ASP B 370 -17.41 -10.55 3.38
N LYS B 371 -16.22 -10.09 3.80
CA LYS B 371 -15.97 -8.66 3.85
C LYS B 371 -15.99 -8.05 2.45
N VAL B 372 -15.39 -8.74 1.47
CA VAL B 372 -15.39 -8.23 0.11
C VAL B 372 -16.81 -8.09 -0.43
N MET B 373 -17.64 -9.12 -0.21
CA MET B 373 -19.01 -9.07 -0.69
C MET B 373 -19.83 -8.01 0.04
N THR B 374 -19.58 -7.82 1.33
CA THR B 374 -20.27 -6.77 2.07
C THR B 374 -19.94 -5.39 1.49
N ASN B 375 -18.65 -5.16 1.20
CA ASN B 375 -18.25 -3.89 0.59
C ASN B 375 -18.92 -3.70 -0.77
N ILE B 376 -18.91 -4.75 -1.59
CA ILE B 376 -19.48 -4.65 -2.94
C ILE B 376 -20.97 -4.37 -2.86
N PHE B 377 -21.69 -5.07 -1.97
CA PHE B 377 -23.12 -4.85 -1.84
C PHE B 377 -23.44 -3.48 -1.28
N ALA B 378 -22.59 -2.95 -0.40
CA ALA B 378 -22.79 -1.59 0.08
C ALA B 378 -22.62 -0.59 -1.05
N ASN B 379 -21.63 -0.80 -1.92
CA ASN B 379 -21.44 0.11 -3.05
C ASN B 379 -22.57 -0.01 -4.07
N LEU B 380 -23.09 -1.22 -4.28
CA LEU B 380 -24.10 -1.46 -5.31
C LEU B 380 -25.44 -0.82 -5.00
N GLU B 381 -25.65 -0.34 -3.77
CA GLU B 381 -26.94 0.23 -3.40
C GLU B 381 -27.30 1.45 -4.25
N ASN B 382 -26.31 2.12 -4.84
CA ASN B 382 -26.51 3.36 -5.58
C ASN B 382 -26.43 3.15 -7.08
N THR B 383 -26.92 2.01 -7.57
CA THR B 383 -26.96 1.74 -9.00
C THR B 383 -28.35 1.46 -9.53
N LYS B 384 -29.37 1.41 -8.66
CA LYS B 384 -30.73 1.15 -9.10
C LYS B 384 -31.56 2.43 -9.14
N ILE C 220 30.36 28.77 -1.31
CA ILE C 220 30.96 29.13 -0.04
C ILE C 220 30.03 28.66 1.09
N SER C 221 29.02 29.46 1.40
CA SER C 221 28.03 29.11 2.41
C SER C 221 26.85 30.04 2.25
N LEU C 222 25.66 29.47 2.00
CA LEU C 222 24.44 30.23 1.81
C LEU C 222 23.44 29.84 2.88
N GLN C 223 22.87 30.85 3.54
CA GLN C 223 21.91 30.62 4.62
C GLN C 223 20.50 30.65 4.03
N ILE C 224 19.91 29.46 3.85
CA ILE C 224 18.58 29.34 3.29
C ILE C 224 17.61 29.05 4.43
N PRO C 225 16.45 29.71 4.47
CA PRO C 225 15.44 29.38 5.49
C PRO C 225 14.99 27.93 5.36
N ILE C 226 14.64 27.34 6.51
CA ILE C 226 14.33 25.91 6.55
C ILE C 226 13.07 25.59 5.75
N LYS C 227 12.11 26.52 5.70
CA LYS C 227 10.89 26.28 4.94
C LYS C 227 11.18 26.18 3.44
N LEU C 228 12.11 26.99 2.95
CA LEU C 228 12.49 26.90 1.54
C LEU C 228 13.21 25.60 1.23
N LYS C 229 14.02 25.10 2.18
CA LYS C 229 14.63 23.79 2.02
C LYS C 229 13.57 22.70 1.95
N SER C 230 12.54 22.82 2.80
CA SER C 230 11.43 21.87 2.74
C SER C 230 10.73 21.94 1.39
N VAL C 231 10.55 23.15 0.85
CA VAL C 231 9.93 23.32 -0.46
C VAL C 231 10.76 22.64 -1.54
N LEU C 232 12.08 22.81 -1.49
CA LEU C 232 12.94 22.18 -2.49
C LEU C 232 12.90 20.67 -2.39
N VAL C 233 12.88 20.13 -1.17
CA VAL C 233 12.80 18.68 -1.00
C VAL C 233 11.46 18.16 -1.50
N ASP C 234 10.38 18.93 -1.28
CA ASP C 234 9.07 18.55 -1.81
C ASP C 234 9.09 18.53 -3.34
N ASP C 235 9.75 19.50 -3.96
CA ASP C 235 9.89 19.51 -5.41
C ASP C 235 10.64 18.27 -5.89
N TRP C 236 11.73 17.91 -5.18
CA TRP C 236 12.48 16.72 -5.52
C TRP C 236 11.61 15.47 -5.45
N GLU C 237 10.82 15.35 -4.38
CA GLU C 237 9.93 14.21 -4.23
C GLU C 237 8.87 14.17 -5.31
N TYR C 238 8.30 15.32 -5.66
CA TYR C 238 7.27 15.36 -6.69
C TYR C 238 7.82 14.94 -8.04
N VAL C 239 9.02 15.39 -8.39
CA VAL C 239 9.55 15.11 -9.72
C VAL C 239 10.08 13.69 -9.81
N THR C 240 10.99 13.32 -8.91
CA THR C 240 11.71 12.06 -9.06
C THR C 240 10.98 10.84 -8.48
N LYS C 241 9.89 11.04 -7.76
CA LYS C 241 9.15 9.92 -7.17
C LYS C 241 7.72 9.84 -7.66
N ASP C 242 6.99 10.94 -7.64
CA ASP C 242 5.60 10.94 -8.09
C ASP C 242 5.45 11.11 -9.59
N LYS C 243 6.55 11.37 -10.31
CA LYS C 243 6.53 11.57 -11.75
C LYS C 243 5.60 12.71 -12.15
N LYS C 244 5.63 13.79 -11.38
CA LYS C 244 4.91 15.01 -11.71
C LYS C 244 5.85 16.04 -12.31
N ILE C 245 5.29 16.97 -13.07
CA ILE C 245 6.06 18.07 -13.65
C ILE C 245 5.34 19.38 -13.33
N CYS C 246 5.96 20.48 -13.74
CA CYS C 246 5.39 21.80 -13.47
C CYS C 246 4.38 22.17 -14.53
N ARG C 247 3.31 22.84 -14.11
CA ARG C 247 2.27 23.29 -15.02
C ARG C 247 2.77 24.55 -15.73
N LEU C 248 3.24 24.39 -16.96
CA LEU C 248 3.81 25.48 -17.72
C LEU C 248 2.86 25.94 -18.82
N PRO C 249 2.82 27.25 -19.13
CA PRO C 249 3.57 28.35 -18.49
C PRO C 249 3.05 28.64 -17.09
N ALA C 250 3.92 29.10 -16.18
CA ALA C 250 3.52 29.33 -14.81
C ALA C 250 2.63 30.57 -14.71
N ASP C 251 1.75 30.56 -13.71
CA ASP C 251 0.94 31.74 -13.44
C ASP C 251 1.81 32.92 -13.02
N VAL C 252 2.80 32.67 -12.16
CA VAL C 252 3.77 33.68 -11.77
C VAL C 252 5.13 33.21 -12.26
N THR C 253 5.72 33.97 -13.18
CA THR C 253 7.00 33.60 -13.76
C THR C 253 8.14 34.18 -12.93
N VAL C 254 9.37 33.83 -13.31
CA VAL C 254 10.55 34.36 -12.64
C VAL C 254 10.62 35.87 -12.81
N GLU C 255 10.33 36.36 -14.01
CA GLU C 255 10.37 37.79 -14.28
C GLU C 255 9.40 38.55 -13.38
N MET C 256 8.18 38.04 -13.21
CA MET C 256 7.20 38.71 -12.37
C MET C 256 7.65 38.74 -10.91
N VAL C 257 8.21 37.63 -10.41
CA VAL C 257 8.66 37.59 -9.03
C VAL C 257 9.78 38.59 -8.80
N LEU C 258 10.76 38.62 -9.71
CA LEU C 258 11.87 39.54 -9.54
C LEU C 258 11.43 41.00 -9.67
N ASN C 259 10.50 41.27 -10.61
CA ASN C 259 10.00 42.63 -10.75
C ASN C 259 9.26 43.08 -9.49
N LYS C 260 8.42 42.21 -8.93
CA LYS C 260 7.70 42.57 -7.72
C LYS C 260 8.66 42.78 -6.55
N TYR C 261 9.68 41.93 -6.44
CA TYR C 261 10.68 42.09 -5.39
C TYR C 261 11.41 43.43 -5.51
N GLU C 262 11.84 43.76 -6.73
CA GLU C 262 12.56 45.01 -6.93
C GLU C 262 11.68 46.22 -6.64
N HIS C 263 10.42 46.19 -7.10
CA HIS C 263 9.53 47.32 -6.87
C HIS C 263 9.20 47.47 -5.39
N GLU C 264 9.04 46.35 -4.67
CA GLU C 264 8.69 46.42 -3.26
C GLU C 264 9.87 46.80 -2.38
N VAL C 265 11.09 46.47 -2.79
CA VAL C 265 12.26 46.74 -1.96
C VAL C 265 12.86 48.11 -2.26
N SER C 266 13.00 48.46 -3.55
CA SER C 266 13.59 49.74 -3.90
C SER C 266 12.74 50.91 -3.41
N GLN C 267 11.42 50.72 -3.31
CA GLN C 267 10.54 51.78 -2.85
C GLN C 267 10.70 52.07 -1.36
N GLU C 268 11.41 51.23 -0.61
CA GLU C 268 11.60 51.44 0.81
C GLU C 268 12.87 52.25 1.09
N LEU C 269 14.01 51.76 0.64
CA LEU C 269 15.26 52.47 0.84
C LEU C 269 15.37 53.64 -0.14
N GLU C 270 16.27 54.57 0.18
CA GLU C 270 16.44 55.77 -0.63
C GLU C 270 17.86 56.02 -1.12
N SER C 271 18.86 55.33 -0.58
CA SER C 271 20.23 55.55 -1.01
C SER C 271 20.42 55.03 -2.43
N PRO C 272 20.86 55.86 -3.38
CA PRO C 272 21.05 55.37 -4.75
C PRO C 272 22.13 54.30 -4.87
N GLY C 273 23.16 54.35 -4.02
CA GLY C 273 24.21 53.35 -4.08
C GLY C 273 23.70 51.95 -3.74
N SER C 274 22.76 51.87 -2.81
CA SER C 274 22.12 50.61 -2.46
C SER C 274 20.90 50.30 -3.33
N GLN C 275 20.49 51.23 -4.19
CA GLN C 275 19.35 51.04 -5.07
C GLN C 275 19.74 50.58 -6.46
N SER C 276 20.86 51.08 -6.99
CA SER C 276 21.34 50.58 -8.28
C SER C 276 21.85 49.15 -8.17
N GLN C 277 22.42 48.78 -7.02
CA GLN C 277 22.89 47.42 -6.83
C GLN C 277 21.74 46.42 -6.87
N LEU C 278 20.56 46.82 -6.37
CA LEU C 278 19.41 45.93 -6.42
C LEU C 278 19.00 45.65 -7.86
N SER C 279 18.95 46.69 -8.69
CA SER C 279 18.61 46.50 -10.09
C SER C 279 19.66 45.66 -10.81
N GLU C 280 20.93 45.90 -10.51
CA GLU C 280 21.99 45.10 -11.11
C GLU C 280 21.86 43.63 -10.72
N TYR C 281 21.56 43.36 -9.44
CA TYR C 281 21.39 42.00 -8.98
C TYR C 281 20.21 41.33 -9.67
N CYS C 282 19.09 42.03 -9.80
CA CYS C 282 17.93 41.44 -10.45
C CYS C 282 18.20 41.15 -11.92
N ALA C 283 18.84 42.08 -12.63
CA ALA C 283 19.15 41.85 -14.04
C ALA C 283 20.11 40.69 -14.22
N GLY C 284 21.14 40.62 -13.37
CA GLY C 284 22.08 39.52 -13.46
C GLY C 284 21.44 38.18 -13.15
N LEU C 285 20.53 38.16 -12.17
CA LEU C 285 19.81 36.93 -11.86
C LEU C 285 18.96 36.49 -13.03
N LYS C 286 18.27 37.43 -13.69
CA LYS C 286 17.48 37.09 -14.86
C LYS C 286 18.35 36.51 -15.97
N LEU C 287 19.48 37.16 -16.24
CA LEU C 287 20.38 36.68 -17.29
C LEU C 287 20.92 35.29 -16.97
N TYR C 288 21.33 35.07 -15.72
CA TYR C 288 21.88 33.77 -15.34
C TYR C 288 20.82 32.68 -15.44
N PHE C 289 19.60 32.97 -15.02
CA PHE C 289 18.53 31.99 -15.16
C PHE C 289 18.29 31.65 -16.62
N ASP C 290 18.19 32.68 -17.47
CA ASP C 290 17.95 32.45 -18.89
C ASP C 290 19.07 31.64 -19.52
N LYS C 291 20.31 31.80 -19.04
CA LYS C 291 21.43 31.10 -19.64
C LYS C 291 21.68 29.71 -19.07
N CYS C 292 21.19 29.41 -17.87
CA CYS C 292 21.52 28.15 -17.22
C CYS C 292 20.33 27.24 -16.95
N LEU C 293 19.10 27.67 -17.23
CA LEU C 293 17.95 26.79 -17.02
C LEU C 293 18.04 25.55 -17.91
N GLY C 294 18.38 25.73 -19.18
CA GLY C 294 18.48 24.59 -20.07
C GLY C 294 19.70 23.72 -19.84
N ASN C 295 20.63 24.17 -19.00
CA ASN C 295 21.84 23.42 -18.69
C ASN C 295 21.75 22.63 -17.40
N MET C 296 21.37 23.28 -16.29
CA MET C 296 21.57 22.67 -14.99
C MET C 296 20.36 22.70 -14.06
N LEU C 297 19.23 23.28 -14.47
CA LEU C 297 18.11 23.50 -13.56
C LEU C 297 16.94 22.55 -13.78
N LEU C 298 17.08 21.56 -14.65
CA LEU C 298 15.98 20.66 -14.98
C LEU C 298 16.33 19.23 -14.62
N TYR C 299 15.37 18.53 -14.03
CA TYR C 299 15.49 17.09 -13.86
C TYR C 299 15.33 16.39 -15.21
N ARG C 300 15.71 15.11 -15.26
CA ARG C 300 15.69 14.39 -16.52
C ARG C 300 14.27 14.21 -17.04
N LEU C 301 13.29 14.03 -16.16
CA LEU C 301 11.92 13.86 -16.60
C LEU C 301 11.39 15.12 -17.28
N GLU C 302 11.80 16.30 -16.80
CA GLU C 302 11.26 17.55 -17.31
C GLU C 302 11.82 17.90 -18.69
N ARG C 303 12.96 17.34 -19.07
CA ARG C 303 13.64 17.78 -20.28
C ARG C 303 12.76 17.64 -21.52
N LEU C 304 12.03 16.52 -21.63
CA LEU C 304 11.11 16.34 -22.74
C LEU C 304 10.15 17.51 -22.84
N GLN C 305 9.52 17.88 -21.70
CA GLN C 305 8.64 19.04 -21.68
C GLN C 305 9.37 20.26 -22.23
N TYR C 306 10.59 20.50 -21.73
CA TYR C 306 11.41 21.60 -22.23
C TYR C 306 11.52 21.53 -23.75
N ASP C 307 11.87 20.34 -24.26
CA ASP C 307 12.00 20.19 -25.71
C ASP C 307 10.71 20.58 -26.42
N GLU C 308 9.57 20.13 -25.90
CA GLU C 308 8.29 20.48 -26.51
C GLU C 308 8.13 21.99 -26.58
N LEU C 309 8.44 22.68 -25.48
CA LEU C 309 8.35 24.14 -25.49
C LEU C 309 9.22 24.71 -26.59
N LEU C 310 10.45 24.21 -26.72
CA LEU C 310 11.34 24.70 -27.77
C LEU C 310 10.69 24.53 -29.13
N LYS C 311 10.07 23.37 -29.37
CA LYS C 311 9.40 23.16 -30.64
C LYS C 311 8.27 24.17 -30.82
N LYS C 312 7.47 24.39 -29.77
CA LYS C 312 6.41 25.39 -29.85
C LYS C 312 7.00 26.78 -30.05
N SER C 313 8.23 27.00 -29.60
CA SER C 313 8.92 28.25 -29.87
C SER C 313 9.44 28.30 -31.30
N SER C 314 9.92 27.16 -31.81
CA SER C 314 10.54 27.14 -33.13
C SER C 314 9.54 27.19 -34.27
N LYS C 315 8.29 26.78 -34.01
CA LYS C 315 7.27 26.77 -35.05
C LYS C 315 6.71 28.17 -35.32
N ASP C 316 6.84 29.09 -34.37
CA ASP C 316 6.28 30.43 -34.51
C ASP C 316 7.35 31.52 -34.59
N GLN C 317 8.60 31.14 -34.84
CA GLN C 317 9.73 32.05 -34.97
C GLN C 317 9.96 32.89 -33.71
N LYS C 318 9.31 32.55 -32.61
CA LYS C 318 9.48 33.28 -31.35
C LYS C 318 10.56 32.61 -30.52
N PRO C 319 11.64 33.30 -30.17
CA PRO C 319 12.65 32.69 -29.30
C PRO C 319 12.08 32.40 -27.91
N LEU C 320 12.59 31.34 -27.30
CA LEU C 320 12.15 30.96 -25.97
C LEU C 320 12.80 31.85 -24.92
N VAL C 321 12.00 32.42 -24.04
CA VAL C 321 12.48 33.25 -22.94
C VAL C 321 12.07 32.57 -21.64
N PRO C 322 12.96 31.78 -21.04
CA PRO C 322 12.55 30.95 -19.89
C PRO C 322 12.10 31.73 -18.67
N ILE C 323 12.52 32.98 -18.49
CA ILE C 323 12.03 33.74 -17.34
C ILE C 323 10.58 34.16 -17.49
N ARG C 324 9.99 33.94 -18.67
CA ARG C 324 8.59 34.23 -18.91
C ARG C 324 7.73 32.97 -18.97
N ILE C 325 8.31 31.81 -18.68
CA ILE C 325 7.56 30.55 -18.68
C ILE C 325 7.64 29.91 -17.30
N TYR C 326 8.86 29.56 -16.88
CA TYR C 326 9.09 29.00 -15.57
C TYR C 326 9.00 30.08 -14.50
N GLY C 327 8.71 29.67 -13.27
CA GLY C 327 8.62 30.64 -12.21
C GLY C 327 8.67 30.16 -10.78
N ALA C 328 9.54 30.78 -9.99
CA ALA C 328 9.50 30.78 -8.53
C ALA C 328 9.89 29.46 -7.89
N ILE C 329 10.00 28.38 -8.66
CA ILE C 329 10.43 27.10 -8.11
C ILE C 329 11.70 26.69 -8.82
N HIS C 330 11.85 27.13 -10.07
CA HIS C 330 13.13 27.00 -10.75
C HIS C 330 14.06 28.14 -10.43
N LEU C 331 13.53 29.27 -9.98
CA LEU C 331 14.38 30.31 -9.42
C LEU C 331 14.90 29.91 -8.06
N LEU C 332 14.05 29.27 -7.24
CA LEU C 332 14.49 28.81 -5.92
C LEU C 332 15.59 27.78 -6.05
N ARG C 333 15.47 26.87 -7.01
CA ARG C 333 16.55 25.92 -7.25
C ARG C 333 17.67 26.52 -8.08
N LEU C 334 17.46 27.67 -8.71
CA LEU C 334 18.58 28.41 -9.28
C LEU C 334 19.48 28.96 -8.17
N ILE C 335 18.88 29.66 -7.20
CA ILE C 335 19.70 30.10 -6.07
C ILE C 335 19.65 29.00 -5.02
N SER C 336 20.28 27.88 -5.35
CA SER C 336 20.65 26.83 -4.40
C SER C 336 22.02 26.25 -4.71
N VAL C 337 22.48 26.33 -5.96
CA VAL C 337 23.79 25.89 -6.38
C VAL C 337 24.70 27.09 -6.65
N LEU C 338 24.25 28.29 -6.31
CA LEU C 338 25.11 29.48 -6.44
C LEU C 338 26.42 29.36 -5.67
N PRO C 339 26.47 28.80 -4.45
CA PRO C 339 27.79 28.60 -3.82
C PRO C 339 28.76 27.79 -4.68
N GLU C 340 28.28 26.74 -5.35
CA GLU C 340 29.18 25.93 -6.17
C GLU C 340 29.57 26.67 -7.45
N LEU C 341 28.63 27.40 -8.05
CA LEU C 341 28.94 28.15 -9.25
C LEU C 341 29.94 29.26 -8.95
N ILE C 342 29.81 29.90 -7.79
CA ILE C 342 30.78 30.90 -7.36
C ILE C 342 32.13 30.25 -7.07
N SER C 343 32.11 29.08 -6.44
CA SER C 343 33.37 28.39 -6.11
C SER C 343 34.13 28.00 -7.38
N SER C 344 33.42 27.65 -8.44
CA SER C 344 34.06 27.26 -9.70
C SER C 344 34.26 28.47 -10.62
N THR C 345 34.83 29.53 -10.07
CA THR C 345 35.12 30.74 -10.83
C THR C 345 36.41 31.36 -10.28
N THR C 346 36.78 32.51 -10.84
CA THR C 346 37.92 33.28 -10.37
C THR C 346 37.47 34.58 -9.70
N MET C 347 36.31 34.57 -9.06
CA MET C 347 35.74 35.78 -8.50
C MET C 347 36.50 36.21 -7.25
N ASP C 348 36.43 37.50 -6.96
CA ASP C 348 37.09 38.09 -5.80
C ASP C 348 36.22 37.93 -4.55
N LEU C 349 36.75 38.40 -3.41
CA LEU C 349 36.13 38.09 -2.12
C LEU C 349 34.93 38.97 -1.82
N GLN C 350 35.10 40.30 -1.93
CA GLN C 350 34.01 41.20 -1.57
C GLN C 350 32.84 41.09 -2.55
N SER C 351 33.12 40.71 -3.80
CA SER C 351 32.03 40.43 -4.73
C SER C 351 31.22 39.23 -4.28
N CYS C 352 31.90 38.19 -3.80
CA CYS C 352 31.19 37.03 -3.25
C CYS C 352 30.37 37.42 -2.03
N GLN C 353 30.94 38.25 -1.15
CA GLN C 353 30.19 38.71 0.02
C GLN C 353 28.95 39.48 -0.39
N LEU C 354 29.08 40.38 -1.36
CA LEU C 354 27.94 41.15 -1.83
C LEU C 354 26.87 40.26 -2.44
N LEU C 355 27.29 39.29 -3.27
CA LEU C 355 26.33 38.38 -3.88
C LEU C 355 25.59 37.56 -2.82
N ILE C 356 26.32 37.06 -1.82
CA ILE C 356 25.68 36.28 -0.78
C ILE C 356 24.71 37.12 0.02
N LYS C 357 25.09 38.38 0.32
CA LYS C 357 24.19 39.24 1.08
C LYS C 357 22.91 39.54 0.32
N GLN C 358 23.03 39.86 -0.98
CA GLN C 358 21.84 40.12 -1.78
C GLN C 358 20.97 38.87 -1.88
N THR C 359 21.59 37.71 -2.07
CA THR C 359 20.81 36.47 -2.17
C THR C 359 20.09 36.17 -0.86
N GLU C 360 20.74 36.41 0.27
CA GLU C 360 20.10 36.16 1.56
C GLU C 360 18.94 37.14 1.80
N ASP C 361 19.11 38.40 1.40
CA ASP C 361 18.00 39.35 1.51
C ASP C 361 16.83 38.92 0.64
N PHE C 362 17.10 38.49 -0.59
CA PHE C 362 16.03 38.02 -1.46
C PHE C 362 15.37 36.76 -0.88
N LEU C 363 16.16 35.87 -0.28
CA LEU C 363 15.59 34.67 0.32
C LEU C 363 14.68 35.01 1.49
N VAL C 364 15.08 35.99 2.30
CA VAL C 364 14.21 36.42 3.40
C VAL C 364 12.91 37.01 2.87
N TRP C 365 13.01 37.84 1.82
CA TRP C 365 11.81 38.41 1.23
C TRP C 365 10.89 37.33 0.67
N LEU C 366 11.46 36.33 0.00
CA LEU C 366 10.67 35.23 -0.54
C LEU C 366 10.04 34.40 0.56
N LEU C 367 10.77 34.17 1.66
CA LEU C 367 10.21 33.47 2.80
C LEU C 367 9.05 34.23 3.40
N MET C 368 9.09 35.57 3.37
CA MET C 368 7.94 36.35 3.82
C MET C 368 6.71 36.05 2.99
N HIS C 369 6.85 36.11 1.67
CA HIS C 369 5.74 35.84 0.74
C HIS C 369 5.81 34.40 0.22
N VAL C 370 5.77 33.43 1.14
CA VAL C 370 5.90 32.03 0.73
C VAL C 370 4.55 31.42 0.39
N ASP C 371 3.49 31.79 1.11
CA ASP C 371 2.20 31.15 0.93
C ASP C 371 1.55 31.51 -0.41
N GLU C 372 1.89 32.64 -1.01
CA GLU C 372 1.31 33.06 -2.27
C GLU C 372 2.13 32.64 -3.48
N TYR C 373 3.27 31.97 -3.27
CA TYR C 373 4.08 31.45 -4.36
C TYR C 373 4.24 29.93 -4.34
N PHE C 374 4.08 29.29 -3.18
CA PHE C 374 4.17 27.83 -3.07
C PHE C 374 2.95 27.33 -2.31
N ASN C 375 1.86 27.10 -3.03
CA ASN C 375 0.68 26.49 -2.44
C ASN C 375 0.75 24.97 -2.57
N ASP C 376 -0.15 24.29 -1.86
CA ASP C 376 -0.18 22.83 -1.81
C ASP C 376 -1.58 22.35 -2.16
N LYS C 377 -1.83 22.15 -3.45
CA LYS C 377 -3.10 21.62 -3.93
C LYS C 377 -2.84 20.40 -4.79
N ASP C 378 -3.70 19.39 -4.64
CA ASP C 378 -3.52 18.13 -5.35
C ASP C 378 -3.90 18.28 -6.81
N PRO C 379 -3.07 17.79 -7.74
CA PRO C 379 -3.47 17.83 -9.17
C PRO C 379 -4.73 17.04 -9.46
N ASN C 380 -5.06 16.02 -8.68
CA ASN C 380 -6.27 15.24 -8.90
C ASN C 380 -7.52 15.96 -8.45
N ARG C 381 -7.40 17.10 -7.77
CA ARG C 381 -8.55 17.85 -7.29
C ARG C 381 -8.66 19.24 -7.90
N SER C 382 -7.56 19.95 -8.02
CA SER C 382 -7.56 21.32 -8.55
C SER C 382 -6.90 21.32 -9.92
N ASP C 383 -7.52 22.02 -10.87
CA ASP C 383 -6.94 22.20 -12.19
C ASP C 383 -5.87 23.28 -12.23
N ASP C 384 -5.75 24.09 -11.17
CA ASP C 384 -4.82 25.20 -11.11
C ASP C 384 -3.69 24.96 -10.11
N ALA C 385 -3.29 23.70 -9.92
CA ALA C 385 -2.19 23.39 -9.05
C ALA C 385 -0.86 23.71 -9.73
N LEU C 386 0.22 23.70 -8.93
CA LEU C 386 1.54 23.98 -9.48
C LEU C 386 2.10 22.81 -10.27
N TYR C 387 1.70 21.58 -9.93
CA TYR C 387 2.21 20.39 -10.57
C TYR C 387 1.09 19.66 -11.30
N VAL C 388 1.47 18.97 -12.37
CA VAL C 388 0.56 18.14 -13.14
C VAL C 388 1.14 16.74 -13.27
N ASN C 389 0.25 15.78 -13.47
CA ASN C 389 0.62 14.39 -13.65
C ASN C 389 1.05 14.13 -15.09
N THR C 390 2.03 13.26 -15.24
CA THR C 390 2.52 12.88 -16.56
C THR C 390 1.82 11.61 -17.02
N SER C 391 1.72 11.46 -18.34
CA SER C 391 1.12 10.29 -18.92
C SER C 391 2.18 9.22 -19.20
N SER C 392 1.71 8.01 -19.49
CA SER C 392 2.61 6.91 -19.78
C SER C 392 3.38 7.17 -21.07
N GLN C 393 2.71 7.73 -22.07
CA GLN C 393 3.38 8.05 -23.33
C GLN C 393 4.43 9.14 -23.14
N TYR C 394 4.27 10.00 -22.14
CA TYR C 394 5.27 11.02 -21.85
C TYR C 394 6.44 10.43 -21.06
N GLU C 395 6.13 9.68 -20.00
CA GLU C 395 7.17 9.11 -19.16
C GLU C 395 8.03 8.12 -19.92
N GLY C 396 7.42 7.33 -20.81
CA GLY C 396 8.19 6.37 -21.58
C GLY C 396 9.24 7.04 -22.44
N VAL C 397 8.88 8.10 -23.14
CA VAL C 397 9.85 8.83 -23.94
C VAL C 397 10.87 9.53 -23.06
N ALA C 398 10.41 10.10 -21.94
CA ALA C 398 11.31 10.89 -21.10
C ALA C 398 12.39 10.03 -20.47
N LEU C 399 12.02 8.88 -19.91
CA LEU C 399 12.96 8.06 -19.15
C LEU C 399 13.34 6.77 -19.87
N GLY C 400 12.97 6.61 -21.14
CA GLY C 400 13.28 5.38 -21.85
C GLY C 400 14.05 5.58 -23.12
N MET C 401 13.92 6.77 -23.72
CA MET C 401 14.62 7.07 -24.96
C MET C 401 15.75 8.07 -24.73
N LYS D 107 18.08 -25.54 -39.91
CA LYS D 107 18.87 -24.79 -38.94
C LYS D 107 18.75 -25.41 -37.55
N VAL D 108 18.14 -24.68 -36.63
CA VAL D 108 17.91 -25.13 -35.27
C VAL D 108 16.52 -24.69 -34.84
N SER D 109 15.80 -25.59 -34.17
CA SER D 109 14.47 -25.31 -33.65
C SER D 109 14.50 -25.41 -32.13
N VAL D 110 13.32 -25.31 -31.51
CA VAL D 110 13.24 -25.41 -30.05
C VAL D 110 13.64 -26.80 -29.58
N THR D 111 13.49 -27.81 -30.44
CA THR D 111 13.93 -29.16 -30.11
C THR D 111 15.44 -29.32 -30.17
N GLY D 112 16.16 -28.31 -30.66
CA GLY D 112 17.59 -28.43 -30.83
C GLY D 112 18.03 -29.19 -32.07
N LEU D 113 17.11 -29.44 -33.00
CA LEU D 113 17.36 -30.21 -34.20
C LEU D 113 16.99 -29.39 -35.44
N PRO D 114 17.52 -29.76 -36.61
CA PRO D 114 17.21 -29.00 -37.83
C PRO D 114 15.76 -29.04 -38.27
N LEU D 115 14.89 -29.63 -37.45
CA LEU D 115 13.43 -29.76 -37.62
C LEU D 115 13.10 -30.87 -38.61
N ASN D 116 14.10 -31.49 -39.24
CA ASN D 116 13.87 -32.56 -40.18
C ASN D 116 14.37 -33.91 -39.70
N LYS D 117 15.09 -33.97 -38.58
CA LYS D 117 15.69 -35.23 -38.15
C LYS D 117 14.67 -36.13 -37.45
N GLY D 118 14.16 -35.70 -36.30
CA GLY D 118 13.18 -36.49 -35.60
C GLY D 118 13.67 -37.11 -34.30
N PRO D 119 14.02 -38.40 -34.36
CA PRO D 119 14.17 -39.20 -33.13
C PRO D 119 15.08 -38.59 -32.06
N SER D 120 16.33 -38.26 -32.40
CA SER D 120 17.30 -37.76 -31.42
C SER D 120 17.52 -38.79 -30.30
N GLU D 121 18.13 -39.91 -30.70
CA GLU D 121 18.29 -41.11 -29.89
C GLU D 121 18.54 -40.86 -28.41
N LYS D 122 19.34 -39.84 -28.09
CA LYS D 122 19.53 -39.48 -26.68
C LYS D 122 18.22 -39.07 -26.03
N ILE D 123 17.42 -38.25 -26.72
CA ILE D 123 16.11 -37.87 -26.20
C ILE D 123 15.20 -39.08 -26.13
N LYS D 124 15.34 -40.02 -27.08
CA LYS D 124 14.55 -41.25 -27.02
C LYS D 124 14.85 -42.03 -25.73
N ARG D 125 16.14 -42.14 -25.39
CA ARG D 125 16.50 -42.86 -24.17
C ARG D 125 16.08 -42.10 -22.92
N GLU D 126 16.12 -40.76 -22.97
CA GLU D 126 15.78 -39.97 -21.80
C GLU D 126 14.27 -39.91 -21.55
N SER D 127 13.45 -39.93 -22.60
CA SER D 127 12.03 -39.61 -22.49
C SER D 127 11.12 -40.80 -22.78
N LEU D 128 11.66 -42.01 -22.89
CA LEU D 128 10.85 -43.19 -23.13
C LEU D 128 11.04 -44.21 -22.01
N TRP D 129 10.22 -45.26 -22.05
CA TRP D 129 10.33 -46.33 -21.07
C TRP D 129 11.42 -47.32 -21.47
N ASN D 130 11.38 -47.81 -22.71
CA ASN D 130 12.35 -48.78 -23.19
C ASN D 130 12.91 -48.37 -24.54
N ASP D 166 -21.72 -34.50 -36.71
CA ASP D 166 -20.48 -35.04 -36.15
C ASP D 166 -19.49 -35.38 -37.26
N LEU D 167 -19.17 -34.39 -38.09
CA LEU D 167 -18.23 -34.56 -39.18
C LEU D 167 -16.96 -33.74 -38.91
N LYS D 168 -16.04 -33.77 -39.86
CA LYS D 168 -14.73 -33.15 -39.69
C LYS D 168 -14.83 -31.65 -39.96
N THR D 169 -13.68 -30.98 -40.00
CA THR D 169 -13.62 -29.54 -40.16
C THR D 169 -13.59 -29.10 -41.61
N PHE D 170 -13.45 -30.03 -42.57
CA PHE D 170 -13.28 -29.66 -43.97
C PHE D 170 -14.49 -28.92 -44.52
N LEU D 171 -15.65 -29.03 -43.88
CA LEU D 171 -16.85 -28.36 -44.34
C LEU D 171 -17.01 -26.94 -43.78
N THR D 172 -16.01 -26.45 -43.03
CA THR D 172 -16.07 -25.07 -42.54
C THR D 172 -15.86 -24.06 -43.65
N GLU D 173 -15.23 -24.45 -44.76
CA GLU D 173 -15.04 -23.52 -45.87
C GLU D 173 -16.28 -23.39 -46.74
N ASN D 174 -17.32 -24.20 -46.51
CA ASN D 174 -18.53 -24.18 -47.33
C ASN D 174 -19.76 -23.84 -46.50
N MET D 175 -19.59 -23.31 -45.29
CA MET D 175 -20.74 -22.94 -44.47
C MET D 175 -20.56 -21.62 -43.74
N THR D 176 -19.54 -20.83 -44.07
CA THR D 176 -19.32 -19.53 -43.45
C THR D 176 -19.93 -18.44 -44.33
N GLU D 177 -21.04 -17.89 -43.89
CA GLU D 177 -21.65 -16.74 -44.56
C GLU D 177 -20.90 -15.48 -44.15
N GLU D 178 -20.61 -14.62 -45.13
CA GLU D 178 -19.99 -13.34 -44.83
C GLU D 178 -20.92 -12.49 -43.99
N SER D 179 -20.39 -11.93 -42.90
CA SER D 179 -21.15 -11.06 -42.02
C SER D 179 -20.62 -9.64 -42.18
N ASN D 180 -21.42 -8.78 -42.81
CA ASN D 180 -21.02 -7.40 -43.07
C ASN D 180 -22.18 -6.45 -42.81
N ILE D 181 -22.88 -6.65 -41.69
CA ILE D 181 -24.02 -5.82 -41.34
C ILE D 181 -23.65 -4.76 -40.30
N ARG D 182 -22.37 -4.40 -40.21
CA ARG D 182 -21.92 -3.42 -39.24
C ARG D 182 -22.56 -2.07 -39.51
N SER D 183 -22.90 -1.35 -38.44
CA SER D 183 -23.45 -0.01 -38.58
C SER D 183 -22.40 0.99 -39.03
N THR D 184 -21.11 0.69 -38.83
CA THR D 184 -20.03 1.56 -39.25
C THR D 184 -19.34 1.05 -40.52
N ILE D 185 -19.98 0.14 -41.25
CA ILE D 185 -19.36 -0.41 -42.46
C ILE D 185 -19.47 0.52 -43.65
N GLY D 186 -20.25 1.59 -43.56
CA GLY D 186 -20.37 2.56 -44.61
C GLY D 186 -19.30 3.63 -44.62
N TRP D 187 -18.33 3.54 -43.73
CA TRP D 187 -17.26 4.53 -43.64
C TRP D 187 -16.20 4.28 -44.71
N ASN D 259 31.76 6.18 -25.35
CA ASN D 259 32.55 5.07 -24.85
C ASN D 259 32.02 4.58 -23.51
N GLU D 260 31.60 5.52 -22.67
CA GLU D 260 31.05 5.16 -21.38
C GLU D 260 29.66 4.54 -21.54
N ASP D 261 29.27 3.75 -20.56
CA ASP D 261 27.98 3.08 -20.57
C ASP D 261 26.86 3.93 -19.99
N PHE D 262 27.18 5.10 -19.42
CA PHE D 262 26.21 5.98 -18.81
C PHE D 262 26.17 7.32 -19.55
N CYS D 263 25.19 8.14 -19.18
CA CYS D 263 25.03 9.47 -19.74
C CYS D 263 25.80 10.47 -18.89
N SER D 264 26.60 11.32 -19.53
CA SER D 264 27.38 12.29 -18.80
C SER D 264 26.53 13.33 -18.08
N ALA D 265 25.24 13.43 -18.40
CA ALA D 265 24.36 14.39 -17.77
C ALA D 265 23.65 13.82 -16.55
N CYS D 266 23.07 12.63 -16.67
CA CYS D 266 22.28 12.03 -15.60
C CYS D 266 22.90 10.76 -15.01
N ASN D 267 23.92 10.19 -15.65
CA ASN D 267 24.54 8.95 -15.22
C ASN D 267 23.53 7.81 -15.15
N GLN D 268 22.93 7.52 -16.32
CA GLN D 268 21.95 6.45 -16.45
C GLN D 268 22.15 5.76 -17.79
N SER D 269 21.52 4.60 -17.94
CA SER D 269 21.67 3.79 -19.14
C SER D 269 20.78 4.31 -20.26
N GLY D 270 20.82 3.64 -21.40
CA GLY D 270 20.00 3.97 -22.55
C GLY D 270 20.84 4.23 -23.78
N SER D 271 20.13 4.56 -24.86
CA SER D 271 20.80 4.91 -26.10
C SER D 271 21.49 6.26 -25.98
N PHE D 272 22.67 6.38 -26.56
CA PHE D 272 23.50 7.58 -26.42
C PHE D 272 23.95 8.08 -27.77
N LEU D 273 24.16 9.40 -27.85
CA LEU D 273 24.83 10.03 -28.99
C LEU D 273 26.25 10.34 -28.54
N CYS D 274 27.20 9.54 -29.03
CA CYS D 274 28.57 9.61 -28.53
C CYS D 274 29.32 10.76 -29.17
N CYS D 275 30.36 11.22 -28.47
CA CYS D 275 31.32 12.18 -28.97
C CYS D 275 32.60 11.44 -29.37
N ASP D 276 33.47 12.13 -30.10
CA ASP D 276 34.68 11.51 -30.61
C ASP D 276 35.96 12.05 -29.96
N THR D 277 35.99 13.34 -29.62
CA THR D 277 37.20 13.91 -29.02
C THR D 277 37.39 13.47 -27.56
N CYS D 278 36.34 12.93 -26.92
CA CYS D 278 36.46 12.44 -25.55
C CYS D 278 35.57 11.23 -25.41
N PRO D 279 35.79 10.38 -24.41
CA PRO D 279 34.88 9.25 -24.16
C PRO D 279 33.68 9.65 -23.29
N LYS D 280 32.84 10.55 -23.82
CA LYS D 280 31.60 10.94 -23.15
C LYS D 280 30.43 10.77 -24.10
N SER D 281 29.35 10.16 -23.60
CA SER D 281 28.15 9.91 -24.39
C SER D 281 26.95 10.49 -23.67
N PHE D 282 26.11 11.21 -24.41
CA PHE D 282 24.93 11.86 -23.88
C PHE D 282 23.66 11.24 -24.44
N HIS D 283 22.59 11.28 -23.65
CA HIS D 283 21.27 10.98 -24.17
C HIS D 283 20.86 12.03 -25.19
N PHE D 284 19.89 11.67 -26.04
CA PHE D 284 19.38 12.64 -27.01
C PHE D 284 18.63 13.77 -26.32
N LEU D 285 17.82 13.44 -25.31
CA LEU D 285 17.12 14.48 -24.55
C LEU D 285 18.05 15.19 -23.57
N CYS D 286 19.03 14.48 -23.00
CA CYS D 286 19.98 15.07 -22.08
C CYS D 286 21.01 15.89 -22.86
N LEU D 287 20.51 16.96 -23.47
CA LEU D 287 21.34 17.79 -24.35
C LEU D 287 20.67 19.14 -24.50
N ASP D 288 21.49 20.18 -24.60
CA ASP D 288 20.98 21.55 -24.73
C ASP D 288 21.39 22.12 -26.09
N PRO D 289 20.46 22.28 -27.04
CA PRO D 289 19.05 21.88 -26.99
C PRO D 289 18.87 20.39 -27.29
N PRO D 290 17.75 19.79 -26.84
CA PRO D 290 17.52 18.37 -27.13
C PRO D 290 17.47 18.11 -28.63
N ILE D 291 17.96 16.94 -29.02
CA ILE D 291 18.06 16.55 -30.42
C ILE D 291 17.12 15.38 -30.67
N ASP D 292 16.29 15.51 -31.71
CA ASP D 292 15.41 14.44 -32.10
C ASP D 292 16.20 13.32 -32.77
N PRO D 293 16.03 12.06 -32.36
CA PRO D 293 16.82 10.98 -32.97
C PRO D 293 16.57 10.80 -34.46
N ASN D 294 15.33 11.00 -34.92
CA ASN D 294 15.05 10.82 -36.34
C ASN D 294 15.80 11.84 -37.19
N ASN D 295 15.87 13.09 -36.72
CA ASN D 295 16.64 14.13 -37.40
C ASN D 295 18.04 14.13 -36.79
N LEU D 296 18.84 13.17 -37.23
CA LEU D 296 20.21 13.06 -36.75
C LEU D 296 21.02 14.26 -37.19
N PRO D 297 21.97 14.74 -36.38
CA PRO D 297 22.81 15.86 -36.82
C PRO D 297 23.55 15.59 -38.12
N LYS D 298 24.02 14.35 -38.32
CA LYS D 298 24.69 13.94 -39.55
C LYS D 298 25.91 14.82 -39.84
N GLY D 299 26.88 14.74 -38.93
CA GLY D 299 28.10 15.50 -39.08
C GLY D 299 28.99 15.29 -37.89
N ASP D 300 30.12 16.01 -37.90
CA ASP D 300 31.07 15.95 -36.79
C ASP D 300 30.44 16.60 -35.57
N TRP D 301 30.17 15.80 -34.54
CA TRP D 301 29.50 16.27 -33.33
C TRP D 301 30.44 16.17 -32.14
N HIS D 302 30.53 17.26 -31.38
CA HIS D 302 31.23 17.29 -30.11
C HIS D 302 30.30 17.86 -29.06
N CYS D 303 30.68 17.70 -27.79
CA CYS D 303 29.97 18.37 -26.72
C CYS D 303 30.49 19.79 -26.56
N ASN D 304 29.90 20.54 -25.62
CA ASN D 304 30.23 21.96 -25.48
C ASN D 304 31.69 22.16 -25.11
N GLU D 305 32.20 21.37 -24.16
CA GLU D 305 33.56 21.60 -23.68
C GLU D 305 34.60 21.25 -24.74
N CYS D 306 34.34 20.23 -25.56
CA CYS D 306 35.26 19.94 -26.67
C CYS D 306 35.29 21.09 -27.66
N LYS D 307 34.12 21.63 -28.02
CA LYS D 307 34.10 22.75 -28.95
C LYS D 307 34.84 23.95 -28.37
N PHE D 308 34.61 24.24 -27.08
CA PHE D 308 35.27 25.37 -26.46
C PHE D 308 36.78 25.18 -26.40
N LYS D 309 37.25 23.98 -26.09
CA LYS D 309 38.69 23.76 -25.97
C LYS D 309 39.37 23.70 -27.33
N ILE D 310 38.66 23.23 -28.36
CA ILE D 310 39.25 23.20 -29.70
C ILE D 310 39.29 24.60 -30.30
N PHE D 311 38.24 25.39 -30.07
CA PHE D 311 38.09 26.68 -30.76
C PHE D 311 38.57 27.87 -29.94
N ILE D 312 38.36 27.88 -28.63
CA ILE D 312 38.49 29.11 -27.85
C ILE D 312 39.60 29.03 -26.80
N ASN D 313 39.90 27.82 -26.34
CA ASN D 313 40.76 27.65 -25.15
C ASN D 313 42.21 27.97 -25.50
N ASN D 314 42.52 29.26 -25.50
CA ASN D 314 43.90 29.74 -25.54
C ASN D 314 44.25 30.16 -24.11
N SER D 315 44.85 29.22 -23.37
CA SER D 315 45.04 29.42 -21.94
C SER D 315 45.95 30.61 -21.63
N MET D 316 46.87 30.94 -22.54
CA MET D 316 47.78 32.05 -22.30
C MET D 316 47.05 33.39 -22.38
N ALA D 317 45.97 33.46 -23.16
CA ALA D 317 45.22 34.71 -23.32
C ALA D 317 43.73 34.57 -22.99
N THR D 318 43.32 33.47 -22.34
CA THR D 318 41.91 33.30 -22.02
C THR D 318 41.44 34.34 -21.01
N LEU D 319 42.30 34.70 -20.06
CA LEU D 319 41.92 35.69 -19.05
C LEU D 319 41.60 37.03 -19.69
N LYS D 320 42.30 37.39 -20.77
CA LYS D 320 41.99 38.63 -21.47
C LYS D 320 40.60 38.58 -22.08
N LYS D 321 40.21 37.44 -22.64
CA LYS D 321 38.85 37.30 -23.18
C LYS D 321 37.81 37.37 -22.08
N ILE D 322 38.08 36.74 -20.94
CA ILE D 322 37.15 36.81 -19.82
C ILE D 322 37.01 38.25 -19.33
N GLU D 323 38.12 38.98 -19.26
CA GLU D 323 38.06 40.38 -18.86
C GLU D 323 37.35 41.25 -19.90
N SER D 324 37.49 40.92 -21.18
CA SER D 324 36.74 41.63 -22.21
C SER D 324 35.25 41.43 -22.04
N ASN D 325 34.82 40.19 -21.79
CA ASN D 325 33.41 39.93 -21.52
C ASN D 325 32.97 40.65 -20.24
N PHE D 326 33.85 40.68 -19.23
CA PHE D 326 33.56 41.36 -17.97
C PHE D 326 33.27 42.84 -18.21
N ILE D 327 34.16 43.52 -18.95
CA ILE D 327 33.97 44.94 -19.21
C ILE D 327 32.81 45.17 -20.17
N LYS D 328 32.51 44.21 -21.04
CA LYS D 328 31.35 44.35 -21.90
C LYS D 328 30.06 44.28 -21.11
N GLN D 329 30.01 43.45 -20.08
CA GLN D 329 28.84 43.36 -19.21
C GLN D 329 28.88 44.36 -18.06
N ASN D 330 30.01 45.05 -17.85
CA ASN D 330 30.11 46.04 -16.78
C ASN D 330 29.07 47.15 -16.92
N ASN D 331 28.57 47.39 -18.13
CA ASN D 331 27.55 48.42 -18.31
C ASN D 331 26.26 48.07 -17.59
N ASN D 332 25.92 46.78 -17.54
CA ASN D 332 24.67 46.32 -16.94
C ASN D 332 24.91 45.50 -15.68
N VAL D 333 25.67 44.40 -15.77
CA VAL D 333 25.87 43.50 -14.64
C VAL D 333 27.32 43.04 -14.61
N LYS D 334 28.00 43.25 -13.48
CA LYS D 334 29.35 42.78 -13.28
C LYS D 334 29.48 41.75 -12.18
N ILE D 335 28.44 41.57 -11.35
CA ILE D 335 28.44 40.51 -10.35
C ILE D 335 28.12 39.15 -10.96
N PHE D 336 27.57 39.12 -12.17
CA PHE D 336 27.25 37.86 -12.85
C PHE D 336 28.03 37.64 -14.13
N ALA D 337 28.86 38.60 -14.56
CA ALA D 337 29.54 38.48 -15.84
C ALA D 337 30.48 37.27 -15.86
N LYS D 338 31.23 37.06 -14.77
CA LYS D 338 32.08 35.88 -14.68
C LYS D 338 31.26 34.61 -14.71
N LEU D 339 30.13 34.60 -13.99
CA LEU D 339 29.25 33.43 -14.00
C LEU D 339 28.68 33.17 -15.38
N LEU D 340 28.28 34.24 -16.09
CA LEU D 340 27.77 34.07 -17.45
C LEU D 340 28.84 33.52 -18.37
N PHE D 341 30.08 34.00 -18.24
CA PHE D 341 31.15 33.47 -19.07
C PHE D 341 31.48 32.02 -18.73
N ASN D 342 31.31 31.63 -17.47
CA ASN D 342 31.64 30.28 -17.03
C ASN D 342 30.60 29.25 -17.47
N ILE D 343 29.53 29.68 -18.16
CA ILE D 343 28.45 28.76 -18.53
C ILE D 343 28.65 28.13 -19.90
N ASP D 344 29.47 28.71 -20.77
CA ASP D 344 29.67 28.18 -22.12
C ASP D 344 30.66 27.03 -22.17
N SER D 345 31.46 26.82 -21.12
CA SER D 345 32.43 25.75 -21.09
C SER D 345 31.94 24.50 -20.37
N HIS D 346 30.69 24.48 -19.95
CA HIS D 346 30.12 23.36 -19.20
C HIS D 346 29.07 22.64 -20.04
N ASN D 347 29.13 21.32 -20.03
CA ASN D 347 28.13 20.49 -20.68
C ASN D 347 26.86 20.45 -19.84
N PRO D 348 25.72 20.12 -20.46
CA PRO D 348 24.47 20.01 -19.68
C PRO D 348 24.58 18.95 -18.60
N LYS D 349 23.91 19.19 -17.49
CA LYS D 349 23.99 18.32 -16.32
C LYS D 349 22.65 18.33 -15.60
N GLN D 350 22.19 17.16 -15.18
CA GLN D 350 20.94 17.05 -14.46
C GLN D 350 21.03 17.76 -13.11
N PHE D 351 19.93 18.40 -12.70
CA PHE D 351 19.91 19.10 -11.44
C PHE D 351 19.89 18.13 -10.26
N GLN D 352 20.67 18.45 -9.23
CA GLN D 352 20.66 17.71 -7.98
C GLN D 352 20.80 18.72 -6.84
N LEU D 353 20.09 18.45 -5.74
CA LEU D 353 20.19 19.33 -4.58
C LEU D 353 21.63 19.31 -4.04
N PRO D 354 22.14 20.45 -3.60
CA PRO D 354 23.59 20.56 -3.38
C PRO D 354 24.08 20.03 -2.04
N ASN D 355 23.55 18.89 -1.61
CA ASN D 355 24.16 18.04 -0.59
C ASN D 355 24.23 18.68 0.79
N TYR D 356 23.83 19.94 0.92
CA TYR D 356 23.66 20.56 2.24
C TYR D 356 22.20 20.84 2.55
N ILE D 357 21.30 20.56 1.61
CA ILE D 357 19.87 20.61 1.86
C ILE D 357 19.33 19.23 2.22
N LYS D 358 19.85 18.18 1.58
CA LYS D 358 19.41 16.83 1.91
C LYS D 358 19.76 16.45 3.34
N GLU D 359 20.95 16.85 3.80
CA GLU D 359 21.38 16.52 5.15
C GLU D 359 20.57 17.21 6.23
N THR D 360 19.79 18.24 5.87
CA THR D 360 18.97 18.92 6.86
C THR D 360 17.86 18.02 7.37
N PHE D 361 17.43 17.05 6.58
CA PHE D 361 16.34 16.14 6.96
C PHE D 361 16.89 14.73 7.08
N PRO D 362 17.13 14.23 8.30
CA PRO D 362 17.72 12.90 8.45
C PRO D 362 16.72 11.76 8.27
N ALA D 363 15.89 11.87 7.23
CA ALA D 363 15.01 10.79 6.84
C ALA D 363 14.95 10.63 5.32
N VAL D 364 15.66 11.47 4.57
CA VAL D 364 15.66 11.44 3.12
C VAL D 364 16.98 10.87 2.66
N LYS D 365 16.91 9.92 1.72
CA LYS D 365 18.11 9.29 1.18
C LYS D 365 17.98 9.23 -0.34
N THR D 366 19.13 9.16 -1.00
CA THR D 366 19.20 9.14 -2.46
C THR D 366 19.29 7.71 -2.96
N GLY D 367 18.45 7.38 -3.93
CA GLY D 367 18.46 6.05 -4.52
C GLY D 367 19.56 5.90 -5.56
N SER D 368 19.58 4.71 -6.17
CA SER D 368 20.61 4.40 -7.16
C SER D 368 20.53 5.34 -8.36
N ARG D 369 19.31 5.63 -8.83
CA ARG D 369 19.11 6.53 -9.95
C ARG D 369 19.09 8.00 -9.53
N GLY D 370 19.19 8.28 -8.23
CA GLY D 370 19.13 9.64 -7.74
C GLY D 370 17.76 10.11 -7.29
N GLN D 371 16.77 9.23 -7.29
CA GLN D 371 15.41 9.64 -6.98
C GLN D 371 15.21 9.79 -5.47
N TYR D 372 14.12 10.47 -5.11
CA TYR D 372 13.79 10.69 -3.72
C TYR D 372 13.45 9.37 -3.04
N SER D 373 13.98 9.16 -1.84
CA SER D 373 13.66 8.00 -1.02
C SER D 373 13.51 8.45 0.42
N ASP D 374 12.51 7.89 1.10
CA ASP D 374 12.24 8.24 2.49
C ASP D 374 12.20 7.00 3.35
N GLU D 375 11.75 7.14 4.60
CA GLU D 375 11.67 6.03 5.54
C GLU D 375 10.44 5.15 5.30
N ASN D 376 9.82 5.23 4.12
CA ASN D 376 8.69 4.39 3.75
C ASN D 376 8.98 3.61 2.48
N ASP D 377 10.24 3.23 2.27
CA ASP D 377 10.65 2.64 1.00
C ASP D 377 11.14 1.20 1.11
N LYS D 378 11.36 0.69 2.32
CA LYS D 378 12.03 -0.59 2.56
C LYS D 378 13.20 -0.83 1.61
N SER D 400 2.97 -23.70 2.22
CA SER D 400 1.61 -24.06 2.60
C SER D 400 1.33 -23.67 4.05
N TYR D 401 1.32 -24.65 4.93
CA TYR D 401 1.09 -24.42 6.36
C TYR D 401 2.41 -24.06 7.02
N ASN D 402 2.55 -22.80 7.44
CA ASN D 402 3.77 -22.30 8.07
C ASN D 402 3.38 -21.70 9.41
N PRO D 403 3.44 -22.49 10.50
CA PRO D 403 3.00 -21.97 11.80
C PRO D 403 3.98 -21.06 12.49
N ASP D 404 5.28 -21.12 12.18
CA ASP D 404 6.26 -20.33 12.90
C ASP D 404 6.10 -18.83 12.69
N THR D 405 5.33 -18.41 11.68
CA THR D 405 5.04 -17.00 11.53
C THR D 405 4.18 -16.45 12.66
N HIS D 406 3.54 -17.33 13.43
CA HIS D 406 2.73 -16.92 14.57
C HIS D 406 3.51 -16.84 15.86
N ILE D 407 4.83 -17.03 15.81
CA ILE D 407 5.68 -17.02 16.99
C ILE D 407 6.61 -15.82 16.91
N ASP D 408 6.75 -15.12 18.03
CA ASP D 408 7.55 -13.88 18.07
C ASP D 408 9.00 -14.17 17.72
N SER D 409 9.55 -15.27 18.23
CA SER D 409 10.94 -15.70 18.08
C SER D 409 11.91 -14.82 18.84
N ASN D 410 11.43 -13.75 19.48
CA ASN D 410 12.24 -12.96 20.41
C ASN D 410 11.99 -13.33 21.86
N SER D 411 10.81 -13.86 22.16
CA SER D 411 10.50 -14.34 23.50
C SER D 411 9.76 -15.67 23.49
N GLY D 412 9.44 -16.22 22.33
CA GLY D 412 8.70 -17.46 22.24
C GLY D 412 7.20 -17.34 22.40
N LYS D 413 6.68 -16.13 22.56
CA LYS D 413 5.25 -15.94 22.71
C LYS D 413 4.56 -15.96 21.34
N PHE D 414 3.23 -16.02 21.38
CA PHE D 414 2.43 -16.01 20.16
C PHE D 414 2.06 -14.58 19.79
N LEU D 415 2.08 -14.30 18.48
CA LEU D 415 1.70 -12.99 17.97
C LEU D 415 0.18 -12.88 17.99
N ILE D 416 -0.34 -12.00 18.85
CA ILE D 416 -1.77 -11.86 19.08
C ILE D 416 -2.28 -10.69 18.24
N CYS D 417 -3.24 -10.97 17.37
CA CYS D 417 -3.80 -9.94 16.50
C CYS D 417 -4.52 -8.87 17.32
N TYR D 418 -4.33 -7.60 16.92
CA TYR D 418 -4.91 -6.51 17.68
C TYR D 418 -6.44 -6.50 17.56
N LYS D 419 -6.97 -6.81 16.38
CA LYS D 419 -8.40 -6.68 16.16
C LYS D 419 -9.19 -7.79 16.84
N CYS D 420 -8.70 -9.03 16.78
CA CYS D 420 -9.46 -10.18 17.26
C CYS D 420 -8.92 -10.80 18.53
N ASN D 421 -7.72 -10.42 18.98
CA ASN D 421 -7.12 -10.94 20.22
C ASN D 421 -6.87 -12.44 20.16
N GLN D 422 -6.69 -12.98 18.95
CA GLN D 422 -6.38 -14.40 18.78
C GLN D 422 -5.22 -14.53 17.80
N THR D 423 -4.48 -15.63 17.93
CA THR D 423 -3.40 -15.93 17.00
C THR D 423 -3.87 -16.77 15.82
N ARG D 424 -4.87 -17.63 16.02
CA ARG D 424 -5.42 -18.49 14.98
C ARG D 424 -4.32 -19.27 14.28
N LEU D 425 -3.65 -20.12 15.06
CA LEU D 425 -2.49 -20.86 14.55
C LEU D 425 -2.90 -21.97 13.60
N GLY D 426 -4.09 -22.53 13.77
CA GLY D 426 -4.48 -23.69 13.00
C GLY D 426 -3.81 -24.95 13.49
N SER D 427 -3.79 -25.97 12.63
CA SER D 427 -3.15 -27.23 12.96
C SER D 427 -2.71 -27.91 11.67
N TRP D 428 -1.76 -28.84 11.82
CA TRP D 428 -1.29 -29.60 10.67
C TRP D 428 -2.35 -30.54 10.15
N SER D 429 -3.24 -31.01 11.02
CA SER D 429 -4.37 -31.82 10.57
C SER D 429 -5.34 -31.00 9.72
N HIS D 430 -5.58 -29.74 10.10
CA HIS D 430 -6.51 -28.86 9.40
C HIS D 430 -5.82 -27.53 9.15
N PRO D 431 -4.99 -27.44 8.11
CA PRO D 431 -4.29 -26.18 7.83
C PRO D 431 -5.17 -25.06 7.32
N GLU D 432 -6.44 -25.35 7.02
CA GLU D 432 -7.38 -24.33 6.58
C GLU D 432 -8.04 -23.59 7.74
N ASN D 433 -7.73 -23.96 8.97
CA ASN D 433 -8.25 -23.27 10.15
C ASN D 433 -7.34 -22.13 10.60
N SER D 434 -6.22 -21.90 9.92
CA SER D 434 -5.26 -20.88 10.29
C SER D 434 -5.46 -19.61 9.46
N ARG D 435 -4.94 -18.50 9.98
CA ARG D 435 -5.06 -17.20 9.35
C ARG D 435 -3.68 -16.56 9.27
N LEU D 436 -3.38 -15.94 8.13
CA LEU D 436 -2.11 -15.29 7.93
C LEU D 436 -2.00 -14.03 8.79
N ILE D 437 -0.78 -13.74 9.26
CA ILE D 437 -0.55 -12.64 10.17
C ILE D 437 0.65 -11.83 9.67
N MET D 438 0.67 -10.52 9.97
CA MET D 438 1.50 -9.58 9.23
C MET D 438 2.61 -8.91 10.03
N THR D 439 2.35 -8.50 11.28
CA THR D 439 3.35 -7.86 12.16
C THR D 439 3.93 -6.57 11.51
N CYS D 440 3.07 -5.54 11.52
CA CYS D 440 3.36 -4.23 10.95
C CYS D 440 4.79 -3.76 11.21
N ASP D 441 5.35 -3.04 10.23
CA ASP D 441 6.78 -2.73 10.21
C ASP D 441 7.16 -1.46 10.96
N TYR D 442 6.20 -0.69 11.46
CA TYR D 442 6.50 0.56 12.16
C TYR D 442 6.46 0.39 13.68
N CYS D 443 5.33 -0.08 14.21
CA CYS D 443 5.16 -0.27 15.64
C CYS D 443 5.15 -1.74 16.05
N GLN D 444 5.43 -2.66 15.11
CA GLN D 444 5.49 -4.09 15.36
C GLN D 444 4.17 -4.67 15.84
N THR D 445 3.05 -4.01 15.56
CA THR D 445 1.87 -4.71 16.03
C THR D 445 1.39 -5.72 14.98
N PRO D 446 0.91 -6.88 15.40
CA PRO D 446 0.48 -7.90 14.44
C PRO D 446 -1.00 -7.81 14.09
N TRP D 447 -1.30 -8.07 12.82
CA TRP D 447 -2.65 -8.04 12.29
C TRP D 447 -2.88 -9.27 11.42
N HIS D 448 -4.16 -9.64 11.29
CA HIS D 448 -4.56 -10.68 10.36
C HIS D 448 -4.94 -10.05 9.04
N LEU D 449 -4.63 -10.75 7.94
CA LEU D 449 -5.03 -10.26 6.62
C LEU D 449 -6.54 -10.21 6.46
N ASP D 450 -7.28 -10.95 7.27
CA ASP D 450 -8.74 -10.92 7.24
C ASP D 450 -9.32 -9.95 8.26
N CYS D 451 -8.52 -9.47 9.21
CA CYS D 451 -9.00 -8.50 10.19
C CYS D 451 -8.88 -7.08 9.66
N VAL D 452 -7.72 -6.72 9.12
CA VAL D 452 -7.59 -5.55 8.25
C VAL D 452 -7.87 -6.02 6.82
N PRO D 453 -8.86 -5.46 6.14
CA PRO D 453 -9.20 -5.98 4.80
C PRO D 453 -8.01 -5.89 3.86
N ARG D 454 -7.48 -7.04 3.46
CA ARG D 454 -6.29 -7.10 2.63
C ARG D 454 -6.16 -8.51 2.08
N ALA D 455 -5.59 -8.61 0.86
CA ALA D 455 -5.50 -9.88 0.16
C ALA D 455 -4.16 -10.56 0.35
N SER D 456 -3.06 -9.86 0.04
CA SER D 456 -1.74 -10.45 0.05
C SER D 456 -0.84 -9.70 1.02
N PHE D 457 0.36 -10.25 1.22
CA PHE D 457 1.41 -9.59 1.98
C PHE D 457 2.04 -8.48 1.14
N LYS D 458 2.77 -7.61 1.82
CA LYS D 458 3.53 -6.55 1.17
C LYS D 458 5.00 -6.95 1.15
N ASN D 459 5.58 -7.05 -0.05
CA ASN D 459 6.94 -7.56 -0.21
C ASN D 459 7.82 -6.71 -1.10
N LEU D 460 7.27 -5.88 -1.98
CA LEU D 460 8.08 -5.14 -2.94
C LEU D 460 7.90 -3.63 -2.86
N GLY D 461 6.68 -3.15 -2.61
CA GLY D 461 6.44 -1.72 -2.61
C GLY D 461 6.88 -1.02 -1.35
N SER D 462 6.10 -0.05 -0.90
CA SER D 462 6.42 0.67 0.33
C SER D 462 6.21 -0.22 1.54
N LYS D 463 6.75 0.22 2.68
CA LYS D 463 6.54 -0.50 3.92
C LYS D 463 5.07 -0.45 4.32
N TRP D 464 4.58 -1.53 4.90
CA TRP D 464 3.19 -1.58 5.34
C TRP D 464 3.04 -0.88 6.68
N LYS D 465 2.01 -0.05 6.79
CA LYS D 465 1.69 0.67 8.02
C LYS D 465 0.28 0.29 8.44
N CYS D 466 0.15 -0.19 9.67
CA CYS D 466 -1.15 -0.59 10.19
C CYS D 466 -2.04 0.63 10.38
N PRO D 467 -3.35 0.44 10.49
CA PRO D 467 -4.26 1.58 10.60
C PRO D 467 -4.25 2.28 11.96
N LEU D 468 -3.24 2.02 12.78
CA LEU D 468 -3.14 2.61 14.11
C LEU D 468 -2.13 3.75 14.15
N HIS D 469 -2.03 4.56 13.10
CA HIS D 469 -1.05 5.63 13.03
C HIS D 469 -1.72 6.94 12.61
N SER D 470 -1.02 8.04 12.85
CA SER D 470 -1.54 9.36 12.50
C SER D 470 -1.47 9.58 11.00
N PRO D 471 -2.44 10.29 10.42
CA PRO D 471 -2.47 10.44 8.95
C PRO D 471 -1.25 11.12 8.35
N THR D 472 -0.72 12.15 9.02
CA THR D 472 0.42 12.94 8.54
C THR D 472 0.12 13.67 7.22
N LYS D 473 -1.11 13.57 6.73
CA LYS D 473 -1.54 14.32 5.55
C LYS D 473 -3.06 14.28 5.50
N VAL D 474 -3.69 15.45 5.51
CA VAL D 474 -5.14 15.56 5.64
C VAL D 474 -5.68 16.52 4.60
N TYR D 475 -6.83 16.17 4.02
CA TYR D 475 -7.61 17.06 3.16
C TYR D 475 -8.89 17.41 3.90
N LYS D 476 -9.01 18.66 4.34
CA LYS D 476 -10.17 19.13 5.09
C LYS D 476 -11.05 20.00 4.20
N LYS D 477 -12.34 19.69 4.16
CA LYS D 477 -13.29 20.46 3.37
C LYS D 477 -13.81 21.65 4.15
N TYR D 489 -11.15 22.99 -0.79
CA TYR D 489 -10.51 22.15 0.21
C TYR D 489 -9.20 22.76 0.69
N LYS D 490 -8.68 22.24 1.79
CA LYS D 490 -7.44 22.70 2.40
C LYS D 490 -6.58 21.50 2.72
N VAL D 491 -5.28 21.62 2.46
CA VAL D 491 -4.33 20.53 2.63
C VAL D 491 -3.47 20.83 3.85
N TRP D 492 -3.41 19.88 4.78
CA TRP D 492 -2.52 19.95 5.93
C TRP D 492 -1.47 18.85 5.81
N LYS D 493 -0.22 19.20 5.98
CA LYS D 493 0.89 18.26 5.89
C LYS D 493 1.77 18.42 7.12
N LYS D 494 2.16 17.30 7.72
CA LYS D 494 3.03 17.33 8.89
C LYS D 494 4.46 17.70 8.48
N GLN D 495 5.13 18.46 9.34
CA GLN D 495 6.49 18.90 9.05
C GLN D 495 7.44 17.71 8.97
N ARG D 496 8.48 17.86 8.17
CA ARG D 496 9.49 16.83 8.05
C ARG D 496 10.38 16.81 9.29
N LEU D 497 11.15 15.73 9.43
CA LEU D 497 12.06 15.59 10.55
C LEU D 497 13.33 16.39 10.30
N ILE D 498 13.69 17.23 11.25
CA ILE D 498 14.88 18.06 11.16
C ILE D 498 15.95 17.45 12.05
N ASN D 499 17.21 17.59 11.63
CA ASN D 499 18.31 17.13 12.47
C ASN D 499 18.30 17.87 13.80
N LYS D 500 18.68 17.15 14.86
CA LYS D 500 18.48 17.65 16.22
C LYS D 500 19.22 18.94 16.50
N LYS D 501 20.23 19.27 15.70
CA LYS D 501 20.95 20.53 15.91
C LYS D 501 20.05 21.73 15.70
N ASN D 502 19.23 21.70 14.65
CA ASN D 502 18.34 22.80 14.32
C ASN D 502 16.90 22.55 14.75
N GLN D 503 16.61 21.42 15.37
CA GLN D 503 15.24 21.09 15.77
C GLN D 503 14.94 21.79 17.09
N LEU D 504 14.31 22.95 16.99
CA LEU D 504 13.99 23.76 18.16
C LEU D 504 12.72 23.27 18.81
N TYR D 505 12.75 23.12 20.12
CA TYR D 505 11.58 22.75 20.92
C TYR D 505 11.14 23.94 21.76
N TYR D 506 9.89 23.89 22.21
CA TYR D 506 9.36 24.97 23.04
C TYR D 506 8.13 24.47 23.78
N GLU D 507 8.03 24.84 25.06
CA GLU D 507 6.89 24.49 25.88
C GLU D 507 6.09 25.74 26.20
N PRO D 508 4.83 25.83 25.79
CA PRO D 508 4.04 27.04 26.07
C PRO D 508 3.65 27.13 27.53
N LEU D 509 3.41 28.37 27.95
CA LEU D 509 2.92 28.64 29.30
C LEU D 509 1.40 28.65 29.39
N GLN D 510 0.70 28.57 28.27
CA GLN D 510 -0.75 28.70 28.28
C GLN D 510 -1.42 27.40 28.72
N LYS D 511 -1.12 26.31 28.02
CA LYS D 511 -1.39 24.92 28.38
C LYS D 511 -2.88 24.56 28.43
N ILE D 512 -3.80 25.49 28.16
CA ILE D 512 -5.22 25.18 28.10
C ILE D 512 -5.77 25.39 26.69
N GLY D 513 -5.59 26.58 26.13
CA GLY D 513 -5.92 26.78 24.73
C GLY D 513 -4.75 27.37 23.97
N TYR D 514 -4.16 26.59 23.07
CA TYR D 514 -2.95 27.03 22.38
C TYR D 514 -3.01 26.47 20.97
N GLN D 515 -3.23 27.35 19.99
CA GLN D 515 -3.39 26.93 18.61
C GLN D 515 -2.05 26.43 18.08
N ASN D 516 -1.95 25.11 17.89
CA ASN D 516 -0.81 24.48 17.25
C ASN D 516 -1.31 23.59 16.13
N ASN D 517 -0.40 23.25 15.22
CA ASN D 517 -0.69 22.28 14.18
C ASN D 517 -0.56 20.87 14.77
N GLY D 518 -0.51 19.87 13.91
CA GLY D 518 -0.27 18.51 14.37
C GLY D 518 1.18 18.26 14.69
N ASN D 519 1.95 19.32 14.89
CA ASN D 519 3.36 19.23 15.25
C ASN D 519 3.48 19.41 16.75
N ILE D 520 3.27 18.32 17.49
CA ILE D 520 3.33 18.31 18.93
C ILE D 520 4.33 17.26 19.39
N GLN D 521 4.49 17.16 20.71
CA GLN D 521 5.32 16.14 21.32
C GLN D 521 4.81 15.91 22.74
N ILE D 522 4.33 14.71 23.02
CA ILE D 522 3.69 14.42 24.29
C ILE D 522 4.77 14.25 25.36
N ILE D 523 4.55 14.86 26.52
CA ILE D 523 5.48 14.76 27.63
C ILE D 523 4.77 14.20 28.86
N ASN D 534 13.84 30.59 10.55
CA ASN D 534 14.22 29.33 11.19
C ASN D 534 13.22 28.95 12.28
N GLN D 535 12.69 29.95 12.99
CA GLN D 535 11.74 29.68 14.07
C GLN D 535 10.33 29.51 13.51
N ASP D 536 10.19 28.68 12.47
CA ASP D 536 8.90 28.27 11.98
C ASP D 536 8.63 26.78 12.19
N PHE D 537 9.65 26.02 12.58
CA PHE D 537 9.54 24.58 12.77
C PHE D 537 9.58 24.20 14.25
N LYS D 538 9.06 25.05 15.12
CA LYS D 538 8.97 24.72 16.53
C LYS D 538 8.04 23.54 16.75
N ILE D 539 8.38 22.67 17.68
CA ILE D 539 7.57 21.52 18.05
C ILE D 539 7.04 21.79 19.44
N THR D 540 5.77 22.17 19.53
CA THR D 540 5.14 22.41 20.82
C THR D 540 5.08 21.13 21.63
N GLN D 541 5.32 21.25 22.93
CA GLN D 541 5.18 20.14 23.86
C GLN D 541 3.86 20.35 24.62
N ILE D 542 2.93 19.42 24.45
CA ILE D 542 1.53 19.70 24.74
C ILE D 542 1.04 19.05 26.03
N ASP D 543 1.56 17.87 26.40
CA ASP D 543 1.15 17.15 27.61
C ASP D 543 -0.29 16.63 27.48
N GLU D 544 -0.60 15.54 28.18
CA GLU D 544 -1.87 14.84 27.97
C GLU D 544 -3.05 15.61 28.55
N ASN D 545 -2.86 16.28 29.69
CA ASN D 545 -3.97 16.98 30.33
C ASN D 545 -4.50 18.09 29.44
N SER D 546 -3.60 18.81 28.77
CA SER D 546 -4.04 19.85 27.85
C SER D 546 -4.86 19.27 26.71
N ILE D 547 -4.46 18.10 26.19
CA ILE D 547 -5.23 17.47 25.12
C ILE D 547 -6.61 17.09 25.61
N LYS D 548 -6.70 16.56 26.85
CA LYS D 548 -8.00 16.24 27.41
C LYS D 548 -8.89 17.48 27.50
N TYR D 549 -8.33 18.58 28.00
CA TYR D 549 -9.11 19.81 28.12
C TYR D 549 -9.53 20.34 26.77
N ASP D 550 -8.65 20.28 25.77
CA ASP D 550 -9.01 20.73 24.42
C ASP D 550 -10.15 19.91 23.84
N PHE D 551 -10.07 18.58 23.99
CA PHE D 551 -11.12 17.73 23.47
C PHE D 551 -12.45 18.03 24.12
N PHE D 552 -12.46 18.15 25.46
CA PHE D 552 -13.72 18.39 26.15
C PHE D 552 -14.27 19.77 25.82
N ASP D 553 -13.38 20.75 25.68
CA ASP D 553 -13.79 22.10 25.29
C ASP D 553 -14.46 22.09 23.94
N LYS D 554 -13.85 21.40 22.96
CA LYS D 554 -14.42 21.35 21.62
C LYS D 554 -15.77 20.65 21.62
N ILE D 555 -15.89 19.53 22.34
CA ILE D 555 -17.17 18.83 22.40
C ILE D 555 -18.25 19.72 22.99
N TYR D 556 -17.95 20.38 24.11
CA TYR D 556 -18.97 21.19 24.77
C TYR D 556 -19.36 22.41 23.93
N LYS D 557 -18.37 23.04 23.30
CA LYS D 557 -18.65 24.20 22.45
C LYS D 557 -19.50 23.80 21.24
N SER D 558 -19.19 22.67 20.60
CA SER D 558 -20.01 22.23 19.48
C SER D 558 -21.41 21.87 19.94
N LYS D 559 -21.54 21.32 21.15
CA LYS D 559 -22.85 21.05 21.72
C LYS D 559 -23.67 22.33 21.82
N MET D 560 -23.06 23.41 22.35
CA MET D 560 -23.79 24.67 22.40
C MET D 560 -24.12 25.19 21.01
N VAL D 561 -23.18 25.09 20.07
CA VAL D 561 -23.40 25.62 18.73
C VAL D 561 -24.61 24.94 18.10
N GLN D 562 -24.71 23.63 18.25
CA GLN D 562 -25.85 22.92 17.68
C GLN D 562 -27.14 23.21 18.45
N LYS D 563 -27.08 23.28 19.78
CA LYS D 563 -28.30 23.47 20.55
C LYS D 563 -28.83 24.90 20.52
N ARG D 564 -28.03 25.87 20.06
CA ARG D 564 -28.57 27.21 19.85
C ARG D 564 -29.65 27.20 18.79
N LYS D 565 -29.45 26.45 17.71
CA LYS D 565 -30.41 26.39 16.61
C LYS D 565 -31.71 25.72 17.04
N PHE E 262 22.93 58.14 46.30
CA PHE E 262 21.56 58.29 45.82
C PHE E 262 20.80 56.98 45.94
N CYS E 263 19.70 57.00 46.70
CA CYS E 263 18.88 55.81 46.89
C CYS E 263 18.24 55.42 45.57
N SER E 264 18.67 54.29 45.00
CA SER E 264 18.12 53.85 43.72
C SER E 264 16.80 53.10 43.93
N ALA E 265 15.91 53.67 44.71
CA ALA E 265 14.53 53.25 44.85
C ALA E 265 13.56 54.40 44.71
N CYS E 266 13.93 55.59 45.21
CA CYS E 266 13.14 56.80 45.05
C CYS E 266 13.92 57.92 44.38
N ASN E 267 15.19 57.71 44.06
CA ASN E 267 16.03 58.69 43.36
C ASN E 267 16.10 60.02 44.11
N GLN E 268 16.27 59.94 45.43
CA GLN E 268 16.41 61.11 46.29
C GLN E 268 17.72 61.02 47.06
N SER E 269 17.91 61.97 47.97
CA SER E 269 19.12 62.06 48.79
C SER E 269 18.79 61.79 50.25
N GLY E 270 19.84 61.48 51.00
CA GLY E 270 19.71 61.18 52.42
C GLY E 270 20.81 60.23 52.85
N SER E 271 20.52 59.45 53.89
CA SER E 271 21.45 58.46 54.41
C SER E 271 21.24 57.15 53.67
N PHE E 272 22.29 56.69 52.99
CA PHE E 272 22.22 55.51 52.13
C PHE E 272 22.94 54.34 52.78
N LEU E 273 22.89 53.20 52.09
CA LEU E 273 23.64 52.00 52.45
C LEU E 273 24.47 51.62 51.23
N CYS E 274 25.78 51.89 51.31
CA CYS E 274 26.65 51.65 50.17
C CYS E 274 26.84 50.16 49.93
N CYS E 275 27.11 49.81 48.68
CA CYS E 275 27.39 48.44 48.27
C CYS E 275 28.87 48.29 47.97
N ASP E 276 29.28 47.06 47.63
CA ASP E 276 30.67 46.76 47.37
C ASP E 276 30.93 46.32 45.94
N THR E 277 30.19 45.31 45.45
CA THR E 277 30.42 44.83 44.08
C THR E 277 29.96 45.87 43.06
N CYS E 278 28.77 46.43 43.26
CA CYS E 278 28.22 47.43 42.35
C CYS E 278 28.17 48.79 43.04
N PRO E 279 28.58 49.86 42.35
CA PRO E 279 28.52 51.19 42.98
C PRO E 279 27.10 51.70 43.10
N LYS E 280 26.35 51.15 44.03
CA LYS E 280 24.96 51.52 44.25
C LYS E 280 24.73 51.79 45.74
N SER E 281 23.79 52.67 46.04
CA SER E 281 23.47 53.06 47.41
C SER E 281 21.96 53.01 47.60
N PHE E 282 21.52 52.35 48.66
CA PHE E 282 20.10 52.17 48.96
C PHE E 282 19.79 52.70 50.35
N HIS E 283 18.52 53.06 50.54
CA HIS E 283 18.04 53.47 51.86
C HIS E 283 17.76 52.25 52.73
N PHE E 284 17.82 52.47 54.04
CA PHE E 284 17.52 51.38 54.98
C PHE E 284 16.05 51.02 54.96
N LEU E 285 15.17 51.98 54.65
CA LEU E 285 13.74 51.70 54.62
C LEU E 285 13.22 51.37 53.23
N CYS E 286 13.96 51.74 52.18
CA CYS E 286 13.55 51.44 50.81
C CYS E 286 14.09 50.07 50.36
N LEU E 287 13.83 49.05 51.17
CA LEU E 287 14.28 47.70 50.90
C LEU E 287 13.16 46.72 51.21
N ASP E 288 13.25 45.54 50.60
CA ASP E 288 12.31 44.44 50.86
C ASP E 288 13.09 43.21 51.28
N PRO E 289 13.09 42.87 52.57
CA PRO E 289 12.45 43.57 53.69
C PRO E 289 13.29 44.74 54.19
N PRO E 290 12.65 45.75 54.80
CA PRO E 290 13.41 46.85 55.38
C PRO E 290 14.29 46.37 56.54
N ILE E 291 15.40 47.08 56.73
CA ILE E 291 16.39 46.73 57.75
C ILE E 291 16.53 47.90 58.71
N ASP E 292 16.71 47.57 59.99
CA ASP E 292 16.94 48.60 61.00
C ASP E 292 18.24 49.33 60.68
N PRO E 293 18.24 50.67 60.67
CA PRO E 293 19.47 51.40 60.31
C PRO E 293 20.65 51.08 61.22
N ASN E 294 20.41 50.91 62.52
CA ASN E 294 21.51 50.56 63.43
C ASN E 294 21.96 49.11 63.22
N ASN E 295 21.03 48.22 62.84
CA ASN E 295 21.33 46.81 62.67
C ASN E 295 22.09 46.61 61.37
N LEU E 296 23.41 46.77 61.44
CA LEU E 296 24.26 46.47 60.31
C LEU E 296 24.32 44.97 60.07
N PRO E 297 24.68 44.53 58.86
CA PRO E 297 24.84 43.09 58.61
C PRO E 297 26.01 42.47 59.35
N LYS E 298 26.99 43.26 59.79
CA LYS E 298 28.22 42.76 60.42
C LYS E 298 28.92 41.75 59.51
N GLY E 299 28.87 41.98 58.20
CA GLY E 299 29.49 41.08 57.26
C GLY E 299 29.36 41.54 55.83
N ASP E 300 29.05 40.60 54.92
CA ASP E 300 28.89 40.89 53.51
C ASP E 300 27.40 40.96 53.18
N TRP E 301 26.98 42.08 52.60
CA TRP E 301 25.58 42.30 52.23
C TRP E 301 25.48 42.56 50.74
N HIS E 302 24.51 41.92 50.09
CA HIS E 302 24.27 42.09 48.67
C HIS E 302 22.81 42.45 48.45
N CYS E 303 22.56 43.28 47.45
CA CYS E 303 21.20 43.70 47.11
C CYS E 303 20.50 42.58 46.36
N ASN E 304 19.28 42.85 45.88
CA ASN E 304 18.56 41.85 45.10
C ASN E 304 19.31 41.50 43.82
N GLU E 305 19.85 42.51 43.13
CA GLU E 305 20.75 42.27 42.03
C GLU E 305 22.14 41.91 42.55
N CYS E 306 22.94 41.29 41.67
CA CYS E 306 24.31 40.88 41.97
C CYS E 306 24.34 39.75 42.99
N LYS E 307 23.18 39.38 43.51
CA LYS E 307 23.04 38.16 44.31
C LYS E 307 22.41 37.03 43.53
N PHE E 308 21.49 37.35 42.61
CA PHE E 308 21.00 36.36 41.66
C PHE E 308 22.05 36.05 40.59
N LYS E 309 22.93 37.03 40.30
CA LYS E 309 23.97 36.81 39.30
C LYS E 309 24.96 35.75 39.77
N ILE E 310 25.46 35.88 41.00
CA ILE E 310 26.32 34.84 41.55
C ILE E 310 25.53 33.56 41.79
N PHE E 311 24.23 33.69 42.05
CA PHE E 311 23.39 32.52 42.26
C PHE E 311 23.31 31.67 41.00
N ILE E 312 23.25 32.31 39.83
CA ILE E 312 23.04 31.60 38.58
C ILE E 312 24.34 31.31 37.83
N ASN E 313 25.40 32.08 38.07
CA ASN E 313 26.65 31.88 37.35
C ASN E 313 27.66 31.01 38.10
N ASN E 314 27.46 30.78 39.40
CA ASN E 314 28.45 30.04 40.18
C ASN E 314 27.91 28.81 40.88
N SER E 315 26.75 28.92 41.55
CA SER E 315 26.32 27.84 42.45
C SER E 315 25.54 26.75 41.72
N MET E 316 24.46 27.12 41.02
CA MET E 316 23.80 26.19 40.11
C MET E 316 24.70 25.83 38.94
N ALA E 317 24.20 24.93 38.08
CA ALA E 317 25.02 24.34 37.04
C ALA E 317 25.17 25.28 35.84
N THR E 318 24.06 25.65 35.21
CA THR E 318 24.11 26.37 33.94
C THR E 318 22.90 27.29 33.80
N LEU E 319 23.00 28.20 32.85
CA LEU E 319 21.95 29.15 32.55
C LEU E 319 20.80 28.44 31.84
N LYS E 320 19.60 29.04 31.96
CA LYS E 320 18.36 28.62 31.32
C LYS E 320 17.84 27.28 31.85
N LYS E 321 18.39 26.79 32.95
CA LYS E 321 17.90 25.57 33.59
C LYS E 321 17.08 25.85 34.85
N ILE E 322 17.45 26.88 35.61
CA ILE E 322 16.69 27.23 36.81
C ILE E 322 15.30 27.71 36.43
N GLU E 323 15.18 28.43 35.31
CA GLU E 323 13.87 28.91 34.86
C GLU E 323 12.92 27.76 34.59
N SER E 324 13.41 26.73 33.90
CA SER E 324 12.56 25.58 33.61
C SER E 324 12.13 24.87 34.88
N ASN E 325 13.05 24.71 35.84
CA ASN E 325 12.72 24.07 37.10
C ASN E 325 11.67 24.87 37.87
N PHE E 326 11.81 26.21 37.88
CA PHE E 326 10.84 27.04 38.56
C PHE E 326 9.47 26.96 37.89
N ILE E 327 9.44 26.97 36.56
CA ILE E 327 8.17 26.88 35.84
C ILE E 327 7.50 25.54 36.11
N LYS E 328 8.27 24.46 36.08
CA LYS E 328 7.72 23.14 36.37
C LYS E 328 7.20 23.06 37.81
N GLN E 329 7.95 23.62 38.76
CA GLN E 329 7.53 23.60 40.15
C GLN E 329 6.24 24.39 40.35
N ASN E 330 6.09 25.51 39.66
CA ASN E 330 4.93 26.38 39.78
C ASN E 330 3.92 26.13 38.66
N ASN E 331 3.77 24.87 38.24
CA ASN E 331 2.84 24.54 37.17
C ASN E 331 1.40 24.83 37.55
N ASN E 332 1.09 24.94 38.84
CA ASN E 332 -0.27 25.28 39.24
C ASN E 332 -0.67 26.67 38.73
N VAL E 333 0.25 27.63 38.86
CA VAL E 333 0.07 28.94 38.24
C VAL E 333 1.14 29.11 37.16
N LYS E 334 0.82 28.70 35.94
CA LYS E 334 1.82 28.60 34.89
C LYS E 334 1.88 29.84 34.01
N ILE E 335 0.78 30.60 33.91
CA ILE E 335 0.78 31.79 33.08
C ILE E 335 1.60 32.92 33.71
N PHE E 336 1.77 32.91 35.03
CA PHE E 336 2.57 33.92 35.72
C PHE E 336 3.94 33.41 36.13
N ALA E 337 4.32 32.21 35.69
CA ALA E 337 5.60 31.63 36.13
C ALA E 337 6.78 32.46 35.64
N LYS E 338 6.74 32.90 34.39
CA LYS E 338 7.86 33.69 33.86
C LYS E 338 7.93 35.08 34.47
N LEU E 339 6.84 35.57 35.06
CA LEU E 339 6.87 36.82 35.81
C LEU E 339 7.32 36.60 37.25
N LEU E 340 6.87 35.50 37.87
CA LEU E 340 7.29 35.19 39.23
C LEU E 340 8.78 34.86 39.29
N PHE E 341 9.34 34.30 38.23
CA PHE E 341 10.78 34.01 38.23
C PHE E 341 11.59 35.30 38.12
N ASN E 342 11.11 36.26 37.34
CA ASN E 342 11.83 37.51 37.15
C ASN E 342 11.56 38.54 38.23
N ILE E 343 10.53 38.34 39.06
CA ILE E 343 10.27 39.30 40.12
C ILE E 343 11.35 39.28 41.18
N ASP E 344 11.96 38.13 41.43
CA ASP E 344 13.04 38.03 42.42
C ASP E 344 14.40 38.22 41.78
N SER E 345 14.52 39.28 40.98
CA SER E 345 15.80 39.65 40.38
C SER E 345 16.01 41.16 40.30
N HIS E 346 15.10 41.97 40.82
CA HIS E 346 15.15 43.42 40.67
C HIS E 346 15.13 44.09 42.03
N ASN E 347 15.90 45.17 42.15
CA ASN E 347 15.90 45.94 43.38
C ASN E 347 14.57 46.67 43.56
N PRO E 348 14.13 46.86 44.79
CA PRO E 348 12.87 47.58 45.03
C PRO E 348 12.95 49.01 44.52
N LYS E 349 11.84 49.49 43.96
CA LYS E 349 11.73 50.84 43.45
C LYS E 349 10.40 51.44 43.89
N GLN E 350 10.36 52.77 43.93
CA GLN E 350 9.11 53.46 44.24
C GLN E 350 8.13 53.30 43.08
N PHE E 351 6.84 53.31 43.42
CA PHE E 351 5.81 53.08 42.41
C PHE E 351 5.62 54.31 41.54
N GLN E 352 6.38 54.40 40.46
CA GLN E 352 6.23 55.49 39.51
C GLN E 352 5.07 55.19 38.56
N LEU E 353 4.35 56.25 38.19
CA LEU E 353 3.21 56.08 37.29
C LEU E 353 3.69 55.61 35.91
N PRO E 354 2.86 54.87 35.18
CA PRO E 354 3.28 54.32 33.88
C PRO E 354 3.54 55.36 32.80
N ASN E 355 3.46 56.65 33.16
CA ASN E 355 3.83 57.77 32.30
C ASN E 355 2.80 58.01 31.21
N TYR E 356 1.82 57.12 31.07
CA TYR E 356 0.69 57.36 30.19
C TYR E 356 -0.62 57.49 30.95
N ILE E 357 -0.56 57.60 32.28
CA ILE E 357 -1.73 57.90 33.10
C ILE E 357 -1.70 59.38 33.42
N LYS E 358 -0.50 59.94 33.56
CA LYS E 358 -0.33 61.35 33.88
C LYS E 358 -0.79 62.24 32.73
N ASN E 545 -3.45 12.75 42.85
CA ASN E 545 -4.85 12.73 42.41
C ASN E 545 -5.48 14.10 42.57
N SER E 546 -4.65 15.15 42.56
CA SER E 546 -5.13 16.52 42.66
C SER E 546 -5.54 17.10 41.32
N ILE E 547 -5.34 16.38 40.23
CA ILE E 547 -5.74 16.86 38.91
C ILE E 547 -7.14 16.40 38.55
N LYS E 548 -7.50 15.17 38.93
CA LYS E 548 -8.84 14.66 38.65
C LYS E 548 -9.90 15.44 39.40
N TYR E 549 -9.59 15.88 40.62
CA TYR E 549 -10.53 16.72 41.37
C TYR E 549 -10.83 18.01 40.62
N ASP E 550 -9.79 18.69 40.12
CA ASP E 550 -9.98 19.90 39.34
C ASP E 550 -10.76 19.60 38.06
N PHE E 551 -10.43 18.51 37.38
CA PHE E 551 -11.12 18.14 36.15
C PHE E 551 -12.61 17.97 36.40
N PHE E 552 -12.97 17.21 37.43
CA PHE E 552 -14.37 16.98 37.74
C PHE E 552 -15.07 18.26 38.15
N ASP E 553 -14.42 19.11 38.95
CA ASP E 553 -15.05 20.37 39.34
C ASP E 553 -15.30 21.26 38.13
N LYS E 554 -14.34 21.33 37.22
CA LYS E 554 -14.53 22.13 36.01
C LYS E 554 -15.72 21.62 35.19
N ILE E 555 -15.77 20.31 34.95
CA ILE E 555 -16.91 19.78 34.19
C ILE E 555 -18.22 20.01 34.94
N TYR E 556 -18.19 19.90 36.26
CA TYR E 556 -19.40 19.97 37.07
C TYR E 556 -19.99 21.37 37.00
N LYS E 557 -19.16 22.40 37.23
CA LYS E 557 -19.60 23.78 37.13
C LYS E 557 -20.01 24.12 35.71
N SER E 558 -19.23 23.66 34.72
CA SER E 558 -19.55 23.97 33.33
C SER E 558 -20.91 23.39 32.94
N LYS E 559 -21.22 22.17 33.40
CA LYS E 559 -22.50 21.57 33.06
C LYS E 559 -23.66 22.23 33.81
N MET E 560 -23.44 22.69 35.04
CA MET E 560 -24.47 23.50 35.68
C MET E 560 -24.77 24.75 34.86
N VAL E 561 -23.72 25.44 34.40
CA VAL E 561 -23.92 26.63 33.59
C VAL E 561 -24.69 26.28 32.33
N GLN E 562 -24.32 25.16 31.69
CA GLN E 562 -25.00 24.71 30.48
C GLN E 562 -26.48 24.49 30.72
N LYS E 563 -26.83 23.73 31.76
CA LYS E 563 -28.23 23.38 32.00
C LYS E 563 -29.03 24.64 32.32
N ARG E 564 -28.51 25.49 33.21
CA ARG E 564 -29.27 26.68 33.57
C ARG E 564 -29.37 27.68 32.42
N LYS E 565 -28.42 27.67 31.47
CA LYS E 565 -28.54 28.53 30.31
C LYS E 565 -29.54 27.99 29.30
N LEU E 566 -29.58 26.67 29.12
CA LEU E 566 -30.51 26.09 28.15
C LEU E 566 -31.95 26.35 28.53
N ALA E 567 -32.26 26.25 29.82
CA ALA E 567 -33.63 26.50 30.30
C ALA E 567 -33.63 27.51 31.44
N SER F 221 -0.44 46.29 24.50
CA SER F 221 -0.66 47.12 25.68
C SER F 221 -2.00 46.79 26.33
N LEU F 222 -2.37 47.59 27.34
CA LEU F 222 -3.59 47.37 28.10
C LEU F 222 -4.52 48.56 27.91
N GLN F 223 -5.81 48.28 27.85
CA GLN F 223 -6.84 49.31 27.64
C GLN F 223 -7.46 49.62 29.00
N ILE F 224 -6.90 50.62 29.67
CA ILE F 224 -7.38 51.05 30.98
C ILE F 224 -8.44 52.13 30.79
N PRO F 225 -9.63 51.98 31.37
CA PRO F 225 -10.67 53.01 31.22
C PRO F 225 -10.25 54.33 31.84
N ILE F 226 -10.96 55.39 31.44
CA ILE F 226 -10.62 56.74 31.89
C ILE F 226 -10.93 56.91 33.37
N LYS F 227 -12.02 56.29 33.85
CA LYS F 227 -12.39 56.44 35.26
C LYS F 227 -11.34 55.84 36.17
N LEU F 228 -10.80 54.67 35.80
CA LEU F 228 -9.76 54.06 36.61
C LEU F 228 -8.49 54.88 36.59
N LYS F 229 -8.17 55.50 35.45
CA LYS F 229 -7.04 56.42 35.38
C LYS F 229 -7.24 57.59 36.32
N SER F 230 -8.46 58.14 36.35
CA SER F 230 -8.77 59.24 37.26
C SER F 230 -8.62 58.81 38.71
N VAL F 231 -9.07 57.60 39.03
CA VAL F 231 -8.93 57.08 40.40
C VAL F 231 -7.45 56.96 40.77
N LEU F 232 -6.64 56.46 39.85
CA LEU F 232 -5.20 56.33 40.12
C LEU F 232 -4.56 57.69 40.35
N VAL F 233 -4.91 58.68 39.52
CA VAL F 233 -4.34 60.02 39.70
C VAL F 233 -4.83 60.64 41.02
N ASP F 234 -6.08 60.38 41.39
CA ASP F 234 -6.59 60.88 42.66
C ASP F 234 -5.82 60.27 43.83
N ASP F 235 -5.55 58.98 43.77
CA ASP F 235 -4.76 58.35 44.83
C ASP F 235 -3.33 58.90 44.85
N TRP F 236 -2.75 59.11 43.67
CA TRP F 236 -1.41 59.68 43.60
C TRP F 236 -1.36 61.05 44.27
N GLU F 237 -2.36 61.89 43.98
CA GLU F 237 -2.43 63.21 44.62
C GLU F 237 -2.64 63.09 46.12
N TYR F 238 -3.51 62.17 46.55
CA TYR F 238 -3.82 62.03 47.96
C TYR F 238 -2.67 61.40 48.75
N VAL F 239 -1.69 60.81 48.11
CA VAL F 239 -0.54 60.23 48.80
C VAL F 239 0.68 61.14 48.72
N THR F 240 1.02 61.63 47.53
CA THR F 240 2.31 62.28 47.34
C THR F 240 2.30 63.79 47.60
N LYS F 241 1.14 64.43 47.69
CA LYS F 241 1.07 65.85 47.95
C LYS F 241 0.49 66.17 49.32
N ASP F 242 -0.71 65.68 49.63
CA ASP F 242 -1.32 65.81 50.93
C ASP F 242 -1.31 64.43 51.57
N LYS F 243 -0.23 64.14 52.31
CA LYS F 243 0.07 62.78 52.73
C LYS F 243 -0.99 62.24 53.68
N LYS F 244 -1.83 61.34 53.18
CA LYS F 244 -2.99 60.84 53.91
C LYS F 244 -3.13 59.33 53.71
N ILE F 245 -2.07 58.59 54.03
CA ILE F 245 -2.09 57.14 53.92
C ILE F 245 -3.36 56.59 54.54
N CYS F 246 -4.01 55.67 53.84
CA CYS F 246 -5.25 55.08 54.32
C CYS F 246 -4.99 54.19 55.53
N ARG F 247 -6.06 53.70 56.13
CA ARG F 247 -5.99 52.90 57.34
C ARG F 247 -5.47 51.51 57.04
N LEU F 248 -5.02 50.82 58.09
CA LEU F 248 -4.60 49.43 58.07
C LEU F 248 -5.78 48.56 57.63
N PRO F 249 -5.59 47.23 57.33
CA PRO F 249 -6.48 46.54 56.37
C PRO F 249 -7.95 46.92 56.42
N ALA F 250 -8.49 47.28 55.25
CA ALA F 250 -9.82 47.86 55.14
C ALA F 250 -10.88 46.75 55.09
N ASP F 251 -12.11 47.15 54.79
CA ASP F 251 -13.22 46.20 54.78
C ASP F 251 -13.14 45.24 53.60
N VAL F 252 -12.72 45.73 52.44
CA VAL F 252 -12.61 44.92 51.22
C VAL F 252 -11.14 44.83 50.85
N THR F 253 -10.58 43.64 50.94
CA THR F 253 -9.19 43.39 50.57
C THR F 253 -9.13 42.74 49.19
N VAL F 254 -7.91 42.51 48.71
CA VAL F 254 -7.74 41.93 47.38
C VAL F 254 -8.35 40.53 47.32
N GLU F 255 -8.22 39.77 48.40
CA GLU F 255 -8.71 38.40 48.40
C GLU F 255 -10.22 38.34 48.23
N MET F 256 -10.95 39.20 48.94
CA MET F 256 -12.41 39.20 48.83
C MET F 256 -12.84 39.56 47.41
N VAL F 257 -12.22 40.58 46.83
CA VAL F 257 -12.57 40.99 45.47
C VAL F 257 -12.31 39.87 44.48
N LEU F 258 -11.14 39.21 44.60
CA LEU F 258 -10.79 38.18 43.64
C LEU F 258 -11.67 36.95 43.79
N ASN F 259 -11.98 36.53 45.02
CA ASN F 259 -12.87 35.38 45.18
C ASN F 259 -14.27 35.69 44.68
N LYS F 260 -14.80 36.89 44.96
CA LYS F 260 -16.11 37.22 44.45
C LYS F 260 -16.13 37.32 42.94
N TYR F 261 -15.04 37.80 42.34
CA TYR F 261 -14.94 37.83 40.88
C TYR F 261 -14.96 36.42 40.31
N GLU F 262 -14.11 35.54 40.83
CA GLU F 262 -14.04 34.16 40.37
C GLU F 262 -15.34 33.40 40.65
N HIS F 263 -16.11 33.84 41.64
CA HIS F 263 -17.35 33.18 42.00
C HIS F 263 -18.49 33.63 41.09
N GLU F 264 -18.58 34.93 40.81
CA GLU F 264 -19.67 35.48 40.04
C GLU F 264 -19.45 35.44 38.54
N VAL F 265 -18.22 35.21 38.07
CA VAL F 265 -17.98 35.12 36.63
C VAL F 265 -18.01 33.67 36.18
N SER F 266 -17.60 32.75 37.06
CA SER F 266 -17.60 31.35 36.70
C SER F 266 -19.00 30.81 36.44
N GLN F 267 -20.04 31.47 36.93
CA GLN F 267 -21.41 31.03 36.70
C GLN F 267 -21.94 31.42 35.33
N GLU F 268 -21.15 32.09 34.50
CA GLU F 268 -21.57 32.41 33.14
C GLU F 268 -20.60 31.88 32.09
N LEU F 269 -19.80 30.88 32.43
CA LEU F 269 -18.88 30.24 31.48
C LEU F 269 -19.30 28.80 31.26
N GLU F 270 -19.40 28.40 29.99
CA GLU F 270 -19.90 27.09 29.62
C GLU F 270 -18.79 26.14 29.16
N SER F 271 -17.53 26.54 29.26
CA SER F 271 -16.42 25.73 28.81
C SER F 271 -15.49 25.41 29.97
N PRO F 272 -15.13 24.14 30.18
CA PRO F 272 -14.20 23.81 31.25
C PRO F 272 -12.83 24.44 31.08
N GLY F 273 -12.36 24.61 29.85
CA GLY F 273 -11.07 25.26 29.63
C GLY F 273 -11.07 26.70 30.10
N SER F 274 -12.16 27.42 29.83
CA SER F 274 -12.28 28.79 30.30
C SER F 274 -12.32 28.85 31.82
N GLN F 275 -13.00 27.89 32.45
CA GLN F 275 -13.02 27.84 33.91
C GLN F 275 -11.62 27.62 34.47
N SER F 276 -10.86 26.70 33.87
CA SER F 276 -9.49 26.47 34.32
C SER F 276 -8.63 27.70 34.11
N GLN F 277 -8.79 28.38 32.96
CA GLN F 277 -8.03 29.59 32.71
C GLN F 277 -8.35 30.67 33.74
N LEU F 278 -9.63 30.85 34.07
CA LEU F 278 -10.02 31.85 35.05
C LEU F 278 -9.45 31.55 36.42
N SER F 279 -9.56 30.28 36.85
CA SER F 279 -9.02 29.90 38.16
C SER F 279 -7.52 30.10 38.22
N GLU F 280 -6.80 29.68 37.17
CA GLU F 280 -5.36 29.85 37.13
C GLU F 280 -4.97 31.32 37.15
N TYR F 281 -5.70 32.16 36.40
CA TYR F 281 -5.40 33.58 36.39
C TYR F 281 -5.61 34.21 37.75
N CYS F 282 -6.70 33.85 38.44
CA CYS F 282 -6.94 34.42 39.76
C CYS F 282 -5.86 33.99 40.75
N ALA F 283 -5.52 32.70 40.74
CA ALA F 283 -4.49 32.22 41.67
C ALA F 283 -3.13 32.86 41.37
N GLY F 284 -2.79 32.99 40.09
CA GLY F 284 -1.54 33.64 39.74
C GLY F 284 -1.52 35.11 40.10
N LEU F 285 -2.65 35.79 39.94
CA LEU F 285 -2.72 37.20 40.34
C LEU F 285 -2.52 37.35 41.84
N LYS F 286 -3.11 36.47 42.64
CA LYS F 286 -2.88 36.51 44.07
C LYS F 286 -1.40 36.28 44.39
N LEU F 287 -0.83 35.19 43.85
CA LEU F 287 0.56 34.86 44.15
C LEU F 287 1.54 35.90 43.61
N TYR F 288 1.13 36.69 42.62
CA TYR F 288 1.98 37.74 42.09
C TYR F 288 1.82 39.05 42.84
N PHE F 289 0.64 39.30 43.39
CA PHE F 289 0.45 40.44 44.28
C PHE F 289 1.16 40.23 45.61
N ASP F 290 1.36 38.97 46.02
CA ASP F 290 2.12 38.73 47.25
C ASP F 290 3.56 39.22 47.14
N LYS F 291 4.25 38.83 46.08
CA LYS F 291 5.68 39.08 45.96
C LYS F 291 6.00 40.42 45.31
N CYS F 292 4.99 41.18 44.89
CA CYS F 292 5.20 42.45 44.21
C CYS F 292 4.76 43.66 45.02
N LEU F 293 4.04 43.46 46.12
CA LEU F 293 3.50 44.58 46.89
C LEU F 293 4.61 45.46 47.45
N GLY F 294 5.45 44.89 48.30
CA GLY F 294 6.54 45.66 48.88
C GLY F 294 7.69 45.93 47.94
N ASN F 295 7.70 45.30 46.77
CA ASN F 295 8.81 45.48 45.84
C ASN F 295 8.67 46.79 45.06
N MET F 296 7.59 46.93 44.29
CA MET F 296 7.42 48.12 43.46
C MET F 296 5.99 48.64 43.40
N LEU F 297 5.18 48.36 44.43
CA LEU F 297 3.79 48.81 44.45
C LEU F 297 3.50 49.70 45.66
N LEU F 298 4.49 50.47 46.10
CA LEU F 298 4.31 51.38 47.23
C LEU F 298 5.13 52.64 47.00
N TYR F 299 4.56 53.78 47.39
CA TYR F 299 5.31 55.02 47.37
C TYR F 299 6.30 55.05 48.54
N ARG F 300 7.28 55.96 48.44
CA ARG F 300 8.27 56.09 49.50
C ARG F 300 7.63 56.44 50.83
N LEU F 301 6.72 57.43 50.81
CA LEU F 301 6.13 57.92 52.06
C LEU F 301 5.30 56.86 52.76
N GLU F 302 4.94 55.78 52.06
CA GLU F 302 4.22 54.67 52.69
C GLU F 302 5.12 53.56 53.22
N ARG F 303 6.38 53.49 52.74
CA ARG F 303 7.22 52.33 53.06
C ARG F 303 7.32 52.10 54.56
N LEU F 304 7.54 53.16 55.33
CA LEU F 304 7.67 53.01 56.78
C LEU F 304 6.46 52.28 57.37
N GLN F 305 5.25 52.65 56.95
CA GLN F 305 4.06 51.94 57.41
C GLN F 305 4.18 50.45 57.11
N TYR F 306 4.52 50.11 55.86
CA TYR F 306 4.76 48.73 55.50
C TYR F 306 5.76 48.10 56.47
N ASP F 307 6.86 48.81 56.73
CA ASP F 307 7.88 48.30 57.63
C ASP F 307 7.27 47.93 58.98
N GLU F 308 6.46 48.83 59.55
CA GLU F 308 5.91 48.55 60.86
C GLU F 308 5.03 47.30 60.81
N LEU F 309 4.25 47.16 59.73
CA LEU F 309 3.46 45.95 59.56
C LEU F 309 4.36 44.73 59.58
N LEU F 310 5.46 44.78 58.83
CA LEU F 310 6.44 43.70 58.84
C LEU F 310 6.88 43.43 60.26
N LYS F 311 7.23 44.48 61.01
CA LYS F 311 7.68 44.29 62.38
C LYS F 311 6.62 43.61 63.21
N LYS F 312 5.35 44.00 63.04
CA LYS F 312 4.27 43.34 63.75
C LYS F 312 4.23 41.86 63.37
N SER F 313 4.33 41.58 62.07
CA SER F 313 4.37 40.18 61.62
C SER F 313 5.57 39.45 62.18
N SER F 314 6.64 40.19 62.52
CA SER F 314 7.78 39.56 63.16
C SER F 314 7.48 39.26 64.63
N LYS F 315 6.78 40.16 65.32
CA LYS F 315 6.62 40.00 66.76
C LYS F 315 5.61 38.91 67.09
N ASP F 316 4.47 38.87 66.38
CA ASP F 316 3.41 37.93 66.69
C ASP F 316 3.71 36.52 66.20
N GLN F 317 4.70 36.36 65.33
CA GLN F 317 5.04 35.06 64.73
C GLN F 317 3.84 34.48 63.97
N LYS F 318 3.10 35.34 63.30
CA LYS F 318 2.03 34.95 62.40
C LYS F 318 2.42 35.31 60.98
N PRO F 319 2.32 34.38 60.03
CA PRO F 319 2.74 34.67 58.66
C PRO F 319 1.92 35.80 58.05
N LEU F 320 2.53 36.49 57.09
CA LEU F 320 1.94 37.66 56.45
C LEU F 320 1.23 37.24 55.17
N VAL F 321 -0.01 37.70 55.01
CA VAL F 321 -0.80 37.42 53.82
C VAL F 321 -1.23 38.76 53.24
N PRO F 322 -0.41 39.37 52.37
CA PRO F 322 -0.75 40.70 51.85
C PRO F 322 -1.97 40.74 50.96
N ILE F 323 -2.56 39.60 50.60
CA ILE F 323 -3.80 39.66 49.83
C ILE F 323 -4.92 40.19 50.72
N ARG F 324 -4.84 39.89 52.01
CA ARG F 324 -5.91 40.18 52.98
C ARG F 324 -5.62 41.42 53.81
N ILE F 325 -4.64 42.24 53.41
CA ILE F 325 -4.37 43.49 54.11
C ILE F 325 -4.68 44.65 53.20
N TYR F 326 -3.99 44.74 52.07
CA TYR F 326 -4.28 45.75 51.07
C TYR F 326 -5.44 45.29 50.21
N GLY F 327 -6.17 46.27 49.65
CA GLY F 327 -7.34 45.89 48.87
C GLY F 327 -8.01 46.95 48.03
N ALA F 328 -8.26 46.61 46.77
CA ALA F 328 -9.13 47.34 45.85
C ALA F 328 -8.57 48.71 45.46
N ILE F 329 -7.48 49.13 46.09
CA ILE F 329 -6.80 50.35 45.69
C ILE F 329 -5.41 49.94 45.20
N HIS F 330 -4.85 48.91 45.83
CA HIS F 330 -3.52 48.44 45.48
C HIS F 330 -3.52 47.33 44.46
N LEU F 331 -4.66 46.65 44.29
CA LEU F 331 -4.80 45.72 43.17
C LEU F 331 -4.97 46.47 41.85
N LEU F 332 -5.59 47.64 41.89
CA LEU F 332 -5.77 48.43 40.67
C LEU F 332 -4.43 48.89 40.12
N ARG F 333 -3.52 49.36 40.99
CA ARG F 333 -2.19 49.72 40.53
C ARG F 333 -1.35 48.50 40.17
N LEU F 334 -1.71 47.32 40.69
CA LEU F 334 -1.01 46.11 40.27
C LEU F 334 -1.23 45.84 38.80
N ILE F 335 -2.49 45.86 38.35
CA ILE F 335 -2.74 45.85 36.92
C ILE F 335 -2.80 47.29 36.44
N SER F 336 -1.62 47.93 36.39
CA SER F 336 -1.43 49.21 35.73
C SER F 336 -0.13 49.30 34.97
N VAL F 337 0.87 48.50 35.33
CA VAL F 337 2.19 48.48 34.70
C VAL F 337 2.51 47.09 34.15
N LEU F 338 1.54 46.19 34.14
CA LEU F 338 1.75 44.84 33.62
C LEU F 338 2.30 44.80 32.21
N PRO F 339 1.88 45.66 31.26
CA PRO F 339 2.55 45.63 29.94
C PRO F 339 4.05 45.82 30.03
N GLU F 340 4.53 46.68 30.92
CA GLU F 340 5.97 46.88 31.08
C GLU F 340 6.62 45.58 31.57
N LEU F 341 6.04 44.97 32.60
CA LEU F 341 6.61 43.75 33.17
C LEU F 341 6.62 42.61 32.15
N ILE F 342 5.54 42.48 31.37
CA ILE F 342 5.48 41.44 30.35
C ILE F 342 6.51 41.70 29.27
N SER F 343 6.67 42.95 28.84
CA SER F 343 7.64 43.26 27.80
C SER F 343 9.06 42.92 28.23
N SER F 344 9.34 42.98 29.53
CA SER F 344 10.65 42.59 30.05
C SER F 344 10.67 41.12 30.47
N THR F 345 10.21 40.25 29.58
CA THR F 345 10.24 38.80 29.77
C THR F 345 10.54 38.16 28.42
N THR F 346 10.31 36.84 28.35
CA THR F 346 10.46 36.10 27.10
C THR F 346 9.21 35.29 26.79
N MET F 347 8.05 35.78 27.21
CA MET F 347 6.81 35.08 26.93
C MET F 347 6.49 35.14 25.45
N ASP F 348 5.80 34.10 24.96
CA ASP F 348 5.47 34.03 23.54
C ASP F 348 4.36 35.03 23.21
N LEU F 349 4.10 35.16 21.90
CA LEU F 349 3.11 36.11 21.43
C LEU F 349 1.69 35.68 21.74
N GLN F 350 1.46 34.41 22.10
CA GLN F 350 0.11 33.90 22.25
C GLN F 350 -0.38 33.90 23.70
N SER F 351 0.52 33.63 24.68
CA SER F 351 0.10 33.66 26.08
C SER F 351 -0.06 35.08 26.59
N CYS F 352 0.78 36.01 26.11
CA CYS F 352 0.64 37.39 26.52
C CYS F 352 -0.72 37.96 26.12
N GLN F 353 -1.22 37.56 24.96
CA GLN F 353 -2.56 38.00 24.56
C GLN F 353 -3.63 37.46 25.49
N LEU F 354 -3.48 36.21 25.94
CA LEU F 354 -4.44 35.67 26.91
C LEU F 354 -4.39 36.44 28.21
N LEU F 355 -3.18 36.76 28.69
CA LEU F 355 -3.06 37.54 29.92
C LEU F 355 -3.68 38.91 29.76
N ILE F 356 -3.45 39.56 28.62
CA ILE F 356 -4.02 40.88 28.37
C ILE F 356 -5.54 40.81 28.33
N LYS F 357 -6.09 39.79 27.68
CA LYS F 357 -7.55 39.63 27.61
C LYS F 357 -8.14 39.41 28.99
N GLN F 358 -7.50 38.56 29.81
CA GLN F 358 -8.00 38.32 31.16
C GLN F 358 -7.95 39.59 31.99
N THR F 359 -6.85 40.35 31.90
CA THR F 359 -6.75 41.59 32.65
C THR F 359 -7.80 42.60 32.19
N GLU F 360 -8.05 42.68 30.88
CA GLU F 360 -9.08 43.57 30.37
C GLU F 360 -10.46 43.20 30.89
N ASP F 361 -10.78 41.89 30.89
CA ASP F 361 -12.07 41.46 31.40
C ASP F 361 -12.21 41.80 32.88
N PHE F 362 -11.16 41.56 33.66
CA PHE F 362 -11.21 41.89 35.08
C PHE F 362 -11.35 43.40 35.28
N LEU F 363 -10.67 44.20 34.47
CA LEU F 363 -10.79 45.66 34.58
C LEU F 363 -12.21 46.12 34.28
N VAL F 364 -12.84 45.54 33.25
CA VAL F 364 -14.22 45.91 32.95
C VAL F 364 -15.15 45.50 34.09
N TRP F 365 -14.95 44.30 34.65
CA TRP F 365 -15.78 43.87 35.76
C TRP F 365 -15.60 44.77 36.97
N LEU F 366 -14.37 45.19 37.25
CA LEU F 366 -14.12 46.07 38.38
C LEU F 366 -14.70 47.46 38.14
N LEU F 367 -14.63 47.95 36.91
CA LEU F 367 -15.26 49.24 36.59
C LEU F 367 -16.77 49.16 36.74
N MET F 368 -17.35 47.99 36.46
CA MET F 368 -18.79 47.82 36.67
C MET F 368 -19.14 48.00 38.14
N HIS F 369 -18.36 47.40 39.03
CA HIS F 369 -18.56 47.52 40.48
C HIS F 369 -17.52 48.48 41.04
N VAL F 370 -17.80 49.77 40.92
CA VAL F 370 -16.90 50.80 41.40
C VAL F 370 -17.49 51.58 42.58
N ASP F 371 -18.81 51.79 42.62
CA ASP F 371 -19.40 52.58 43.68
C ASP F 371 -19.31 51.88 45.04
N GLU F 372 -19.38 50.55 45.05
CA GLU F 372 -19.36 49.80 46.30
C GLU F 372 -17.96 49.43 46.76
N TYR F 373 -16.97 49.47 45.88
CA TYR F 373 -15.60 49.12 46.24
C TYR F 373 -14.74 50.37 46.50
N PHE F 374 -14.66 51.26 45.52
CA PHE F 374 -13.87 52.48 45.67
C PHE F 374 -14.25 53.52 44.62
ZN ZN G . -5.41 -12.72 -18.39
ZN ZN H . 20.97 11.27 -19.73
ZN ZN I . 33.39 15.58 -26.33
ZN ZN J . 1.81 0.01 12.95
ZN ZN K . -7.05 -11.00 13.80
ZN ZN L . 26.09 44.98 44.75
ZN ZN M . 14.44 55.52 48.71
#